data_5BXI
#
_entry.id   5BXI
#
_cell.length_a   236.814
_cell.length_b   73.400
_cell.length_c   122.671
_cell.angle_alpha   90.00
_cell.angle_beta   116.83
_cell.angle_gamma   90.00
#
_symmetry.space_group_name_H-M   'C 1 2 1'
#
loop_
_entity.id
_entity.type
_entity.pdbx_description
1 polymer 'Nucleoside diphosphate kinase'
2 non-polymer 'BICARBONATE ION'
3 non-polymer DI(HYDROXYETHYL)ETHER
4 water water
#
_entity_poly.entity_id   1
_entity_poly.type   'polypeptide(L)'
_entity_poly.pdbx_seq_one_letter_code
;MAAKQQERTYIMVKPDGVQRGLVSEVIRRFEQRGYKLVALKMKSPDATLLEEHYADLKGKPFFPGLISYMTSGPVVCMVW
EGTDVVKQGRRMLGETRPLESNPGTLRGDFCIDVGRNIVHGSDSVESANKEISLWFTPEEICEWTSAQHKWVYEQGENLY
;
_entity_poly.pdbx_strand_id   A,B,C,D,E,F,G,H,I,J,K,L
#
loop_
_chem_comp.id
_chem_comp.type
_chem_comp.name
_chem_comp.formula
BCT non-polymer 'BICARBONATE ION' 'C H O3 -1'
PEG non-polymer DI(HYDROXYETHYL)ETHER 'C4 H10 O3'
#
# COMPACT_ATOMS: atom_id res chain seq x y z
N ALA A 3 17.49 10.01 -21.29
CA ALA A 3 17.74 11.09 -20.28
C ALA A 3 17.59 10.58 -18.84
N LYS A 4 16.43 10.00 -18.52
CA LYS A 4 16.15 9.50 -17.17
C LYS A 4 17.23 8.56 -16.63
N GLN A 5 17.50 7.49 -17.39
CA GLN A 5 18.48 6.44 -17.03
C GLN A 5 19.93 6.92 -16.84
N GLN A 6 20.26 8.11 -17.35
N GLN A 6 20.22 8.12 -17.36
CA GLN A 6 21.61 8.59 -17.23
CA GLN A 6 21.53 8.72 -17.31
C GLN A 6 21.82 9.45 -15.97
C GLN A 6 21.82 9.41 -15.97
N GLU A 7 20.81 9.54 -15.10
CA GLU A 7 20.97 10.30 -13.82
C GLU A 7 22.08 9.69 -13.01
N ARG A 8 22.84 10.53 -12.31
CA ARG A 8 23.99 10.08 -11.52
C ARG A 8 23.97 10.68 -10.13
N THR A 9 24.47 9.93 -9.16
CA THR A 9 24.61 10.43 -7.81
C THR A 9 26.02 10.14 -7.29
N TYR A 10 26.42 10.92 -6.30
CA TYR A 10 27.68 10.76 -5.62
C TYR A 10 27.42 10.05 -4.27
N ILE A 11 28.12 8.96 -4.04
CA ILE A 11 28.04 8.18 -2.79
C ILE A 11 29.45 8.07 -2.24
N MET A 12 29.61 8.32 -0.94
CA MET A 12 30.93 8.33 -0.32
C MET A 12 30.89 7.56 0.99
N VAL A 13 31.71 6.56 1.11
CA VAL A 13 31.88 5.86 2.41
C VAL A 13 32.85 6.75 3.20
N LYS A 14 32.39 7.16 4.38
CA LYS A 14 33.13 8.06 5.28
C LYS A 14 34.17 7.28 6.06
N PRO A 15 35.08 7.98 6.77
CA PRO A 15 36.17 7.23 7.38
C PRO A 15 35.72 6.14 8.35
N ASP A 16 34.57 6.34 9.01
CA ASP A 16 34.04 5.30 9.93
C ASP A 16 33.54 4.06 9.17
N GLY A 17 32.96 4.29 8.01
CA GLY A 17 32.52 3.19 7.15
C GLY A 17 33.67 2.30 6.74
N VAL A 18 34.80 2.93 6.38
CA VAL A 18 35.98 2.18 6.03
C VAL A 18 36.55 1.44 7.25
N GLN A 19 36.69 2.13 8.37
CA GLN A 19 37.23 1.51 9.57
C GLN A 19 36.40 0.33 10.06
N ARG A 20 35.10 0.43 9.89
CA ARG A 20 34.18 -0.61 10.36
C ARG A 20 33.93 -1.74 9.35
N GLY A 21 34.66 -1.68 8.24
CA GLY A 21 34.61 -2.75 7.23
C GLY A 21 33.30 -2.84 6.49
N LEU A 22 32.68 -1.70 6.21
CA LEU A 22 31.37 -1.62 5.57
C LEU A 22 31.43 -1.20 4.10
N VAL A 23 32.61 -1.14 3.50
CA VAL A 23 32.71 -0.75 2.10
C VAL A 23 31.93 -1.72 1.21
N SER A 24 32.12 -3.01 1.44
CA SER A 24 31.44 -3.98 0.57
C SER A 24 29.93 -3.90 0.70
N GLU A 25 29.44 -3.63 1.91
CA GLU A 25 28.01 -3.57 2.11
C GLU A 25 27.38 -2.37 1.43
N VAL A 26 28.04 -1.22 1.46
CA VAL A 26 27.53 -0.03 0.76
C VAL A 26 27.45 -0.31 -0.72
N ILE A 27 28.52 -0.88 -1.28
CA ILE A 27 28.51 -1.17 -2.71
C ILE A 27 27.43 -2.17 -3.06
N ARG A 28 27.26 -3.18 -2.22
CA ARG A 28 26.24 -4.22 -2.49
C ARG A 28 24.83 -3.63 -2.64
N ARG A 29 24.45 -2.70 -1.77
CA ARG A 29 23.08 -2.15 -1.83
C ARG A 29 22.79 -1.54 -3.21
N PHE A 30 23.77 -0.87 -3.78
CA PHE A 30 23.59 -0.27 -5.11
C PHE A 30 23.74 -1.28 -6.22
N GLU A 31 24.76 -2.13 -6.13
CA GLU A 31 25.05 -3.11 -7.19
C GLU A 31 23.90 -4.11 -7.36
N GLN A 32 23.34 -4.61 -6.23
CA GLN A 32 22.28 -5.58 -6.34
C GLN A 32 21.00 -4.96 -6.84
N ARG A 33 20.87 -3.64 -6.69
CA ARG A 33 19.65 -2.91 -7.09
C ARG A 33 19.57 -2.69 -8.61
N GLY A 34 20.67 -2.92 -9.31
CA GLY A 34 20.69 -2.72 -10.74
C GLY A 34 21.26 -1.39 -11.16
N TYR A 35 21.73 -0.59 -10.21
CA TYR A 35 22.40 0.66 -10.53
C TYR A 35 23.80 0.37 -11.03
N LYS A 36 24.30 1.26 -11.88
CA LYS A 36 25.57 1.03 -12.54
C LYS A 36 26.70 1.86 -11.96
N LEU A 37 27.77 1.19 -11.53
CA LEU A 37 28.92 1.89 -10.96
C LEU A 37 29.75 2.44 -12.10
N VAL A 38 29.92 3.75 -12.13
CA VAL A 38 30.66 4.38 -13.23
C VAL A 38 31.93 5.11 -12.75
N ALA A 39 32.12 5.23 -11.46
CA ALA A 39 33.39 5.79 -10.95
C ALA A 39 33.58 5.32 -9.54
N LEU A 40 34.83 5.05 -9.20
CA LEU A 40 35.17 4.51 -7.87
C LEU A 40 36.62 4.78 -7.54
N LYS A 41 36.88 5.27 -6.32
CA LYS A 41 38.25 5.45 -5.86
C LYS A 41 38.33 5.60 -4.37
N MET A 42 39.40 5.06 -3.80
CA MET A 42 39.70 5.34 -2.41
C MET A 42 40.61 6.56 -2.45
N LYS A 43 40.37 7.49 -1.54
CA LYS A 43 41.08 8.78 -1.54
C LYS A 43 41.26 9.29 -0.13
N SER A 44 42.33 10.06 0.08
CA SER A 44 42.57 10.79 1.33
C SER A 44 42.51 12.28 0.97
N PRO A 45 41.29 12.83 0.87
CA PRO A 45 41.15 14.23 0.45
C PRO A 45 41.82 15.20 1.40
N ASP A 46 42.32 16.28 0.86
CA ASP A 46 42.92 17.27 1.72
C ASP A 46 41.85 18.19 2.26
N ALA A 47 42.20 18.95 3.29
CA ALA A 47 41.26 19.88 3.90
C ALA A 47 40.65 20.87 2.90
N THR A 48 41.41 21.34 1.92
N THR A 48 41.43 21.31 1.93
CA THR A 48 40.86 22.33 1.00
CA THR A 48 40.94 22.28 0.97
C THR A 48 39.67 21.77 0.21
C THR A 48 39.68 21.75 0.29
N LEU A 49 39.74 20.50 -0.18
CA LEU A 49 38.61 19.88 -0.88
C LEU A 49 37.42 19.70 0.07
N LEU A 50 37.68 19.19 1.26
CA LEU A 50 36.61 18.99 2.23
C LEU A 50 35.95 20.30 2.60
N GLU A 51 36.75 21.38 2.74
CA GLU A 51 36.20 22.70 3.08
C GLU A 51 35.28 23.22 1.95
N GLU A 52 35.57 22.84 0.70
CA GLU A 52 34.69 23.24 -0.41
C GLU A 52 33.42 22.36 -0.41
N HIS A 53 33.60 21.07 -0.16
CA HIS A 53 32.47 20.14 -0.04
C HIS A 53 31.46 20.59 1.02
N TYR A 54 31.97 21.03 2.17
CA TYR A 54 31.14 21.48 3.30
C TYR A 54 31.07 23.00 3.42
N ALA A 55 31.15 23.70 2.28
CA ALA A 55 31.22 25.17 2.32
C ALA A 55 30.14 25.86 3.12
N ASP A 56 28.90 25.36 3.05
CA ASP A 56 27.77 26.02 3.74
C ASP A 56 27.90 25.92 5.25
N LEU A 57 28.74 25.00 5.73
CA LEU A 57 28.97 24.79 7.19
C LEU A 57 30.14 25.59 7.73
N LYS A 58 30.93 26.20 6.85
CA LYS A 58 32.09 26.93 7.32
C LYS A 58 31.63 28.04 8.23
N GLY A 59 32.27 28.13 9.39
CA GLY A 59 31.94 29.08 10.44
C GLY A 59 31.23 28.49 11.65
N LYS A 60 30.62 27.32 11.47
CA LYS A 60 30.02 26.65 12.60
C LYS A 60 31.08 26.20 13.60
N PRO A 61 30.73 26.19 14.90
CA PRO A 61 31.71 25.80 15.92
C PRO A 61 32.34 24.43 15.66
N PHE A 62 31.54 23.48 15.14
CA PHE A 62 32.02 22.10 14.90
C PHE A 62 32.81 21.93 13.62
N PHE A 63 32.93 22.99 12.80
CA PHE A 63 33.49 22.84 11.46
C PHE A 63 34.94 22.34 11.46
N PRO A 64 35.85 23.00 12.19
CA PRO A 64 37.22 22.48 12.14
C PRO A 64 37.34 21.00 12.56
N GLY A 65 36.54 20.60 13.54
CA GLY A 65 36.50 19.23 14.00
C GLY A 65 35.98 18.26 12.94
N LEU A 66 34.99 18.70 12.18
CA LEU A 66 34.43 17.90 11.07
C LEU A 66 35.51 17.69 10.03
N ILE A 67 36.21 18.77 9.67
CA ILE A 67 37.26 18.64 8.70
C ILE A 67 38.39 17.70 9.18
N SER A 68 38.79 17.82 10.45
N SER A 68 38.79 17.82 10.45
CA SER A 68 39.86 16.96 10.96
CA SER A 68 39.85 16.96 10.97
C SER A 68 39.40 15.50 10.98
C SER A 68 39.40 15.50 10.98
N TYR A 69 38.15 15.28 11.37
CA TYR A 69 37.56 13.95 11.37
C TYR A 69 37.52 13.37 9.94
N MET A 70 37.11 14.18 8.97
CA MET A 70 36.99 13.70 7.60
C MET A 70 38.33 13.48 6.91
N THR A 71 39.41 13.90 7.56
CA THR A 71 40.78 13.61 7.09
C THR A 71 41.46 12.56 7.97
N SER A 72 40.73 11.97 8.92
CA SER A 72 41.32 11.03 9.87
C SER A 72 41.49 9.59 9.35
N GLY A 73 40.95 9.31 8.16
CA GLY A 73 41.10 8.04 7.53
C GLY A 73 40.61 8.22 6.10
N PRO A 74 40.92 7.28 5.22
CA PRO A 74 40.49 7.42 3.83
C PRO A 74 38.99 7.24 3.68
N VAL A 75 38.50 7.72 2.55
CA VAL A 75 37.12 7.57 2.18
C VAL A 75 37.08 6.79 0.86
N VAL A 76 35.88 6.32 0.51
CA VAL A 76 35.63 5.64 -0.77
C VAL A 76 34.57 6.48 -1.52
N CYS A 77 34.97 6.97 -2.68
CA CYS A 77 34.17 7.85 -3.51
C CYS A 77 33.59 7.05 -4.67
N MET A 78 32.30 7.24 -4.95
CA MET A 78 31.61 6.51 -6.02
C MET A 78 30.65 7.39 -6.77
N VAL A 79 30.42 7.05 -8.04
CA VAL A 79 29.35 7.63 -8.83
C VAL A 79 28.54 6.45 -9.33
N TRP A 80 27.23 6.50 -9.09
CA TRP A 80 26.30 5.49 -9.54
C TRP A 80 25.33 6.10 -10.52
N GLU A 81 24.92 5.31 -11.52
CA GLU A 81 24.05 5.80 -12.58
C GLU A 81 22.81 4.93 -12.76
N GLY A 82 21.68 5.59 -12.96
CA GLY A 82 20.43 4.91 -13.26
C GLY A 82 19.23 5.78 -12.96
N THR A 83 18.05 5.32 -13.37
CA THR A 83 16.85 6.12 -13.17
C THR A 83 16.61 6.42 -11.69
N ASP A 84 16.42 7.70 -11.39
CA ASP A 84 16.09 8.20 -10.04
C ASP A 84 17.10 7.78 -8.99
N VAL A 85 18.36 7.60 -9.42
CA VAL A 85 19.39 7.10 -8.50
C VAL A 85 19.65 8.04 -7.31
N VAL A 86 19.48 9.34 -7.49
CA VAL A 86 19.73 10.23 -6.35
C VAL A 86 18.76 9.89 -5.21
N LYS A 87 17.47 9.92 -5.53
CA LYS A 87 16.45 9.64 -4.52
C LYS A 87 16.51 8.22 -4.00
N GLN A 88 16.65 7.25 -4.89
CA GLN A 88 16.69 5.85 -4.45
C GLN A 88 17.92 5.58 -3.62
N GLY A 89 19.04 6.19 -3.98
CA GLY A 89 20.26 6.08 -3.22
C GLY A 89 20.03 6.62 -1.81
N ARG A 90 19.38 7.78 -1.68
CA ARG A 90 19.15 8.35 -0.34
C ARG A 90 18.23 7.45 0.45
N ARG A 91 17.21 6.88 -0.19
N ARG A 91 17.24 6.88 -0.22
CA ARG A 91 16.35 5.94 0.55
CA ARG A 91 16.30 5.96 0.39
C ARG A 91 17.12 4.75 1.07
C ARG A 91 16.97 4.68 0.94
N MET A 92 17.97 4.18 0.21
CA MET A 92 18.73 2.99 0.58
C MET A 92 19.69 3.30 1.71
N LEU A 93 20.24 4.52 1.73
CA LEU A 93 21.12 4.91 2.84
C LEU A 93 20.32 5.04 4.14
N GLY A 94 19.07 5.51 4.03
CA GLY A 94 18.25 5.77 5.19
C GLY A 94 18.36 7.26 5.58
N GLU A 95 17.67 7.68 6.62
CA GLU A 95 17.71 9.07 7.01
C GLU A 95 19.13 9.43 7.42
N THR A 96 19.49 10.68 7.25
CA THR A 96 20.79 11.19 7.67
C THR A 96 21.12 10.85 9.12
N ARG A 97 20.10 10.96 9.97
CA ARG A 97 20.19 10.64 11.40
C ARG A 97 19.89 9.14 11.57
N PRO A 98 20.89 8.32 11.93
CA PRO A 98 20.63 6.89 12.08
C PRO A 98 19.49 6.54 13.03
N LEU A 99 19.27 7.33 14.08
CA LEU A 99 18.19 7.01 15.02
C LEU A 99 16.79 7.20 14.40
N GLU A 100 16.75 7.85 13.25
CA GLU A 100 15.50 8.04 12.53
C GLU A 100 15.40 7.14 11.31
N SER A 101 16.39 6.25 11.12
N SER A 101 16.39 6.30 11.07
CA SER A 101 16.50 5.37 9.94
CA SER A 101 16.37 5.45 9.91
C SER A 101 15.91 4.00 10.17
C SER A 101 15.60 4.19 10.21
N ASN A 102 15.23 3.48 9.15
CA ASN A 102 14.54 2.21 9.29
C ASN A 102 15.43 0.96 9.06
N PRO A 103 15.10 -0.15 9.73
CA PRO A 103 15.80 -1.41 9.43
C PRO A 103 15.64 -1.68 7.93
N GLY A 104 16.71 -2.19 7.33
CA GLY A 104 16.75 -2.44 5.91
C GLY A 104 17.53 -1.38 5.19
N THR A 105 17.75 -0.23 5.83
CA THR A 105 18.54 0.82 5.24
C THR A 105 19.98 0.69 5.77
N LEU A 106 20.95 1.28 5.07
CA LEU A 106 22.34 1.16 5.55
C LEU A 106 22.49 1.71 6.92
N ARG A 107 21.99 2.92 7.17
CA ARG A 107 22.18 3.52 8.49
C ARG A 107 21.31 2.89 9.56
N GLY A 108 20.14 2.41 9.16
CA GLY A 108 19.24 1.72 10.09
C GLY A 108 19.82 0.40 10.55
N ASP A 109 20.59 -0.23 9.67
CA ASP A 109 21.23 -1.50 9.97
C ASP A 109 22.55 -1.41 10.67
N PHE A 110 23.32 -0.36 10.38
CA PHE A 110 24.70 -0.33 10.80
C PHE A 110 25.17 0.78 11.70
N CYS A 111 24.37 1.81 11.94
CA CYS A 111 24.90 2.88 12.77
C CYS A 111 23.96 3.60 13.71
N ILE A 112 24.54 4.48 14.52
CA ILE A 112 23.87 5.01 15.69
C ILE A 112 23.90 6.52 15.83
N ASP A 113 25.08 7.09 15.65
CA ASP A 113 25.31 8.54 15.79
C ASP A 113 25.36 9.24 14.41
N VAL A 114 24.72 10.42 14.30
CA VAL A 114 24.72 11.15 13.04
C VAL A 114 26.14 11.53 12.64
N GLY A 115 27.01 11.75 13.62
CA GLY A 115 28.42 12.06 13.31
C GLY A 115 29.29 10.87 12.93
N ARG A 116 28.71 9.69 12.93
CA ARG A 116 29.39 8.44 12.58
C ARG A 116 28.35 7.64 11.79
N ASN A 117 27.89 8.25 10.68
CA ASN A 117 26.79 7.72 9.90
C ASN A 117 27.22 7.09 8.58
N ILE A 118 28.48 6.62 8.57
CA ILE A 118 29.19 5.77 7.58
C ILE A 118 29.21 6.13 6.11
N VAL A 119 28.22 6.87 5.65
CA VAL A 119 28.10 7.12 4.23
C VAL A 119 27.40 8.43 3.97
N HIS A 120 27.69 9.02 2.80
CA HIS A 120 26.99 10.19 2.32
C HIS A 120 26.43 9.90 0.94
N GLY A 121 25.25 10.42 0.65
CA GLY A 121 24.75 10.42 -0.71
C GLY A 121 24.20 11.78 -1.06
N SER A 122 24.30 12.16 -2.33
CA SER A 122 23.79 13.46 -2.77
C SER A 122 22.34 13.65 -2.39
N ASP A 123 21.98 14.86 -1.94
CA ASP A 123 20.58 15.09 -1.54
C ASP A 123 19.61 15.42 -2.66
N SER A 124 20.14 15.73 -3.84
CA SER A 124 19.33 16.08 -5.01
C SER A 124 20.20 15.98 -6.24
N VAL A 125 19.57 16.04 -7.40
CA VAL A 125 20.32 16.05 -8.65
C VAL A 125 21.24 17.27 -8.70
N GLU A 126 20.75 18.42 -8.24
CA GLU A 126 21.56 19.67 -8.21
C GLU A 126 22.83 19.43 -7.40
N SER A 127 22.65 18.89 -6.20
N SER A 127 22.68 18.87 -6.20
CA SER A 127 23.78 18.57 -5.33
CA SER A 127 23.89 18.66 -5.38
C SER A 127 24.72 17.55 -5.96
C SER A 127 24.75 17.53 -5.94
N ALA A 128 24.16 16.52 -6.60
CA ALA A 128 24.97 15.46 -7.19
C ALA A 128 25.91 16.04 -8.28
N ASN A 129 25.38 16.91 -9.13
CA ASN A 129 26.18 17.48 -10.20
C ASN A 129 27.38 18.21 -9.62
N LYS A 130 27.12 18.99 -8.56
CA LYS A 130 28.20 19.72 -7.86
C LYS A 130 29.21 18.75 -7.26
N GLU A 131 28.70 17.76 -6.57
CA GLU A 131 29.57 16.83 -5.86
C GLU A 131 30.40 16.00 -6.78
N ILE A 132 29.81 15.51 -7.86
CA ILE A 132 30.54 14.68 -8.78
C ILE A 132 31.68 15.49 -9.44
N SER A 133 31.39 16.71 -9.83
CA SER A 133 32.42 17.61 -10.38
C SER A 133 33.54 17.94 -9.40
N LEU A 134 33.23 18.00 -8.11
CA LEU A 134 34.27 18.34 -7.11
C LEU A 134 35.15 17.15 -6.82
N TRP A 135 34.54 15.96 -6.71
CA TRP A 135 35.28 14.77 -6.28
C TRP A 135 35.94 13.93 -7.37
N PHE A 136 35.46 14.06 -8.61
CA PHE A 136 35.96 13.28 -9.72
C PHE A 136 36.26 14.15 -10.90
N THR A 137 37.24 13.73 -11.69
CA THR A 137 37.51 14.36 -12.99
C THR A 137 36.63 13.64 -14.03
N PRO A 138 36.30 14.29 -15.15
CA PRO A 138 35.51 13.57 -16.15
C PRO A 138 36.21 12.30 -16.67
N GLU A 139 37.54 12.28 -16.71
CA GLU A 139 38.24 11.08 -17.20
C GLU A 139 38.17 9.89 -16.26
N GLU A 140 37.73 10.13 -15.02
CA GLU A 140 37.60 9.03 -14.07
C GLU A 140 36.25 8.34 -14.21
N ILE A 141 35.34 8.90 -15.00
CA ILE A 141 34.03 8.32 -15.20
C ILE A 141 34.13 7.31 -16.33
N CYS A 142 33.70 6.08 -16.07
CA CYS A 142 33.84 4.97 -17.00
C CYS A 142 32.51 4.67 -17.68
N GLU A 143 32.51 4.84 -18.99
CA GLU A 143 31.33 4.60 -19.82
C GLU A 143 31.23 3.10 -20.13
N TRP A 144 30.10 2.48 -19.83
CA TRP A 144 29.91 1.07 -20.17
C TRP A 144 28.44 0.72 -20.20
N THR A 145 28.12 -0.41 -20.84
CA THR A 145 26.75 -0.86 -20.94
C THR A 145 26.60 -2.20 -20.24
N SER A 146 25.69 -2.27 -19.27
CA SER A 146 25.49 -3.50 -18.52
C SER A 146 24.76 -4.57 -19.34
N ALA A 147 25.22 -5.79 -19.20
CA ALA A 147 24.58 -6.94 -19.86
C ALA A 147 23.15 -7.14 -19.39
N GLN A 148 22.83 -6.67 -18.19
CA GLN A 148 21.45 -6.83 -17.69
C GLN A 148 20.57 -5.62 -17.97
N HIS A 149 21.07 -4.66 -18.78
CA HIS A 149 20.30 -3.45 -19.02
C HIS A 149 18.86 -3.71 -19.44
N LYS A 150 18.65 -4.64 -20.37
CA LYS A 150 17.33 -4.91 -20.92
C LYS A 150 16.45 -5.63 -19.95
N TRP A 151 17.03 -6.12 -18.86
CA TRP A 151 16.27 -6.83 -17.84
C TRP A 151 16.01 -5.96 -16.59
N VAL A 152 16.80 -4.89 -16.46
CA VAL A 152 16.61 -3.90 -15.39
C VAL A 152 15.66 -2.79 -15.84
N TYR A 153 15.72 -2.44 -17.14
CA TYR A 153 14.92 -1.37 -17.72
C TYR A 153 13.97 -1.85 -18.79
N GLU A 154 12.77 -1.28 -18.79
CA GLU A 154 11.75 -1.59 -19.78
C GLU A 154 11.93 -0.79 -21.07
N ALA B 3 25.89 10.29 29.63
CA ALA B 3 25.11 9.13 30.13
C ALA B 3 24.25 8.47 29.05
N LYS B 4 24.03 9.15 27.93
CA LYS B 4 23.13 8.54 26.94
C LYS B 4 23.68 7.25 26.33
N GLN B 5 25.00 7.18 26.11
CA GLN B 5 25.68 5.98 25.55
C GLN B 5 25.61 4.74 26.47
N GLN B 6 25.37 5.00 27.75
N GLN B 6 25.37 4.96 27.76
CA GLN B 6 25.35 3.96 28.73
CA GLN B 6 25.35 3.87 28.67
C GLN B 6 24.05 3.20 28.70
C GLN B 6 23.95 3.30 28.86
N GLU B 7 23.01 3.71 28.00
CA GLU B 7 21.65 3.11 28.03
C GLU B 7 21.75 1.64 27.70
N ARG B 8 20.93 0.80 28.37
CA ARG B 8 20.92 -0.63 28.15
C ARG B 8 19.51 -1.11 27.96
N THR B 9 19.37 -2.21 27.23
CA THR B 9 18.07 -2.86 27.06
C THR B 9 18.21 -4.36 27.21
N TYR B 10 17.11 -5.02 27.59
CA TYR B 10 17.05 -6.45 27.74
C TYR B 10 16.40 -7.01 26.50
N ILE B 11 17.10 -7.94 25.86
CA ILE B 11 16.58 -8.64 24.64
C ILE B 11 16.57 -10.13 24.95
N MET B 12 15.48 -10.81 24.60
CA MET B 12 15.37 -12.22 24.92
C MET B 12 14.85 -12.95 23.72
N VAL B 13 15.58 -13.95 23.28
CA VAL B 13 15.07 -14.87 22.23
C VAL B 13 14.13 -15.83 22.92
N LYS B 14 12.89 -15.84 22.44
CA LYS B 14 11.82 -16.69 23.01
C LYS B 14 11.98 -18.15 22.53
N PRO B 15 11.23 -19.09 23.11
CA PRO B 15 11.46 -20.51 22.77
C PRO B 15 11.34 -20.80 21.29
N ASP B 16 10.47 -20.08 20.59
CA ASP B 16 10.31 -20.32 19.16
C ASP B 16 11.51 -19.82 18.35
N GLY B 17 12.14 -18.77 18.85
CA GLY B 17 13.33 -18.24 18.19
C GLY B 17 14.49 -19.22 18.30
N VAL B 18 14.59 -19.88 19.45
CA VAL B 18 15.61 -20.89 19.65
C VAL B 18 15.28 -22.11 18.77
N GLN B 19 14.03 -22.57 18.78
CA GLN B 19 13.67 -23.76 18.00
C GLN B 19 13.88 -23.58 16.51
N ARG B 20 13.62 -22.37 16.04
CA ARG B 20 13.71 -22.08 14.59
C ARG B 20 15.10 -21.64 14.14
N GLY B 21 16.07 -21.75 15.04
CA GLY B 21 17.45 -21.44 14.69
C GLY B 21 17.76 -20.00 14.38
N LEU B 22 17.10 -19.07 15.07
CA LEU B 22 17.27 -17.64 14.83
C LEU B 22 18.10 -16.90 15.90
N VAL B 23 18.77 -17.62 16.79
CA VAL B 23 19.57 -16.96 17.84
C VAL B 23 20.65 -16.09 17.17
N SER B 24 21.36 -16.68 16.22
CA SER B 24 22.43 -15.94 15.53
C SER B 24 21.89 -14.67 14.84
N GLU B 25 20.72 -14.76 14.23
CA GLU B 25 20.16 -13.61 13.50
C GLU B 25 19.77 -12.51 14.44
N VAL B 26 19.16 -12.84 15.58
CA VAL B 26 18.81 -11.79 16.54
C VAL B 26 20.08 -11.07 17.02
N ILE B 27 21.12 -11.84 17.39
CA ILE B 27 22.38 -11.26 17.85
C ILE B 27 22.95 -10.40 16.75
N ARG B 28 22.92 -10.86 15.52
CA ARG B 28 23.50 -10.10 14.39
C ARG B 28 22.92 -8.70 14.24
N ARG B 29 21.61 -8.57 14.38
CA ARG B 29 20.96 -7.28 14.19
C ARG B 29 21.55 -6.20 15.15
N PHE B 30 21.81 -6.59 16.40
CA PHE B 30 22.40 -5.68 17.35
C PHE B 30 23.88 -5.53 17.17
N GLU B 31 24.58 -6.65 16.98
CA GLU B 31 26.04 -6.65 16.88
C GLU B 31 26.52 -5.82 15.67
N GLN B 32 25.84 -5.96 14.55
CA GLN B 32 26.28 -5.25 13.34
C GLN B 32 25.98 -3.78 13.38
N ARG B 33 25.04 -3.39 14.26
CA ARG B 33 24.59 -2.01 14.39
C ARG B 33 25.55 -1.17 15.21
N GLY B 34 26.44 -1.82 15.95
CA GLY B 34 27.41 -1.10 16.80
C GLY B 34 27.03 -1.15 18.27
N TYR B 35 25.93 -1.80 18.60
CA TYR B 35 25.55 -1.95 20.00
C TYR B 35 26.45 -2.99 20.67
N LYS B 36 26.69 -2.78 21.97
CA LYS B 36 27.66 -3.58 22.70
C LYS B 36 26.98 -4.64 23.54
N LEU B 37 27.35 -5.90 23.33
CA LEU B 37 26.83 -6.99 24.12
C LEU B 37 27.54 -6.99 25.47
N VAL B 38 26.76 -6.86 26.55
CA VAL B 38 27.34 -6.85 27.90
C VAL B 38 26.90 -7.98 28.81
N ALA B 39 25.91 -8.75 28.39
CA ALA B 39 25.48 -9.91 29.16
C ALA B 39 24.76 -10.87 28.22
N LEU B 40 24.93 -12.16 28.45
CA LEU B 40 24.36 -13.18 27.59
C LEU B 40 24.26 -14.51 28.31
N LYS B 41 23.12 -15.17 28.23
CA LYS B 41 23.04 -16.53 28.75
C LYS B 41 21.85 -17.27 28.19
N MET B 42 21.97 -18.58 28.09
CA MET B 42 20.82 -19.42 27.77
C MET B 42 20.29 -19.91 29.10
N LYS B 43 18.98 -19.96 29.22
CA LYS B 43 18.37 -20.33 30.47
C LYS B 43 17.07 -21.02 30.25
N SER B 44 16.72 -21.87 31.19
CA SER B 44 15.38 -22.47 31.25
C SER B 44 14.75 -21.89 32.52
N PRO B 45 14.18 -20.68 32.41
CA PRO B 45 13.64 -20.04 33.62
C PRO B 45 12.43 -20.75 34.17
N ASP B 46 12.25 -20.70 35.48
CA ASP B 46 11.06 -21.31 36.05
C ASP B 46 9.91 -20.32 35.88
N ALA B 47 8.71 -20.78 36.17
CA ALA B 47 7.54 -19.96 36.00
C ALA B 47 7.55 -18.72 36.89
N THR B 48 8.15 -18.79 38.08
N THR B 48 8.12 -18.84 38.09
CA THR B 48 8.16 -17.61 38.99
CA THR B 48 8.17 -17.73 39.01
C THR B 48 8.95 -16.42 38.42
C THR B 48 8.80 -16.51 38.35
N LEU B 49 10.01 -16.70 37.68
N LEU B 49 9.99 -16.70 37.80
CA LEU B 49 10.80 -15.63 37.08
CA LEU B 49 10.71 -15.62 37.17
C LEU B 49 10.03 -15.02 35.91
C LEU B 49 9.89 -15.03 36.01
N LEU B 50 9.41 -15.88 35.11
CA LEU B 50 8.61 -15.38 34.00
C LEU B 50 7.39 -14.63 34.46
N GLU B 51 6.77 -15.06 35.55
CA GLU B 51 5.59 -14.38 36.05
C GLU B 51 5.93 -12.96 36.53
N GLU B 52 7.16 -12.74 37.00
CA GLU B 52 7.60 -11.41 37.42
C GLU B 52 7.95 -10.59 36.19
N HIS B 53 8.59 -11.24 35.22
CA HIS B 53 8.94 -10.54 33.95
C HIS B 53 7.67 -9.99 33.32
N TYR B 54 6.63 -10.81 33.32
CA TYR B 54 5.35 -10.44 32.74
C TYR B 54 4.32 -9.97 33.75
N ALA B 55 4.78 -9.44 34.89
CA ALA B 55 3.90 -9.05 35.98
C ALA B 55 2.75 -8.14 35.57
N ASP B 56 3.00 -7.22 34.63
CA ASP B 56 1.94 -6.31 34.22
C ASP B 56 0.79 -6.99 33.45
N LEU B 57 0.96 -8.25 33.04
CA LEU B 57 -0.06 -8.96 32.32
C LEU B 57 -0.78 -9.94 33.22
N LYS B 58 -0.37 -10.03 34.48
CA LYS B 58 -0.99 -10.99 35.39
C LYS B 58 -2.49 -10.71 35.46
N GLY B 59 -3.31 -11.75 35.50
CA GLY B 59 -4.74 -11.54 35.56
C GLY B 59 -5.41 -11.31 34.21
N LYS B 60 -4.63 -11.27 33.13
CA LYS B 60 -5.23 -11.22 31.78
C LYS B 60 -5.59 -12.67 31.47
N PRO B 61 -6.63 -12.90 30.67
CA PRO B 61 -7.05 -14.30 30.37
C PRO B 61 -5.98 -15.16 29.69
N PHE B 62 -5.13 -14.55 28.87
CA PHE B 62 -4.06 -15.27 28.19
C PHE B 62 -2.81 -15.52 29.04
N PHE B 63 -2.77 -15.00 30.26
CA PHE B 63 -1.55 -15.08 31.08
C PHE B 63 -1.09 -16.51 31.36
N PRO B 64 -2.01 -17.39 31.75
CA PRO B 64 -1.51 -18.74 32.01
C PRO B 64 -0.88 -19.40 30.78
N GLY B 65 -1.52 -19.25 29.63
CA GLY B 65 -0.99 -19.82 28.39
C GLY B 65 0.34 -19.21 27.99
N LEU B 66 0.53 -17.92 28.31
CA LEU B 66 1.80 -17.24 28.00
C LEU B 66 2.93 -17.86 28.80
N ILE B 67 2.70 -17.99 30.11
CA ILE B 67 3.71 -18.59 30.97
C ILE B 67 4.04 -20.03 30.58
N SER B 68 3.03 -20.85 30.26
N SER B 68 3.03 -20.85 30.26
CA SER B 68 3.26 -22.23 29.87
CA SER B 68 3.27 -22.21 29.84
C SER B 68 4.11 -22.25 28.59
C SER B 68 4.16 -22.21 28.61
N TYR B 69 3.77 -21.38 27.65
CA TYR B 69 4.49 -21.30 26.43
C TYR B 69 5.95 -20.86 26.66
N MET B 70 6.13 -19.91 27.56
CA MET B 70 7.47 -19.37 27.78
C MET B 70 8.33 -20.35 28.54
N THR B 71 7.71 -21.40 29.12
CA THR B 71 8.49 -22.44 29.77
C THR B 71 8.61 -23.69 28.89
N SER B 72 8.18 -23.60 27.62
CA SER B 72 8.18 -24.78 26.74
C SER B 72 9.49 -25.08 25.99
N GLY B 73 10.50 -24.23 26.16
CA GLY B 73 11.81 -24.43 25.58
C GLY B 73 12.73 -23.40 26.21
N PRO B 74 14.05 -23.53 25.99
CA PRO B 74 14.94 -22.54 26.55
C PRO B 74 14.86 -21.19 25.85
N VAL B 75 15.33 -20.15 26.53
CA VAL B 75 15.41 -18.82 26.00
C VAL B 75 16.86 -18.35 26.04
N VAL B 76 17.16 -17.32 25.27
CA VAL B 76 18.49 -16.70 25.26
C VAL B 76 18.28 -15.25 25.75
N CYS B 77 18.96 -14.92 26.86
CA CYS B 77 18.82 -13.66 27.55
C CYS B 77 20.04 -12.80 27.22
N MET B 78 19.82 -11.53 26.89
CA MET B 78 20.91 -10.63 26.52
C MET B 78 20.70 -9.23 27.05
N VAL B 79 21.80 -8.51 27.24
CA VAL B 79 21.76 -7.10 27.58
C VAL B 79 22.69 -6.42 26.57
N TRP B 80 22.13 -5.42 25.90
CA TRP B 80 22.84 -4.57 24.91
C TRP B 80 22.94 -3.14 25.39
N GLU B 81 24.07 -2.51 25.09
CA GLU B 81 24.36 -1.14 25.55
C GLU B 81 24.69 -0.23 24.38
N GLY B 82 24.13 0.96 24.43
CA GLY B 82 24.46 2.03 23.50
C GLY B 82 23.35 3.06 23.44
N THR B 83 23.61 4.15 22.74
CA THR B 83 22.68 5.26 22.68
C THR B 83 21.35 4.84 22.09
N ASP B 84 20.30 5.17 22.84
CA ASP B 84 18.88 4.94 22.43
C ASP B 84 18.61 3.46 22.15
N VAL B 85 19.34 2.55 22.76
CA VAL B 85 19.22 1.12 22.43
C VAL B 85 17.82 0.56 22.74
N VAL B 86 17.14 1.09 23.74
CA VAL B 86 15.78 0.58 24.03
C VAL B 86 14.86 0.79 22.81
N LYS B 87 14.77 2.05 22.37
CA LYS B 87 13.90 2.40 21.24
C LYS B 87 14.38 1.81 19.92
N GLN B 88 15.69 1.90 19.64
CA GLN B 88 16.22 1.30 18.42
C GLN B 88 16.07 -0.22 18.42
N GLY B 89 16.23 -0.86 19.58
CA GLY B 89 16.08 -2.30 19.69
C GLY B 89 14.67 -2.67 19.30
N ARG B 90 13.71 -1.91 19.78
N ARG B 90 13.69 -1.96 19.84
CA ARG B 90 12.31 -2.17 19.42
CA ARG B 90 12.29 -2.26 19.52
C ARG B 90 12.02 -1.96 17.94
C ARG B 90 12.03 -2.14 18.03
N ARG B 91 12.70 -0.97 17.35
N ARG B 91 12.49 -1.06 17.42
CA ARG B 91 12.51 -0.70 15.92
CA ARG B 91 12.26 -0.85 16.00
C ARG B 91 13.11 -1.84 15.08
C ARG B 91 12.90 -1.96 15.20
N MET B 92 14.22 -2.41 15.55
N MET B 92 14.10 -2.35 15.60
CA MET B 92 14.86 -3.53 14.86
CA MET B 92 14.81 -3.42 14.92
C MET B 92 14.07 -4.83 14.98
C MET B 92 14.02 -4.73 14.96
N LEU B 93 13.40 -5.02 16.11
CA LEU B 93 12.57 -6.21 16.28
C LEU B 93 11.32 -6.13 15.42
N GLY B 94 10.78 -4.92 15.25
CA GLY B 94 9.55 -4.70 14.50
C GLY B 94 8.40 -4.53 15.47
N GLU B 95 7.19 -4.34 14.94
CA GLU B 95 6.04 -4.22 15.78
C GLU B 95 5.84 -5.55 16.48
N THR B 96 5.13 -5.50 17.60
CA THR B 96 4.84 -6.70 18.40
C THR B 96 4.15 -7.73 17.56
N ARG B 97 3.19 -7.28 16.76
CA ARG B 97 2.47 -8.13 15.85
C ARG B 97 3.22 -8.30 14.53
N PRO B 98 3.67 -9.54 14.21
CA PRO B 98 4.38 -9.70 12.95
C PRO B 98 3.60 -9.30 11.72
N LEU B 99 2.27 -9.44 11.74
CA LEU B 99 1.50 -9.03 10.55
C LEU B 99 1.47 -7.52 10.31
N GLU B 100 1.92 -6.73 11.28
CA GLU B 100 2.03 -5.30 11.18
C GLU B 100 3.50 -4.87 11.04
N SER B 101 4.44 -5.81 11.09
CA SER B 101 5.87 -5.46 11.07
C SER B 101 6.39 -5.33 9.65
N ASN B 102 7.31 -4.43 9.42
CA ASN B 102 7.81 -4.23 8.07
C ASN B 102 8.95 -5.15 7.65
N PRO B 103 9.06 -5.45 6.36
CA PRO B 103 10.21 -6.18 5.89
C PRO B 103 11.47 -5.43 6.30
N GLY B 104 12.51 -6.16 6.69
CA GLY B 104 13.72 -5.55 7.20
C GLY B 104 13.83 -5.66 8.71
N THR B 105 12.69 -5.82 9.38
CA THR B 105 12.68 -6.02 10.84
C THR B 105 12.71 -7.52 11.13
N LEU B 106 13.10 -7.88 12.34
CA LEU B 106 13.17 -9.31 12.69
C LEU B 106 11.82 -10.00 12.54
N ARG B 107 10.78 -9.43 13.11
CA ARG B 107 9.47 -10.09 13.05
C ARG B 107 8.90 -10.02 11.65
N GLY B 108 9.18 -8.94 10.94
CA GLY B 108 8.68 -8.80 9.58
C GLY B 108 9.36 -9.75 8.63
N ASP B 109 10.60 -10.13 8.91
CA ASP B 109 11.30 -11.02 8.04
C ASP B 109 11.01 -12.48 8.36
N PHE B 110 10.79 -12.77 9.65
CA PHE B 110 10.80 -14.16 10.12
C PHE B 110 9.54 -14.70 10.79
N CYS B 111 8.54 -13.87 11.05
CA CYS B 111 7.39 -14.28 11.90
C CYS B 111 6.05 -14.00 11.30
N ILE B 112 5.04 -14.75 11.80
CA ILE B 112 3.66 -14.63 11.32
C ILE B 112 2.64 -14.39 12.44
N ASP B 113 2.78 -15.12 13.53
CA ASP B 113 1.83 -15.10 14.65
C ASP B 113 2.38 -14.28 15.83
N VAL B 114 1.56 -13.40 16.41
CA VAL B 114 1.98 -12.58 17.54
C VAL B 114 2.44 -13.43 18.72
N GLY B 115 1.82 -14.60 18.88
CA GLY B 115 2.21 -15.54 19.95
C GLY B 115 3.48 -16.33 19.67
N ARG B 116 4.04 -16.18 18.46
CA ARG B 116 5.27 -16.87 18.03
C ARG B 116 6.08 -15.80 17.35
N ASN B 117 6.43 -14.77 18.12
CA ASN B 117 7.13 -13.63 17.58
C ASN B 117 8.61 -13.51 17.96
N ILE B 118 9.19 -14.69 18.18
CA ILE B 118 10.62 -15.00 18.39
C ILE B 118 11.48 -14.25 19.39
N VAL B 119 11.11 -13.04 19.72
CA VAL B 119 11.98 -12.20 20.55
C VAL B 119 11.21 -11.20 21.34
N HIS B 120 11.80 -10.82 22.48
CA HIS B 120 11.27 -9.79 23.37
C HIS B 120 12.32 -8.70 23.48
N GLY B 121 11.87 -7.45 23.51
CA GLY B 121 12.77 -6.36 23.82
C GLY B 121 12.09 -5.45 24.84
N SER B 122 12.86 -4.92 25.77
CA SER B 122 12.28 -3.98 26.75
C SER B 122 11.50 -2.86 26.06
N ASP B 123 10.34 -2.49 26.61
CA ASP B 123 9.52 -1.45 25.97
C ASP B 123 9.89 0.03 26.26
N SER B 124 10.72 0.23 27.27
CA SER B 124 11.03 1.54 27.80
C SER B 124 12.30 1.44 28.67
N VAL B 125 12.96 2.58 28.94
CA VAL B 125 14.10 2.60 29.85
C VAL B 125 13.70 2.02 31.24
N GLU B 126 12.54 2.42 31.74
CA GLU B 126 12.09 1.92 33.06
C GLU B 126 11.98 0.38 33.04
N SER B 127 11.34 -0.18 32.00
CA SER B 127 11.23 -1.63 31.88
C SER B 127 12.57 -2.28 31.74
N ALA B 128 13.44 -1.67 30.96
CA ALA B 128 14.76 -2.27 30.72
C ALA B 128 15.51 -2.40 32.03
N ASN B 129 15.55 -1.34 32.83
CA ASN B 129 16.29 -1.40 34.08
C ASN B 129 15.74 -2.50 35.01
N LYS B 130 14.43 -2.64 35.05
N LYS B 130 14.43 -2.64 35.03
CA LYS B 130 13.79 -3.71 35.85
CA LYS B 130 13.76 -3.67 35.84
C LYS B 130 14.14 -5.09 35.31
C LYS B 130 14.07 -5.08 35.32
N GLU B 131 13.98 -5.26 34.00
CA GLU B 131 14.25 -6.54 33.37
C GLU B 131 15.72 -6.96 33.45
N ILE B 132 16.64 -6.04 33.23
CA ILE B 132 18.05 -6.38 33.34
C ILE B 132 18.37 -6.96 34.74
N SER B 133 17.90 -6.29 35.79
N SER B 133 17.90 -6.28 35.77
CA SER B 133 18.18 -6.74 37.18
CA SER B 133 18.14 -6.72 37.14
C SER B 133 17.34 -7.97 37.60
C SER B 133 17.47 -8.05 37.44
N LEU B 134 16.30 -8.29 36.85
CA LEU B 134 15.53 -9.51 37.09
C LEU B 134 16.26 -10.72 36.54
N TRP B 135 16.81 -10.60 35.33
CA TRP B 135 17.43 -11.72 34.62
C TRP B 135 18.91 -11.93 34.87
N PHE B 136 19.60 -10.88 35.30
CA PHE B 136 21.04 -10.91 35.49
C PHE B 136 21.47 -10.30 36.81
N THR B 137 22.48 -10.88 37.45
CA THR B 137 23.09 -10.24 38.58
C THR B 137 24.16 -9.27 38.03
N PRO B 138 24.58 -8.30 38.84
CA PRO B 138 25.64 -7.40 38.40
C PRO B 138 26.91 -8.13 38.02
N GLU B 139 27.19 -9.26 38.67
CA GLU B 139 28.39 -10.01 38.39
C GLU B 139 28.36 -10.67 36.99
N GLU B 140 27.18 -10.78 36.38
CA GLU B 140 27.05 -11.34 35.03
C GLU B 140 27.15 -10.30 33.94
N ILE B 141 27.22 -9.02 34.33
CA ILE B 141 27.32 -7.95 33.35
C ILE B 141 28.81 -7.68 33.14
N CYS B 142 29.22 -7.72 31.87
CA CYS B 142 30.63 -7.62 31.54
C CYS B 142 30.99 -6.16 31.12
N GLU B 143 31.96 -5.58 31.82
CA GLU B 143 32.43 -4.22 31.54
C GLU B 143 33.55 -4.32 30.51
N TRP B 144 33.39 -3.65 29.36
CA TRP B 144 34.46 -3.67 28.37
C TRP B 144 34.32 -2.54 27.42
N THR B 145 35.41 -2.21 26.75
CA THR B 145 35.44 -1.11 25.82
C THR B 145 35.71 -1.64 24.41
N SER B 146 34.83 -1.32 23.49
CA SER B 146 34.94 -1.78 22.11
C SER B 146 36.02 -1.02 21.38
N ALA B 147 36.83 -1.75 20.66
CA ALA B 147 37.82 -1.18 19.75
C ALA B 147 37.23 -0.19 18.74
N GLN B 148 35.98 -0.38 18.36
N GLN B 148 35.97 -0.38 18.36
CA GLN B 148 35.36 0.52 17.35
CA GLN B 148 35.32 0.51 17.37
C GLN B 148 34.65 1.73 17.98
C GLN B 148 34.55 1.66 18.00
N HIS B 149 34.69 1.86 19.30
CA HIS B 149 33.94 2.94 19.96
C HIS B 149 34.03 4.31 19.27
N LYS B 150 35.24 4.77 18.99
CA LYS B 150 35.43 6.08 18.45
C LYS B 150 34.94 6.20 17.03
N TRP B 151 34.64 5.05 16.41
CA TRP B 151 34.15 5.05 15.02
C TRP B 151 32.63 4.86 14.94
N VAL B 152 32.04 4.36 16.04
CA VAL B 152 30.58 4.23 16.16
C VAL B 152 29.99 5.51 16.79
N TYR B 153 30.73 6.12 17.72
CA TYR B 153 30.27 7.32 18.43
C TYR B 153 31.08 8.53 18.17
N GLU B 154 30.38 9.65 18.03
CA GLU B 154 31.03 10.92 17.85
C GLU B 154 31.58 11.40 19.18
N GLN B 155 32.56 12.28 19.09
CA GLN B 155 33.30 12.74 20.25
C GLN B 155 32.61 13.94 20.88
N LYS C 4 -7.93 -20.11 8.24
CA LYS C 4 -6.98 -18.96 8.43
C LYS C 4 -5.59 -19.34 7.92
N GLN C 5 -4.92 -20.27 8.62
CA GLN C 5 -3.57 -20.79 8.23
C GLN C 5 -3.55 -21.54 6.88
N GLN C 6 -4.71 -21.85 6.30
CA GLN C 6 -4.72 -22.53 5.02
C GLN C 6 -4.71 -21.53 3.86
N GLU C 7 -4.71 -20.21 4.12
CA GLU C 7 -4.69 -19.24 3.03
C GLU C 7 -3.51 -19.48 2.11
N ARG C 8 -3.74 -19.32 0.79
CA ARG C 8 -2.68 -19.49 -0.21
C ARG C 8 -2.59 -18.31 -1.12
N THR C 9 -1.39 -18.07 -1.62
CA THR C 9 -1.19 -17.01 -2.59
C THR C 9 -0.36 -17.53 -3.75
N TYR C 10 -0.50 -16.88 -4.90
CA TYR C 10 0.31 -17.20 -6.07
C TYR C 10 1.44 -16.15 -6.23
N ILE C 11 2.69 -16.61 -6.26
CA ILE C 11 3.86 -15.77 -6.48
C ILE C 11 4.55 -16.25 -7.74
N MET C 12 4.97 -15.32 -8.60
CA MET C 12 5.62 -15.73 -9.82
C MET C 12 6.84 -14.87 -10.03
N VAL C 13 7.99 -15.49 -10.26
CA VAL C 13 9.17 -14.74 -10.65
C VAL C 13 9.06 -14.54 -12.15
N LYS C 14 9.07 -13.27 -12.55
CA LYS C 14 8.95 -12.86 -13.95
C LYS C 14 10.28 -13.09 -14.70
N PRO C 15 10.26 -13.00 -16.03
CA PRO C 15 11.46 -13.35 -16.79
C PRO C 15 12.70 -12.56 -16.40
N ASP C 16 12.52 -11.30 -16.00
CA ASP C 16 13.66 -10.50 -15.54
C ASP C 16 14.21 -11.00 -14.22
N GLY C 17 13.37 -11.51 -13.34
CA GLY C 17 13.86 -12.08 -12.08
C GLY C 17 14.72 -13.32 -12.33
N VAL C 18 14.31 -14.15 -13.28
CA VAL C 18 15.06 -15.34 -13.64
C VAL C 18 16.39 -14.96 -14.29
N GLN C 19 16.32 -14.05 -15.24
CA GLN C 19 17.51 -13.60 -15.93
C GLN C 19 18.51 -13.00 -14.99
N ARG C 20 18.03 -12.25 -14.00
CA ARG C 20 18.95 -11.57 -13.04
C ARG C 20 19.39 -12.45 -11.84
N GLY C 21 19.04 -13.73 -11.85
CA GLY C 21 19.49 -14.66 -10.80
C GLY C 21 18.87 -14.48 -9.45
N LEU C 22 17.60 -14.05 -9.43
CA LEU C 22 16.91 -13.72 -8.20
C LEU C 22 15.91 -14.77 -7.74
N VAL C 23 15.90 -15.95 -8.37
CA VAL C 23 14.94 -16.96 -7.96
C VAL C 23 15.14 -17.34 -6.49
N SER C 24 16.39 -17.60 -6.12
CA SER C 24 16.68 -18.07 -4.76
C SER C 24 16.23 -17.02 -3.74
N GLU C 25 16.44 -15.76 -4.05
CA GLU C 25 16.10 -14.71 -3.11
C GLU C 25 14.60 -14.53 -2.93
N VAL C 26 13.81 -14.66 -4.01
CA VAL C 26 12.38 -14.58 -3.86
C VAL C 26 11.90 -15.71 -2.97
N ILE C 27 12.35 -16.93 -3.24
CA ILE C 27 11.98 -18.10 -2.41
C ILE C 27 12.40 -17.86 -0.97
N ARG C 28 13.60 -17.31 -0.75
CA ARG C 28 14.09 -17.09 0.62
C ARG C 28 13.18 -16.21 1.46
N ARG C 29 12.68 -15.14 0.87
CA ARG C 29 11.84 -14.21 1.63
C ARG C 29 10.62 -14.96 2.22
N PHE C 30 10.03 -15.87 1.46
CA PHE C 30 8.86 -16.59 1.96
C PHE C 30 9.25 -17.75 2.87
N GLU C 31 10.29 -18.48 2.46
CA GLU C 31 10.73 -19.65 3.19
C GLU C 31 11.18 -19.30 4.62
N GLN C 32 11.95 -18.23 4.72
CA GLN C 32 12.49 -17.86 6.03
C GLN C 32 11.44 -17.30 6.96
N ARG C 33 10.34 -16.80 6.38
CA ARG C 33 9.23 -16.19 7.14
C ARG C 33 8.35 -17.27 7.78
N GLY C 34 8.48 -18.51 7.35
CA GLY C 34 7.62 -19.57 7.91
C GLY C 34 6.46 -19.93 7.01
N TYR C 35 6.38 -19.32 5.83
CA TYR C 35 5.35 -19.71 4.89
C TYR C 35 5.73 -21.04 4.24
N LYS C 36 4.72 -21.81 3.86
CA LYS C 36 4.93 -23.13 3.39
C LYS C 36 4.78 -23.20 1.86
N LEU C 37 5.82 -23.69 1.22
CA LEU C 37 5.77 -23.82 -0.26
C LEU C 37 5.02 -25.10 -0.57
N VAL C 38 3.90 -24.98 -1.28
CA VAL C 38 3.07 -26.12 -1.66
C VAL C 38 2.99 -26.41 -3.17
N ALA C 39 3.54 -25.52 -4.00
CA ALA C 39 3.60 -25.81 -5.43
C ALA C 39 4.72 -24.96 -6.02
N LEU C 40 5.40 -25.52 -7.01
CA LEU C 40 6.55 -24.86 -7.60
C LEU C 40 6.82 -25.43 -8.97
N LYS C 41 7.06 -24.55 -9.94
CA LYS C 41 7.45 -25.02 -11.26
C LYS C 41 8.01 -23.88 -12.09
N MET C 42 9.00 -24.21 -12.91
CA MET C 42 9.50 -23.33 -13.95
C MET C 42 8.70 -23.66 -15.23
N LYS C 43 8.28 -22.62 -15.93
CA LYS C 43 7.42 -22.80 -17.09
C LYS C 43 7.68 -21.70 -18.12
N SER C 44 7.36 -22.00 -19.39
CA SER C 44 7.37 -21.03 -20.46
C SER C 44 5.94 -20.95 -20.95
N PRO C 45 5.09 -20.16 -20.28
CA PRO C 45 3.67 -20.15 -20.64
C PRO C 45 3.45 -19.62 -22.05
N ASP C 46 2.38 -20.06 -22.68
CA ASP C 46 2.09 -19.55 -24.01
C ASP C 46 1.28 -18.26 -23.89
N ALA C 47 1.11 -17.58 -25.01
CA ALA C 47 0.38 -16.32 -25.05
C ALA C 47 -1.05 -16.44 -24.52
N THR C 48 -1.69 -17.59 -24.73
N THR C 48 -1.74 -17.52 -24.88
CA THR C 48 -3.05 -17.79 -24.25
CA THR C 48 -3.15 -17.70 -24.51
C THR C 48 -3.16 -17.85 -22.73
C THR C 48 -3.32 -17.65 -23.00
N LEU C 49 -2.22 -18.52 -22.06
N LEU C 49 -2.46 -18.38 -22.30
CA LEU C 49 -2.28 -18.58 -20.61
CA LEU C 49 -2.50 -18.44 -20.84
C LEU C 49 -2.03 -17.16 -20.08
C LEU C 49 -2.19 -17.06 -20.26
N LEU C 50 -1.09 -16.46 -20.70
CA LEU C 50 -0.74 -15.09 -20.27
C LEU C 50 -1.87 -14.09 -20.49
N GLU C 51 -2.57 -14.21 -21.60
CA GLU C 51 -3.70 -13.32 -21.89
C GLU C 51 -4.84 -13.46 -20.86
N GLU C 52 -5.07 -14.68 -20.38
N GLU C 52 -5.05 -14.69 -20.37
CA GLU C 52 -6.09 -14.90 -19.35
CA GLU C 52 -6.07 -14.93 -19.36
C GLU C 52 -5.62 -14.32 -18.02
C GLU C 52 -5.63 -14.40 -18.00
N HIS C 53 -4.33 -14.53 -17.73
CA HIS C 53 -3.74 -14.03 -16.49
C HIS C 53 -3.89 -12.51 -16.43
N TYR C 54 -3.68 -11.85 -17.56
CA TYR C 54 -3.77 -10.40 -17.66
C TYR C 54 -5.10 -9.91 -18.25
N ALA C 55 -6.19 -10.62 -17.97
CA ALA C 55 -7.50 -10.25 -18.52
C ALA C 55 -7.97 -8.89 -18.01
N GLY C 65 3.09 -5.72 -25.93
CA GLY C 65 4.41 -5.39 -25.39
C GLY C 65 4.63 -6.12 -24.09
N LEU C 66 3.56 -6.21 -23.31
CA LEU C 66 3.60 -6.95 -22.05
C LEU C 66 3.70 -8.43 -22.35
N ILE C 67 2.85 -8.92 -23.27
CA ILE C 67 2.83 -10.35 -23.61
C ILE C 67 4.16 -10.76 -24.22
N SER C 68 4.77 -9.86 -25.00
CA SER C 68 6.08 -10.13 -25.59
C SER C 68 7.16 -10.31 -24.52
N TYR C 69 7.28 -9.36 -23.59
CA TYR C 69 8.23 -9.48 -22.47
C TYR C 69 7.92 -10.68 -21.63
N MET C 70 6.63 -10.92 -21.36
CA MET C 70 6.29 -12.02 -20.50
C MET C 70 6.53 -13.39 -21.14
N THR C 71 6.76 -13.43 -22.46
CA THR C 71 7.11 -14.69 -23.12
C THR C 71 8.59 -14.69 -23.55
N SER C 72 9.34 -13.68 -23.12
CA SER C 72 10.75 -13.55 -23.53
C SER C 72 11.72 -14.47 -22.78
N GLY C 73 11.25 -15.12 -21.72
CA GLY C 73 12.07 -16.07 -20.99
C GLY C 73 11.15 -16.79 -20.04
N PRO C 74 11.66 -17.83 -19.38
CA PRO C 74 10.84 -18.56 -18.43
C PRO C 74 10.49 -17.81 -17.17
N VAL C 75 9.44 -18.27 -16.52
CA VAL C 75 9.01 -17.79 -15.20
C VAL C 75 9.05 -18.93 -14.22
N VAL C 76 9.06 -18.59 -12.94
CA VAL C 76 8.96 -19.57 -11.86
C VAL C 76 7.65 -19.30 -11.12
N CYS C 77 6.81 -20.32 -11.08
CA CYS C 77 5.46 -20.26 -10.51
C CYS C 77 5.46 -20.92 -9.14
N MET C 78 4.84 -20.27 -8.16
CA MET C 78 4.82 -20.79 -6.78
C MET C 78 3.47 -20.59 -6.09
N VAL C 79 3.16 -21.48 -5.16
CA VAL C 79 2.02 -21.28 -4.30
C VAL C 79 2.57 -21.42 -2.88
N TRP C 80 2.29 -20.41 -2.08
CA TRP C 80 2.72 -20.35 -0.67
C TRP C 80 1.49 -20.36 0.23
N GLU C 81 1.62 -21.05 1.35
CA GLU C 81 0.53 -21.24 2.26
C GLU C 81 0.83 -20.74 3.69
N GLY C 82 -0.12 -20.01 4.26
CA GLY C 82 -0.01 -19.61 5.66
C GLY C 82 -0.92 -18.45 5.98
N THR C 83 -1.01 -18.14 7.26
CA THR C 83 -1.89 -17.05 7.69
C THR C 83 -1.52 -15.72 7.05
N ASP C 84 -2.54 -15.08 6.45
CA ASP C 84 -2.42 -13.75 5.83
C ASP C 84 -1.38 -13.70 4.71
N VAL C 85 -1.13 -14.82 4.06
CA VAL C 85 -0.03 -14.89 3.10
C VAL C 85 -0.24 -13.99 1.89
N VAL C 86 -1.50 -13.72 1.52
CA VAL C 86 -1.73 -12.82 0.38
C VAL C 86 -1.20 -11.42 0.71
N LYS C 87 -1.67 -10.83 1.82
CA LYS C 87 -1.26 -9.47 2.21
C LYS C 87 0.24 -9.40 2.56
N GLN C 88 0.71 -10.35 3.34
CA GLN C 88 2.14 -10.34 3.74
C GLN C 88 3.03 -10.57 2.54
N GLY C 89 2.58 -11.40 1.61
CA GLY C 89 3.34 -11.60 0.37
C GLY C 89 3.50 -10.29 -0.40
N ARG C 90 2.40 -9.56 -0.56
CA ARG C 90 2.46 -8.29 -1.25
C ARG C 90 3.40 -7.33 -0.52
N ARG C 91 3.35 -7.34 0.80
N ARG C 91 3.27 -7.25 0.80
CA ARG C 91 4.22 -6.44 1.55
CA ARG C 91 4.13 -6.33 1.56
C ARG C 91 5.67 -6.79 1.35
C ARG C 91 5.59 -6.70 1.43
N MET C 92 5.99 -8.08 1.37
N MET C 92 5.86 -7.99 1.32
CA MET C 92 7.37 -8.52 1.15
CA MET C 92 7.22 -8.49 1.17
C MET C 92 7.87 -8.21 -0.27
C MET C 92 7.81 -8.17 -0.21
N LEU C 93 6.96 -8.21 -1.24
CA LEU C 93 7.38 -7.88 -2.63
C LEU C 93 7.66 -6.39 -2.71
N GLY C 94 6.89 -5.59 -1.97
CA GLY C 94 7.03 -4.14 -2.00
C GLY C 94 5.93 -3.54 -2.84
N GLU C 95 5.94 -2.23 -3.05
CA GLU C 95 4.91 -1.61 -3.88
C GLU C 95 5.11 -2.11 -5.32
N THR C 96 4.06 -2.05 -6.14
CA THR C 96 4.15 -2.43 -7.53
C THR C 96 5.29 -1.70 -8.23
N ARG C 97 5.36 -0.39 -7.98
CA ARG C 97 6.40 0.47 -8.53
C ARG C 97 7.65 0.42 -7.65
N PRO C 98 8.74 -0.10 -8.20
CA PRO C 98 9.96 -0.17 -7.41
C PRO C 98 10.43 1.17 -6.84
N LEU C 99 10.20 2.28 -7.55
CA LEU C 99 10.68 3.58 -7.05
C LEU C 99 9.88 4.04 -5.85
N GLU C 100 8.73 3.37 -5.60
CA GLU C 100 7.88 3.66 -4.44
C GLU C 100 8.08 2.63 -3.31
N SER C 101 8.96 1.65 -3.53
CA SER C 101 9.15 0.54 -2.60
C SER C 101 10.25 0.80 -1.62
N ASN C 102 10.10 0.27 -0.42
CA ASN C 102 11.11 0.48 0.60
C ASN C 102 12.24 -0.52 0.67
N PRO C 103 13.43 -0.09 1.10
CA PRO C 103 14.49 -1.06 1.34
C PRO C 103 14.02 -2.12 2.32
N GLY C 104 14.37 -3.38 2.05
CA GLY C 104 13.90 -4.51 2.83
C GLY C 104 12.90 -5.33 2.06
N THR C 105 12.23 -4.70 1.07
CA THR C 105 11.28 -5.42 0.22
C THR C 105 12.04 -5.93 -1.01
N LEU C 106 11.47 -6.88 -1.72
CA LEU C 106 12.15 -7.40 -2.90
C LEU C 106 12.34 -6.33 -3.96
N ARG C 107 11.31 -5.57 -4.27
CA ARG C 107 11.45 -4.57 -5.35
C ARG C 107 12.28 -3.37 -4.87
N GLY C 108 12.25 -3.08 -3.58
CA GLY C 108 13.01 -1.95 -3.05
C GLY C 108 14.49 -2.29 -2.95
N ASP C 109 14.82 -3.57 -2.86
CA ASP C 109 16.21 -4.03 -2.81
C ASP C 109 16.80 -4.32 -4.18
N PHE C 110 15.99 -4.71 -5.15
CA PHE C 110 16.52 -5.22 -6.40
C PHE C 110 16.06 -4.57 -7.71
N CYS C 111 15.05 -3.71 -7.66
CA CYS C 111 14.39 -3.19 -8.89
C CYS C 111 14.33 -1.69 -9.01
N ILE C 112 14.17 -1.25 -10.25
CA ILE C 112 14.13 0.15 -10.62
C ILE C 112 12.89 0.54 -11.45
N ASP C 113 12.58 -0.26 -12.47
CA ASP C 113 11.48 0.03 -13.41
C ASP C 113 10.24 -0.81 -13.12
N VAL C 114 9.07 -0.19 -13.13
CA VAL C 114 7.81 -0.91 -12.89
C VAL C 114 7.60 -2.06 -13.90
N GLY C 115 8.09 -1.87 -15.13
CA GLY C 115 8.01 -2.91 -16.20
C GLY C 115 9.05 -4.02 -16.08
N ARG C 116 9.95 -3.88 -15.11
CA ARG C 116 10.97 -4.89 -14.78
C ARG C 116 11.01 -5.01 -13.25
N ASN C 117 9.89 -5.42 -12.68
CA ASN C 117 9.72 -5.46 -11.23
C ASN C 117 9.78 -6.89 -10.65
N ILE C 118 10.46 -7.77 -11.38
CA ILE C 118 10.88 -9.18 -11.08
C ILE C 118 9.90 -10.20 -10.56
N VAL C 119 8.80 -9.76 -9.98
CA VAL C 119 7.89 -10.68 -9.34
C VAL C 119 6.46 -10.21 -9.38
N HIS C 120 5.53 -11.16 -9.31
CA HIS C 120 4.12 -10.91 -9.20
C HIS C 120 3.62 -11.63 -7.95
N GLY C 121 2.65 -11.02 -7.28
CA GLY C 121 1.97 -11.67 -6.16
C GLY C 121 0.50 -11.36 -6.24
N SER C 122 -0.34 -12.32 -5.87
CA SER C 122 -1.78 -12.11 -5.92
C SER C 122 -2.18 -10.90 -5.11
N ASP C 123 -3.16 -10.12 -5.61
CA ASP C 123 -3.56 -8.91 -4.85
C ASP C 123 -4.69 -9.14 -3.82
N SER C 124 -5.32 -10.29 -3.89
CA SER C 124 -6.41 -10.61 -2.98
C SER C 124 -6.57 -12.09 -2.89
N VAL C 125 -7.28 -12.56 -1.89
CA VAL C 125 -7.59 -13.97 -1.80
C VAL C 125 -8.37 -14.46 -3.02
N GLU C 126 -9.35 -13.69 -3.48
CA GLU C 126 -10.13 -14.11 -4.66
C GLU C 126 -9.24 -14.22 -5.92
N SER C 127 -8.37 -13.25 -6.11
N SER C 127 -8.35 -13.24 -6.11
CA SER C 127 -7.45 -13.28 -7.24
CA SER C 127 -7.45 -13.27 -7.25
C SER C 127 -6.50 -14.45 -7.08
C SER C 127 -6.45 -14.41 -7.09
N ALA C 128 -6.04 -14.69 -5.86
CA ALA C 128 -5.11 -15.81 -5.60
C ALA C 128 -5.76 -17.14 -5.99
N ASN C 129 -6.98 -17.37 -5.55
CA ASN C 129 -7.63 -18.62 -5.88
C ASN C 129 -7.77 -18.80 -7.40
N LYS C 130 -8.06 -17.71 -8.08
CA LYS C 130 -8.19 -17.74 -9.53
C LYS C 130 -6.85 -18.03 -10.20
N GLU C 131 -5.80 -17.34 -9.75
CA GLU C 131 -4.48 -17.51 -10.31
C GLU C 131 -3.89 -18.89 -10.05
N ILE C 132 -4.09 -19.41 -8.85
CA ILE C 132 -3.59 -20.73 -8.54
C ILE C 132 -4.22 -21.76 -9.46
N SER C 133 -5.52 -21.64 -9.72
N SER C 133 -5.53 -21.64 -9.68
CA SER C 133 -6.20 -22.64 -10.55
CA SER C 133 -6.24 -22.59 -10.53
C SER C 133 -5.87 -22.44 -12.04
C SER C 133 -5.82 -22.44 -12.00
N LEU C 134 -5.44 -21.23 -12.40
CA LEU C 134 -5.02 -20.95 -13.78
C LEU C 134 -3.62 -21.49 -14.08
N TRP C 135 -2.69 -21.31 -13.14
CA TRP C 135 -1.29 -21.70 -13.35
C TRP C 135 -0.88 -23.10 -12.92
N PHE C 136 -1.66 -23.72 -12.05
CA PHE C 136 -1.38 -25.07 -11.54
C PHE C 136 -2.59 -25.97 -11.63
N THR C 137 -2.35 -27.25 -11.82
CA THR C 137 -3.42 -28.24 -11.74
C THR C 137 -3.51 -28.69 -10.26
N PRO C 138 -4.67 -29.20 -9.84
CA PRO C 138 -4.77 -29.71 -8.46
C PRO C 138 -3.69 -30.71 -8.08
N GLU C 139 -3.34 -31.57 -9.03
CA GLU C 139 -2.32 -32.60 -8.81
C GLU C 139 -0.92 -32.02 -8.53
N GLU C 140 -0.72 -30.76 -8.86
CA GLU C 140 0.60 -30.12 -8.66
C GLU C 140 0.74 -29.49 -7.29
N ILE C 141 -0.35 -29.47 -6.51
CA ILE C 141 -0.29 -28.93 -5.18
C ILE C 141 0.13 -30.06 -4.25
N CYS C 142 1.16 -29.80 -3.45
CA CYS C 142 1.74 -30.83 -2.57
C CYS C 142 1.44 -30.49 -1.15
N GLU C 143 0.55 -31.23 -0.52
CA GLU C 143 0.25 -30.91 0.87
C GLU C 143 1.19 -31.64 1.82
N TRP C 144 1.58 -30.94 2.87
CA TRP C 144 2.49 -31.48 3.86
C TRP C 144 2.41 -30.67 5.13
N THR C 145 2.99 -31.20 6.21
CA THR C 145 2.96 -30.53 7.51
C THR C 145 4.38 -30.25 7.91
N SER C 146 4.64 -28.98 8.20
CA SER C 146 5.98 -28.54 8.56
C SER C 146 6.33 -28.94 9.96
N ALA C 147 7.55 -29.45 10.15
CA ALA C 147 8.02 -29.81 11.48
C ALA C 147 8.03 -28.57 12.39
N GLN C 148 8.09 -27.38 11.82
CA GLN C 148 8.15 -26.16 12.69
C GLN C 148 6.78 -25.55 12.88
N HIS C 149 5.72 -26.24 12.46
CA HIS C 149 4.39 -25.63 12.57
C HIS C 149 4.05 -25.08 13.95
N LYS C 150 4.32 -25.84 15.01
CA LYS C 150 3.97 -25.42 16.36
C LYS C 150 4.82 -24.30 16.92
N TRP C 151 5.91 -23.98 16.21
CA TRP C 151 6.79 -22.89 16.62
C TRP C 151 6.58 -21.66 15.78
N VAL C 152 5.92 -21.81 14.62
CA VAL C 152 5.55 -20.66 13.78
C VAL C 152 4.16 -20.16 14.17
N TYR C 153 3.29 -21.11 14.58
CA TYR C 153 1.90 -20.80 14.90
C TYR C 153 1.48 -21.17 16.31
N GLU C 154 0.61 -20.36 16.89
N GLU C 154 0.61 -20.36 16.89
CA GLU C 154 0.10 -20.61 18.25
CA GLU C 154 0.08 -20.67 18.20
C GLU C 154 -1.21 -21.42 18.14
C GLU C 154 -1.03 -21.69 17.97
N GLN C 155 -1.37 -22.43 18.99
CA GLN C 155 -2.54 -23.33 18.92
C GLN C 155 -3.73 -22.68 19.60
N ALA D 3 -0.53 8.49 20.54
CA ALA D 3 -1.69 7.55 20.43
C ALA D 3 -2.13 7.42 18.97
N LYS D 4 -2.64 6.24 18.58
CA LYS D 4 -3.02 6.02 17.18
C LYS D 4 -4.14 6.93 16.68
N GLN D 5 -5.13 7.24 17.52
CA GLN D 5 -6.22 8.14 17.11
C GLN D 5 -5.77 9.58 16.89
N GLN D 6 -4.57 9.93 17.40
CA GLN D 6 -4.08 11.30 17.25
C GLN D 6 -3.18 11.47 16.02
N GLU D 7 -3.06 10.44 15.19
CA GLU D 7 -2.26 10.56 13.97
C GLU D 7 -2.80 11.66 13.07
N ARG D 8 -1.89 12.40 12.44
CA ARG D 8 -2.30 13.47 11.56
C ARG D 8 -1.61 13.36 10.22
N THR D 9 -2.27 13.89 9.21
CA THR D 9 -1.69 13.94 7.87
C THR D 9 -1.96 15.30 7.25
N TYR D 10 -1.07 15.71 6.35
CA TYR D 10 -1.20 16.95 5.59
C TYR D 10 -1.83 16.63 4.23
N ILE D 11 -2.93 17.32 3.92
CA ILE D 11 -3.61 17.15 2.62
C ILE D 11 -3.66 18.52 2.01
N MET D 12 -3.32 18.62 0.71
CA MET D 12 -3.30 19.88 0.04
C MET D 12 -4.01 19.81 -1.31
N VAL D 13 -5.02 20.66 -1.52
CA VAL D 13 -5.63 20.76 -2.83
C VAL D 13 -4.71 21.62 -3.67
N LYS D 14 -4.24 21.08 -4.78
CA LYS D 14 -3.28 21.77 -5.67
C LYS D 14 -3.99 22.79 -6.56
N PRO D 15 -3.23 23.62 -7.31
CA PRO D 15 -3.95 24.71 -7.99
C PRO D 15 -5.04 24.26 -8.95
N ASP D 16 -4.84 23.09 -9.56
CA ASP D 16 -5.82 22.51 -10.50
C ASP D 16 -7.09 22.09 -9.78
N GLY D 17 -6.95 21.61 -8.55
CA GLY D 17 -8.13 21.21 -7.77
C GLY D 17 -9.02 22.42 -7.44
N VAL D 18 -8.37 23.52 -7.09
CA VAL D 18 -9.07 24.77 -6.80
C VAL D 18 -9.70 25.31 -8.09
N GLN D 19 -8.94 25.37 -9.18
CA GLN D 19 -9.50 25.87 -10.43
C GLN D 19 -10.71 25.10 -10.93
N ARG D 20 -10.69 23.79 -10.72
CA ARG D 20 -11.74 22.89 -11.22
C ARG D 20 -12.90 22.71 -10.25
N GLY D 21 -12.89 23.50 -9.18
CA GLY D 21 -13.99 23.51 -8.22
C GLY D 21 -14.15 22.25 -7.40
N LEU D 22 -13.03 21.62 -7.06
CA LEU D 22 -13.02 20.36 -6.32
C LEU D 22 -12.66 20.48 -4.84
N VAL D 23 -12.64 21.70 -4.30
CA VAL D 23 -12.31 21.83 -2.89
C VAL D 23 -13.31 21.10 -2.00
N SER D 24 -14.59 21.32 -2.25
CA SER D 24 -15.59 20.70 -1.42
C SER D 24 -15.53 19.19 -1.47
N GLU D 25 -15.29 18.63 -2.65
CA GLU D 25 -15.23 17.19 -2.80
C GLU D 25 -14.06 16.57 -2.06
N VAL D 26 -12.89 17.21 -2.11
CA VAL D 26 -11.76 16.70 -1.34
C VAL D 26 -12.08 16.69 0.15
N ILE D 27 -12.65 17.80 0.65
CA ILE D 27 -13.01 17.87 2.07
C ILE D 27 -14.03 16.79 2.42
N ARG D 28 -15.01 16.60 1.52
CA ARG D 28 -16.06 15.62 1.77
C ARG D 28 -15.53 14.23 2.03
N ARG D 29 -14.52 13.81 1.26
CA ARG D 29 -14.03 12.42 1.38
C ARG D 29 -13.51 12.16 2.81
N PHE D 30 -12.80 13.12 3.37
CA PHE D 30 -12.30 12.99 4.72
C PHE D 30 -13.36 13.22 5.78
N GLU D 31 -14.20 14.24 5.58
CA GLU D 31 -15.20 14.61 6.58
C GLU D 31 -16.24 13.50 6.78
N GLN D 32 -16.69 12.91 5.68
CA GLN D 32 -17.71 11.90 5.79
C GLN D 32 -17.18 10.60 6.39
N ARG D 33 -15.86 10.40 6.32
CA ARG D 33 -15.18 9.20 6.81
C ARG D 33 -15.01 9.18 8.34
N GLY D 34 -15.20 10.32 8.99
CA GLY D 34 -15.01 10.39 10.43
C GLY D 34 -13.68 11.02 10.83
N TYR D 35 -12.87 11.37 9.86
CA TYR D 35 -11.60 12.06 10.14
C TYR D 35 -11.90 13.49 10.57
N LYS D 36 -11.06 14.01 11.48
CA LYS D 36 -11.28 15.28 12.10
C LYS D 36 -10.43 16.37 11.46
N LEU D 37 -11.07 17.42 10.95
CA LEU D 37 -10.34 18.54 10.36
C LEU D 37 -9.84 19.40 11.51
N VAL D 38 -8.52 19.56 11.62
CA VAL D 38 -7.93 20.36 12.70
C VAL D 38 -7.13 21.58 12.22
N ALA D 39 -6.95 21.70 10.91
CA ALA D 39 -6.31 22.88 10.36
C ALA D 39 -6.71 23.04 8.91
N LEU D 40 -6.94 24.28 8.50
CA LEU D 40 -7.41 24.57 7.16
C LEU D 40 -7.04 25.99 6.75
N LYS D 41 -6.53 26.18 5.56
CA LYS D 41 -6.32 27.54 5.04
C LYS D 41 -6.10 27.56 3.54
N MET D 42 -6.63 28.58 2.89
CA MET D 42 -6.29 28.83 1.51
C MET D 42 -5.03 29.67 1.55
N LYS D 43 -4.11 29.35 0.67
CA LYS D 43 -2.86 30.05 0.63
C LYS D 43 -2.31 30.21 -0.78
N SER D 44 -1.50 31.27 -0.96
CA SER D 44 -0.75 31.49 -2.18
C SER D 44 0.73 31.46 -1.78
N PRO D 45 1.29 30.26 -1.62
CA PRO D 45 2.65 30.16 -1.13
C PRO D 45 3.69 30.77 -2.03
N ASP D 46 4.73 31.27 -1.39
CA ASP D 46 5.88 31.81 -2.06
C ASP D 46 6.64 30.66 -2.74
N ALA D 47 7.31 30.97 -3.84
CA ALA D 47 8.14 29.97 -4.50
C ALA D 47 9.16 29.34 -3.54
N THR D 48 9.68 30.11 -2.59
CA THR D 48 10.71 29.55 -1.72
C THR D 48 10.14 28.48 -0.80
N LEU D 49 8.87 28.62 -0.39
CA LEU D 49 8.23 27.60 0.46
C LEU D 49 8.06 26.32 -0.38
N LEU D 50 7.64 26.48 -1.63
CA LEU D 50 7.46 25.33 -2.51
C LEU D 50 8.78 24.66 -2.83
N GLU D 51 9.83 25.44 -2.97
CA GLU D 51 11.17 24.90 -3.22
C GLU D 51 11.68 24.07 -2.05
N GLU D 52 11.31 24.45 -0.83
CA GLU D 52 11.65 23.67 0.35
C GLU D 52 10.78 22.41 0.36
N HIS D 53 9.48 22.57 0.12
CA HIS D 53 8.58 21.42 0.08
C HIS D 53 9.07 20.32 -0.90
N TYR D 54 9.54 20.74 -2.07
CA TYR D 54 10.04 19.84 -3.11
C TYR D 54 11.57 19.84 -3.18
N ALA D 55 12.22 20.11 -2.08
CA ALA D 55 13.69 20.24 -2.07
C ALA D 55 14.44 19.05 -2.69
N ASP D 56 13.96 17.82 -2.50
CA ASP D 56 14.70 16.70 -3.06
C ASP D 56 14.66 16.62 -4.57
N LEU D 57 13.82 17.45 -5.21
CA LEU D 57 13.64 17.42 -6.67
C LEU D 57 14.48 18.47 -7.37
N LYS D 58 15.16 19.29 -6.61
CA LYS D 58 16.03 20.33 -7.19
C LYS D 58 17.00 19.73 -8.19
N GLY D 59 17.08 20.34 -9.38
CA GLY D 59 17.97 19.82 -10.39
C GLY D 59 17.31 18.90 -11.39
N LYS D 60 16.15 18.32 -11.04
CA LYS D 60 15.40 17.52 -12.01
C LYS D 60 15.01 18.44 -13.17
N PRO D 61 14.89 17.88 -14.37
CA PRO D 61 14.58 18.79 -15.51
C PRO D 61 13.24 19.50 -15.41
N PHE D 62 12.29 18.87 -14.73
CA PHE D 62 10.96 19.42 -14.57
C PHE D 62 10.81 20.35 -13.35
N PHE D 63 11.87 20.53 -12.56
CA PHE D 63 11.73 21.30 -11.32
C PHE D 63 11.26 22.76 -11.48
N PRO D 64 11.89 23.54 -12.38
CA PRO D 64 11.44 24.91 -12.47
C PRO D 64 9.97 25.02 -12.90
N GLY D 65 9.53 24.14 -13.79
CA GLY D 65 8.15 24.15 -14.24
C GLY D 65 7.18 23.73 -13.15
N LEU D 66 7.64 22.82 -12.29
CA LEU D 66 6.83 22.36 -11.15
C LEU D 66 6.58 23.53 -10.21
N ILE D 67 7.62 24.27 -9.90
CA ILE D 67 7.46 25.42 -8.99
C ILE D 67 6.55 26.50 -9.59
N SER D 68 6.71 26.80 -10.88
N SER D 68 6.72 26.78 -10.89
CA SER D 68 5.86 27.82 -11.51
CA SER D 68 5.89 27.74 -11.56
C SER D 68 4.40 27.33 -11.56
C SER D 68 4.43 27.31 -11.51
N TYR D 69 4.19 26.04 -11.83
CA TYR D 69 2.86 25.49 -11.81
C TYR D 69 2.22 25.60 -10.41
N MET D 70 2.98 25.22 -9.40
CA MET D 70 2.46 25.26 -8.02
C MET D 70 2.26 26.66 -7.44
N THR D 71 2.77 27.68 -8.12
CA THR D 71 2.51 29.06 -7.73
C THR D 71 1.57 29.74 -8.71
N SER D 72 0.96 28.96 -9.63
CA SER D 72 0.09 29.53 -10.67
C SER D 72 -1.34 29.81 -10.21
N GLY D 73 -1.71 29.35 -9.01
CA GLY D 73 -3.01 29.62 -8.42
C GLY D 73 -2.95 29.20 -6.96
N PRO D 74 -3.95 29.57 -6.17
CA PRO D 74 -3.91 29.19 -4.75
C PRO D 74 -4.11 27.71 -4.50
N VAL D 75 -3.70 27.29 -3.31
CA VAL D 75 -3.87 25.95 -2.83
C VAL D 75 -4.69 25.99 -1.58
N VAL D 76 -5.27 24.85 -1.21
CA VAL D 76 -5.95 24.70 0.08
C VAL D 76 -5.19 23.66 0.92
N CYS D 77 -4.72 24.11 2.07
CA CYS D 77 -3.91 23.35 3.02
C CYS D 77 -4.81 22.82 4.12
N MET D 78 -4.60 21.56 4.49
CA MET D 78 -5.41 20.93 5.55
C MET D 78 -4.61 19.97 6.40
N VAL D 79 -5.05 19.83 7.65
CA VAL D 79 -4.54 18.78 8.52
C VAL D 79 -5.77 18.00 9.03
N TRP D 80 -5.70 16.69 8.86
CA TRP D 80 -6.74 15.75 9.25
C TRP D 80 -6.20 14.81 10.32
N GLU D 81 -7.06 14.46 11.27
CA GLU D 81 -6.65 13.64 12.39
C GLU D 81 -7.52 12.43 12.57
N GLY D 82 -6.87 11.30 12.84
CA GLY D 82 -7.58 10.06 13.15
C GLY D 82 -6.68 8.86 12.96
N THR D 83 -7.19 7.70 13.36
CA THR D 83 -6.47 6.45 13.25
C THR D 83 -6.15 6.12 11.79
N ASP D 84 -4.86 5.90 11.53
CA ASP D 84 -4.33 5.47 10.24
C ASP D 84 -4.62 6.49 9.14
N VAL D 85 -4.79 7.76 9.52
CA VAL D 85 -5.19 8.79 8.51
C VAL D 85 -4.15 9.00 7.40
N VAL D 86 -2.87 8.79 7.69
CA VAL D 86 -1.87 8.93 6.61
C VAL D 86 -2.15 7.90 5.47
N LYS D 87 -2.17 6.62 5.84
CA LYS D 87 -2.40 5.56 4.85
C LYS D 87 -3.79 5.62 4.25
N GLN D 88 -4.82 5.78 5.07
CA GLN D 88 -6.20 5.86 4.53
C GLN D 88 -6.37 7.08 3.65
N GLY D 89 -5.76 8.20 4.05
CA GLY D 89 -5.79 9.42 3.23
C GLY D 89 -5.23 9.16 1.85
N ARG D 90 -4.05 8.52 1.77
CA ARG D 90 -3.45 8.22 0.47
C ARG D 90 -4.36 7.29 -0.35
N ARG D 91 -4.97 6.31 0.32
CA ARG D 91 -5.84 5.40 -0.40
C ARG D 91 -7.07 6.12 -0.99
N MET D 92 -7.60 7.09 -0.23
CA MET D 92 -8.73 7.88 -0.67
C MET D 92 -8.36 8.79 -1.84
N LEU D 93 -7.13 9.27 -1.87
CA LEU D 93 -6.68 10.10 -2.98
C LEU D 93 -6.55 9.26 -4.27
N GLY D 94 -6.01 8.05 -4.12
CA GLY D 94 -5.77 7.13 -5.22
C GLY D 94 -4.28 6.94 -5.40
N GLU D 95 -3.88 6.23 -6.44
CA GLU D 95 -2.46 6.11 -6.75
C GLU D 95 -1.98 7.49 -7.22
N THR D 96 -0.67 7.69 -7.17
CA THR D 96 -0.03 8.94 -7.61
C THR D 96 -0.52 9.34 -9.00
N ARG D 97 -0.57 8.34 -9.87
CA ARG D 97 -1.00 8.52 -11.25
C ARG D 97 -2.48 8.28 -11.40
N PRO D 98 -3.22 9.29 -11.90
CA PRO D 98 -4.65 9.08 -12.09
C PRO D 98 -5.01 7.89 -12.99
N LEU D 99 -4.20 7.64 -14.02
CA LEU D 99 -4.49 6.52 -14.94
C LEU D 99 -4.32 5.16 -14.25
N GLU D 100 -3.80 5.17 -13.03
CA GLU D 100 -3.64 3.95 -12.27
C GLU D 100 -4.56 3.92 -11.08
N SER D 101 -5.39 4.94 -10.93
CA SER D 101 -6.29 5.05 -9.75
C SER D 101 -7.66 4.47 -10.04
N ASN D 102 -8.23 3.82 -9.04
CA ASN D 102 -9.51 3.18 -9.22
C ASN D 102 -10.68 4.12 -9.08
N PRO D 103 -11.78 3.83 -9.80
CA PRO D 103 -13.00 4.58 -9.58
C PRO D 103 -13.38 4.50 -8.10
N GLY D 104 -13.86 5.61 -7.54
CA GLY D 104 -14.14 5.69 -6.12
C GLY D 104 -13.12 6.53 -5.40
N THR D 105 -11.90 6.59 -5.95
CA THR D 105 -10.84 7.46 -5.42
C THR D 105 -10.94 8.85 -6.01
N LEU D 106 -10.33 9.85 -5.36
CA LEU D 106 -10.43 11.21 -5.89
C LEU D 106 -9.78 11.34 -7.26
N ARG D 107 -8.59 10.77 -7.42
CA ARG D 107 -7.89 10.89 -8.70
C ARG D 107 -8.52 10.02 -9.74
N GLY D 108 -9.03 8.88 -9.32
CA GLY D 108 -9.71 7.98 -10.24
C GLY D 108 -11.04 8.53 -10.72
N ASP D 109 -11.68 9.37 -9.90
CA ASP D 109 -12.99 9.93 -10.28
C ASP D 109 -12.84 11.23 -11.07
N PHE D 110 -11.79 11.99 -10.80
CA PHE D 110 -11.68 13.34 -11.31
C PHE D 110 -10.47 13.72 -12.15
N CYS D 111 -9.49 12.84 -12.31
CA CYS D 111 -8.18 13.21 -12.93
C CYS D 111 -7.69 12.33 -14.04
N ILE D 112 -6.80 12.90 -14.86
CA ILE D 112 -6.24 12.19 -15.99
C ILE D 112 -4.71 12.21 -16.03
N ASP D 113 -4.12 13.39 -15.83
CA ASP D 113 -2.68 13.57 -15.88
C ASP D 113 -2.00 13.56 -14.50
N VAL D 114 -0.86 12.90 -14.40
CA VAL D 114 -0.18 12.86 -13.10
C VAL D 114 0.26 14.28 -12.67
N GLY D 115 0.55 15.13 -13.64
CA GLY D 115 0.95 16.50 -13.33
C GLY D 115 -0.20 17.42 -13.01
N ARG D 116 -1.41 16.88 -13.09
CA ARG D 116 -2.65 17.60 -12.73
C ARG D 116 -3.49 16.65 -11.93
N ASN D 117 -2.95 16.21 -10.79
CA ASN D 117 -3.61 15.17 -9.99
C ASN D 117 -4.28 15.69 -8.70
N ILE D 118 -4.70 16.95 -8.78
CA ILE D 118 -5.52 17.78 -7.88
C ILE D 118 -5.23 17.88 -6.39
N VAL D 119 -4.52 16.90 -5.82
CA VAL D 119 -4.37 16.85 -4.40
C VAL D 119 -3.06 16.15 -4.05
N HIS D 120 -2.53 16.50 -2.89
CA HIS D 120 -1.36 15.86 -2.29
C HIS D 120 -1.75 15.36 -0.90
N GLY D 121 -1.20 14.21 -0.50
CA GLY D 121 -1.31 13.71 0.87
C GLY D 121 0.03 13.18 1.33
N SER D 122 0.37 13.38 2.61
CA SER D 122 1.62 12.88 3.15
C SER D 122 1.74 11.38 2.89
N ASP D 123 2.95 10.94 2.59
CA ASP D 123 3.22 9.53 2.32
C ASP D 123 3.57 8.70 3.56
N SER D 124 3.85 9.36 4.68
CA SER D 124 4.19 8.67 5.91
C SER D 124 3.95 9.58 7.12
N VAL D 125 3.88 9.00 8.31
CA VAL D 125 3.72 9.80 9.52
C VAL D 125 4.88 10.78 9.65
N GLU D 126 6.07 10.32 9.36
CA GLU D 126 7.26 11.16 9.47
C GLU D 126 7.21 12.35 8.53
N SER D 127 6.85 12.10 7.27
CA SER D 127 6.78 13.19 6.34
C SER D 127 5.57 14.07 6.65
N ALA D 128 4.48 13.48 7.14
CA ALA D 128 3.36 14.29 7.58
C ALA D 128 3.77 15.30 8.64
N ASN D 129 4.52 14.86 9.64
CA ASN D 129 4.93 15.78 10.71
C ASN D 129 5.77 16.92 10.16
N LYS D 130 6.65 16.59 9.22
CA LYS D 130 7.49 17.59 8.54
C LYS D 130 6.63 18.57 7.73
N GLU D 131 5.70 18.04 6.95
CA GLU D 131 4.85 18.87 6.12
C GLU D 131 3.95 19.79 6.92
N ILE D 132 3.35 19.26 7.97
CA ILE D 132 2.49 20.05 8.81
C ILE D 132 3.26 21.23 9.40
N SER D 133 4.50 21.01 9.83
N SER D 133 4.49 20.99 9.82
CA SER D 133 5.32 22.08 10.43
CA SER D 133 5.31 22.05 10.42
C SER D 133 5.83 23.08 9.39
C SER D 133 5.68 23.10 9.37
N LEU D 134 5.88 22.66 8.13
CA LEU D 134 6.29 23.57 7.06
C LEU D 134 5.17 24.51 6.65
N TRP D 135 3.97 23.94 6.57
CA TRP D 135 2.82 24.63 6.03
C TRP D 135 1.90 25.32 7.01
N PHE D 136 1.98 24.92 8.28
CA PHE D 136 1.19 25.47 9.36
C PHE D 136 2.08 25.79 10.57
N THR D 137 1.65 26.78 11.36
CA THR D 137 2.29 27.07 12.63
C THR D 137 1.46 26.29 13.65
N PRO D 138 2.04 25.98 14.82
CA PRO D 138 1.26 25.28 15.86
C PRO D 138 -0.03 26.01 16.26
N GLU D 139 -0.01 27.34 16.18
CA GLU D 139 -1.16 28.16 16.57
C GLU D 139 -2.33 28.02 15.61
N GLU D 140 -2.09 27.48 14.42
CA GLU D 140 -3.18 27.29 13.44
C GLU D 140 -3.91 25.96 13.60
N ILE D 141 -3.39 25.10 14.46
CA ILE D 141 -4.01 23.81 14.68
C ILE D 141 -5.05 23.96 15.77
N CYS D 142 -6.25 23.47 15.50
CA CYS D 142 -7.37 23.67 16.41
C CYS D 142 -7.67 22.36 17.14
N GLU D 143 -7.77 22.44 18.47
CA GLU D 143 -8.04 21.30 19.30
C GLU D 143 -9.53 21.21 19.48
N TRP D 144 -10.12 20.04 19.24
CA TRP D 144 -11.54 19.84 19.53
C TRP D 144 -11.92 18.39 19.57
N THR D 145 -13.11 18.14 20.11
CA THR D 145 -13.60 16.79 20.28
C THR D 145 -14.93 16.66 19.58
N SER D 146 -15.01 15.69 18.67
CA SER D 146 -16.22 15.46 17.88
C SER D 146 -17.32 14.80 18.69
N ALA D 147 -18.53 15.30 18.48
CA ALA D 147 -19.72 14.73 19.09
C ALA D 147 -19.91 13.26 18.72
N GLN D 148 -19.43 12.88 17.53
CA GLN D 148 -19.58 11.49 17.07
C GLN D 148 -18.40 10.60 17.45
N HIS D 149 -17.48 11.08 18.28
CA HIS D 149 -16.30 10.30 18.58
C HIS D 149 -16.61 8.87 19.04
N LYS D 150 -17.57 8.71 19.95
CA LYS D 150 -17.87 7.37 20.51
C LYS D 150 -18.59 6.43 19.53
N TRP D 151 -19.03 7.00 18.40
CA TRP D 151 -19.69 6.20 17.34
C TRP D 151 -18.77 5.92 16.16
N VAL D 152 -17.67 6.66 16.05
CA VAL D 152 -16.65 6.43 15.03
C VAL D 152 -15.57 5.51 15.59
N TYR D 153 -15.34 5.62 16.90
CA TYR D 153 -14.28 4.88 17.55
C TYR D 153 -14.75 4.03 18.69
N GLU D 154 -14.14 2.87 18.79
CA GLU D 154 -14.38 2.00 19.95
C GLU D 154 -13.51 2.50 21.10
N GLN D 155 -13.87 2.21 22.34
CA GLN D 155 -13.02 2.70 23.46
C GLN D 155 -11.59 2.21 23.31
N GLY D 156 -10.64 3.09 23.60
CA GLY D 156 -9.23 2.73 23.49
C GLY D 156 -8.76 1.74 24.56
N GLU D 157 -7.63 1.11 24.26
N GLU D 157 -7.65 1.08 24.27
CA GLU D 157 -6.99 0.19 25.17
CA GLU D 157 -7.04 0.17 25.21
C GLU D 157 -6.06 1.01 26.05
C GLU D 157 -6.08 1.00 26.06
N ASN D 158 -5.63 0.43 27.17
CA ASN D 158 -4.64 1.07 28.04
C ASN D 158 -4.95 2.52 28.48
N LEU D 159 -6.19 2.78 28.88
CA LEU D 159 -6.56 4.11 29.38
C LEU D 159 -6.03 4.27 30.80
N TYR D 160 -5.80 5.51 31.19
CA TYR D 160 -5.18 5.82 32.47
C TYR D 160 -6.16 6.28 33.56
N ALA E 3 28.75 -27.93 -27.20
CA ALA E 3 28.17 -29.18 -26.64
C ALA E 3 28.50 -29.33 -25.17
N LYS E 4 29.73 -28.99 -24.78
CA LYS E 4 30.09 -29.17 -23.39
C LYS E 4 29.29 -28.21 -22.49
N GLN E 5 28.98 -26.99 -22.98
CA GLN E 5 28.18 -26.00 -22.23
C GLN E 5 26.73 -26.47 -22.08
N GLN E 6 26.32 -27.46 -22.86
CA GLN E 6 24.95 -27.93 -22.81
C GLN E 6 24.77 -29.09 -21.84
N GLU E 7 25.84 -29.49 -21.13
CA GLU E 7 25.73 -30.57 -20.15
C GLU E 7 24.69 -30.25 -19.07
N ARG E 8 23.93 -31.27 -18.66
CA ARG E 8 22.88 -31.10 -17.66
C ARG E 8 23.01 -32.09 -16.53
N THR E 9 22.51 -31.70 -15.34
CA THR E 9 22.47 -32.60 -14.20
C THR E 9 21.14 -32.47 -13.50
N TYR E 10 20.77 -33.52 -12.78
CA TYR E 10 19.57 -33.53 -12.00
C TYR E 10 19.94 -33.30 -10.55
N ILE E 11 19.34 -32.28 -9.95
CA ILE E 11 19.54 -31.95 -8.53
C ILE E 11 18.18 -32.06 -7.84
N MET E 12 18.14 -32.67 -6.67
CA MET E 12 16.87 -32.86 -5.96
C MET E 12 17.03 -32.50 -4.50
N VAL E 13 16.19 -31.60 -4.02
CA VAL E 13 16.15 -31.31 -2.56
C VAL E 13 15.29 -32.42 -1.97
N LYS E 14 15.87 -33.17 -1.06
CA LYS E 14 15.19 -34.29 -0.42
C LYS E 14 14.23 -33.79 0.65
N PRO E 15 13.41 -34.69 1.24
CA PRO E 15 12.40 -34.18 2.15
C PRO E 15 12.93 -33.40 3.32
N ASP E 16 14.09 -33.79 3.84
CA ASP E 16 14.69 -33.07 4.96
C ASP E 16 15.12 -31.68 4.56
N GLY E 17 15.57 -31.51 3.32
CA GLY E 17 15.97 -30.17 2.84
C GLY E 17 14.77 -29.26 2.74
N VAL E 18 13.60 -29.78 2.33
CA VAL E 18 12.39 -28.98 2.28
C VAL E 18 11.91 -28.62 3.70
N GLN E 19 11.86 -29.62 4.58
CA GLN E 19 11.41 -29.40 5.97
C GLN E 19 12.25 -28.37 6.71
N ARG E 20 13.56 -28.40 6.43
CA ARG E 20 14.52 -27.53 7.12
C ARG E 20 14.68 -26.15 6.47
N GLY E 21 13.93 -25.91 5.41
CA GLY E 21 13.93 -24.55 4.80
C GLY E 21 15.13 -24.22 4.02
N LEU E 22 15.70 -25.23 3.35
CA LEU E 22 16.94 -25.09 2.64
C LEU E 22 16.77 -25.07 1.11
N VAL E 23 15.51 -24.95 0.61
CA VAL E 23 15.32 -24.93 -0.85
C VAL E 23 16.06 -23.71 -1.48
N SER E 24 15.87 -22.54 -0.88
CA SER E 24 16.51 -21.34 -1.47
C SER E 24 18.02 -21.46 -1.48
N GLU E 25 18.61 -22.06 -0.44
CA GLU E 25 20.05 -22.17 -0.35
C GLU E 25 20.64 -23.13 -1.41
N VAL E 26 19.96 -24.24 -1.67
CA VAL E 26 20.40 -25.18 -2.70
C VAL E 26 20.38 -24.48 -4.05
N ILE E 27 19.27 -23.81 -4.36
CA ILE E 27 19.16 -23.08 -5.63
C ILE E 27 20.25 -22.05 -5.73
N ARG E 28 20.47 -21.29 -4.64
CA ARG E 28 21.51 -20.25 -4.65
C ARG E 28 22.86 -20.75 -5.08
N ARG E 29 23.29 -21.89 -4.56
CA ARG E 29 24.61 -22.37 -4.88
C ARG E 29 24.79 -22.51 -6.41
N PHE E 30 23.77 -23.04 -7.11
CA PHE E 30 23.87 -23.20 -8.56
C PHE E 30 23.66 -21.89 -9.30
N GLU E 31 22.66 -21.14 -8.88
CA GLU E 31 22.27 -19.89 -9.54
C GLU E 31 23.43 -18.88 -9.53
N GLN E 32 24.08 -18.71 -8.37
CA GLN E 32 25.15 -17.72 -8.25
C GLN E 32 26.42 -18.09 -9.00
N ARG E 33 26.58 -19.39 -9.28
CA ARG E 33 27.76 -19.92 -9.97
C ARG E 33 27.70 -19.71 -11.49
N GLY E 34 26.50 -19.40 -12.01
CA GLY E 34 26.33 -19.15 -13.45
C GLY E 34 25.73 -20.34 -14.15
N TYR E 35 25.35 -21.36 -13.38
CA TYR E 35 24.62 -22.49 -13.99
C TYR E 35 23.19 -22.03 -14.28
N LYS E 36 22.61 -22.62 -15.33
CA LYS E 36 21.29 -22.23 -15.82
C LYS E 36 20.24 -23.20 -15.39
N LEU E 37 19.22 -22.69 -14.74
CA LEU E 37 18.10 -23.50 -14.31
C LEU E 37 17.19 -23.70 -15.50
N VAL E 38 16.96 -24.96 -15.88
CA VAL E 38 16.13 -25.24 -17.06
C VAL E 38 14.88 -26.06 -16.76
N ALA E 39 14.78 -26.60 -15.55
CA ALA E 39 13.55 -27.29 -15.15
C ALA E 39 13.50 -27.28 -13.64
N LEU E 40 12.28 -27.16 -13.11
CA LEU E 40 12.08 -27.05 -11.66
C LEU E 40 10.66 -27.44 -11.29
N LYS E 41 10.50 -28.25 -10.25
CA LYS E 41 9.16 -28.51 -9.75
C LYS E 41 9.21 -29.12 -8.36
N MET E 42 8.18 -28.82 -7.57
CA MET E 42 7.97 -29.50 -6.31
C MET E 42 7.08 -30.68 -6.64
N LYS E 43 7.37 -31.81 -6.04
CA LYS E 43 6.62 -33.02 -6.34
C LYS E 43 6.55 -33.92 -5.12
N SER E 44 5.46 -34.70 -5.03
CA SER E 44 5.32 -35.76 -4.03
C SER E 44 5.23 -37.06 -4.81
N PRO E 45 6.40 -37.58 -5.26
CA PRO E 45 6.42 -38.75 -6.15
C PRO E 45 5.88 -40.00 -5.52
N ASP E 46 5.39 -40.90 -6.38
N ASP E 46 5.33 -40.88 -6.35
CA ASP E 46 4.90 -42.19 -5.96
CA ASP E 46 4.86 -42.18 -5.90
C ASP E 46 6.09 -43.10 -5.67
C ASP E 46 6.11 -43.03 -5.56
N ALA E 47 5.90 -44.07 -4.78
CA ALA E 47 6.99 -45.01 -4.47
C ALA E 47 7.60 -45.67 -5.71
N THR E 48 6.75 -45.90 -6.72
N THR E 48 6.77 -46.05 -6.69
CA THR E 48 7.15 -46.48 -8.03
CA THR E 48 7.24 -46.70 -7.93
C THR E 48 8.25 -45.64 -8.74
C THR E 48 8.36 -45.94 -8.65
N LEU E 49 8.11 -44.32 -8.74
N LEU E 49 8.19 -44.62 -8.74
CA LEU E 49 9.12 -43.43 -9.33
CA LEU E 49 9.16 -43.74 -9.38
C LEU E 49 10.42 -43.49 -8.55
C LEU E 49 10.44 -43.70 -8.53
N LEU E 50 10.30 -43.49 -7.23
CA LEU E 50 11.49 -43.51 -6.35
C LEU E 50 12.23 -44.84 -6.44
N GLU E 51 11.50 -45.94 -6.58
N GLU E 51 11.50 -45.94 -6.57
CA GLU E 51 12.11 -47.27 -6.70
CA GLU E 51 12.15 -47.25 -6.70
C GLU E 51 12.95 -47.38 -7.99
C GLU E 51 13.00 -47.30 -7.97
N GLU E 52 12.50 -46.71 -9.06
CA GLU E 52 13.26 -46.67 -10.31
C GLU E 52 14.46 -45.73 -10.13
N HIS E 53 14.25 -44.60 -9.46
CA HIS E 53 15.35 -43.65 -9.20
C HIS E 53 16.47 -44.36 -8.45
N TYR E 54 16.09 -45.16 -7.47
CA TYR E 54 17.02 -45.90 -6.64
C TYR E 54 17.18 -47.37 -7.04
N ALA E 55 17.03 -47.65 -8.34
CA ALA E 55 17.08 -49.00 -8.81
C ALA E 55 18.36 -49.75 -8.40
N ASP E 56 19.49 -49.06 -8.34
N ASP E 56 19.49 -49.06 -8.36
CA ASP E 56 20.75 -49.71 -8.00
CA ASP E 56 20.75 -49.69 -7.99
C ASP E 56 20.78 -50.22 -6.56
C ASP E 56 20.77 -50.22 -6.56
N LEU E 57 19.86 -49.74 -5.72
CA LEU E 57 19.81 -50.14 -4.32
C LEU E 57 18.78 -51.23 -4.00
N LYS E 58 18.03 -51.64 -5.00
CA LYS E 58 17.04 -52.71 -4.79
C LYS E 58 17.69 -53.91 -4.18
N GLY E 59 17.02 -54.47 -3.17
CA GLY E 59 17.51 -55.65 -2.48
C GLY E 59 18.26 -55.37 -1.21
N LYS E 60 18.76 -54.15 -1.06
CA LYS E 60 19.44 -53.77 0.17
C LYS E 60 18.43 -53.82 1.31
N PRO E 61 18.86 -54.24 2.52
CA PRO E 61 17.91 -54.31 3.64
C PRO E 61 17.26 -52.97 4.01
N PHE E 62 17.92 -51.86 3.70
CA PHE E 62 17.36 -50.55 4.05
C PHE E 62 16.49 -49.99 2.95
N PHE E 63 16.37 -50.71 1.83
CA PHE E 63 15.66 -50.16 0.66
C PHE E 63 14.21 -49.75 0.95
N PRO E 64 13.40 -50.67 1.53
CA PRO E 64 12.01 -50.25 1.81
C PRO E 64 11.92 -49.02 2.72
N GLY E 65 12.76 -48.96 3.75
CA GLY E 65 12.82 -47.80 4.64
C GLY E 65 13.23 -46.51 3.94
N LEU E 66 14.13 -46.62 2.96
CA LEU E 66 14.58 -45.46 2.14
C LEU E 66 13.41 -44.94 1.31
N ILE E 67 12.68 -45.83 0.64
CA ILE E 67 11.54 -45.41 -0.16
C ILE E 67 10.48 -44.75 0.72
N SER E 68 10.18 -45.34 1.88
N SER E 68 10.19 -45.34 1.89
CA SER E 68 9.16 -44.72 2.77
CA SER E 68 9.21 -44.74 2.79
C SER E 68 9.64 -43.36 3.30
C SER E 68 9.67 -43.35 3.19
N TYR E 69 10.94 -43.23 3.56
CA TYR E 69 11.49 -41.95 3.94
C TYR E 69 11.36 -40.92 2.80
N MET E 70 11.63 -41.36 1.58
CA MET E 70 11.64 -40.44 0.46
C MET E 70 10.24 -40.04 0.00
N THR E 71 9.21 -40.71 0.53
CA THR E 71 7.83 -40.34 0.27
C THR E 71 7.22 -39.64 1.50
N SER E 72 8.03 -39.35 2.52
CA SER E 72 7.49 -38.77 3.77
C SER E 72 7.26 -37.24 3.73
N GLY E 73 7.70 -36.58 2.67
CA GLY E 73 7.48 -35.14 2.45
C GLY E 73 7.83 -34.85 1.01
N PRO E 74 7.43 -33.68 0.48
CA PRO E 74 7.71 -33.38 -0.91
C PRO E 74 9.18 -33.14 -1.15
N VAL E 75 9.55 -33.24 -2.41
CA VAL E 75 10.89 -32.98 -2.86
C VAL E 75 10.83 -31.87 -3.87
N VAL E 76 11.98 -31.26 -4.13
CA VAL E 76 12.11 -30.25 -5.18
C VAL E 76 13.07 -30.79 -6.22
N CYS E 77 12.59 -30.89 -7.47
CA CYS E 77 13.36 -31.47 -8.57
C CYS E 77 13.87 -30.35 -9.46
N MET E 78 15.12 -30.44 -9.89
CA MET E 78 15.72 -29.42 -10.73
C MET E 78 16.61 -29.98 -11.80
N VAL E 79 16.72 -29.24 -12.91
CA VAL E 79 17.72 -29.59 -13.90
C VAL E 79 18.55 -28.32 -14.11
N TRP E 80 19.86 -28.47 -14.01
CA TRP E 80 20.79 -27.36 -14.22
C TRP E 80 21.68 -27.67 -15.41
N GLU E 81 21.99 -26.62 -16.16
CA GLU E 81 22.77 -26.72 -17.39
C GLU E 81 24.02 -25.83 -17.37
N GLY E 82 25.14 -26.41 -17.81
CA GLY E 82 26.38 -25.66 -18.03
C GLY E 82 27.57 -26.57 -18.01
N THR E 83 28.73 -26.03 -18.37
CA THR E 83 29.92 -26.81 -18.50
C THR E 83 30.30 -27.54 -17.22
N ASP E 84 30.49 -28.86 -17.34
CA ASP E 84 30.93 -29.72 -16.23
C ASP E 84 29.99 -29.69 -15.01
N VAL E 85 28.71 -29.37 -15.26
CA VAL E 85 27.77 -29.22 -14.17
C VAL E 85 27.57 -30.49 -13.34
N VAL E 86 27.72 -31.67 -13.93
CA VAL E 86 27.54 -32.89 -13.15
C VAL E 86 28.58 -32.95 -12.03
N LYS E 87 29.85 -32.83 -12.44
CA LYS E 87 30.97 -32.92 -11.50
C LYS E 87 30.99 -31.73 -10.54
N GLN E 88 30.86 -30.53 -11.08
CA GLN E 88 30.82 -29.32 -10.22
C GLN E 88 29.64 -29.35 -9.25
N GLY E 89 28.49 -29.83 -9.71
CA GLY E 89 27.30 -29.93 -8.88
C GLY E 89 27.58 -30.82 -7.68
N ARG E 90 28.18 -32.00 -7.93
CA ARG E 90 28.53 -32.92 -6.82
C ARG E 90 29.51 -32.26 -5.85
N ARG E 91 30.50 -31.57 -6.38
N ARG E 91 30.52 -31.58 -6.38
CA ARG E 91 31.49 -30.90 -5.52
CA ARG E 91 31.47 -30.87 -5.50
C ARG E 91 30.83 -29.80 -4.65
C ARG E 91 30.77 -29.86 -4.61
N MET E 92 29.82 -29.14 -5.19
CA MET E 92 29.11 -28.11 -4.45
C MET E 92 28.22 -28.71 -3.34
N LEU E 93 27.70 -29.91 -3.58
CA LEU E 93 26.87 -30.56 -2.58
C LEU E 93 27.74 -31.02 -1.43
N GLY E 94 28.96 -31.47 -1.75
CA GLY E 94 29.87 -32.04 -0.75
C GLY E 94 29.94 -33.57 -0.90
N GLU E 95 30.66 -34.23 0.01
CA GLU E 95 30.71 -35.68 -0.03
C GLU E 95 29.33 -36.22 0.36
N THR E 96 29.03 -37.45 -0.04
CA THR E 96 27.79 -38.12 0.34
C THR E 96 27.57 -38.03 1.84
N ARG E 97 28.64 -38.30 2.58
CA ARG E 97 28.63 -38.21 4.03
C ARG E 97 28.88 -36.77 4.51
N PRO E 98 27.89 -36.16 5.16
CA PRO E 98 28.13 -34.83 5.72
C PRO E 98 29.34 -34.76 6.66
N LEU E 99 29.61 -35.82 7.42
CA LEU E 99 30.75 -35.76 8.35
C LEU E 99 32.12 -35.75 7.63
N GLU E 100 32.12 -36.00 6.33
N GLU E 100 32.10 -36.03 6.34
CA GLU E 100 33.35 -35.95 5.53
CA GLU E 100 33.31 -35.99 5.50
C GLU E 100 33.34 -34.71 4.63
C GLU E 100 33.25 -34.83 4.50
N SER E 101 32.24 -33.97 4.65
CA SER E 101 32.10 -32.83 3.75
C SER E 101 32.76 -31.59 4.31
N ASN E 102 33.36 -30.81 3.43
CA ASN E 102 34.05 -29.62 3.88
C ASN E 102 33.16 -28.39 4.08
N PRO E 103 33.52 -27.51 5.05
CA PRO E 103 32.80 -26.25 5.17
C PRO E 103 32.84 -25.55 3.81
N GLY E 104 31.73 -24.91 3.45
CA GLY E 104 31.61 -24.28 2.14
C GLY E 104 30.73 -25.08 1.21
N THR E 105 30.64 -26.38 1.43
CA THR E 105 29.74 -27.25 0.65
C THR E 105 28.35 -27.26 1.32
N LEU E 106 27.32 -27.63 0.56
CA LEU E 106 25.99 -27.68 1.13
C LEU E 106 25.88 -28.62 2.34
N ARG E 107 26.39 -29.83 2.21
CA ARG E 107 26.29 -30.78 3.31
C ARG E 107 27.23 -30.44 4.43
N GLY E 108 28.38 -29.88 4.11
CA GLY E 108 29.31 -29.52 5.17
C GLY E 108 28.81 -28.36 6.00
N ASP E 109 28.01 -27.50 5.39
CA ASP E 109 27.47 -26.32 6.06
C ASP E 109 26.18 -26.62 6.84
N PHE E 110 25.38 -27.55 6.32
CA PHE E 110 24.03 -27.74 6.85
C PHE E 110 23.62 -29.12 7.36
N CYS E 111 24.47 -30.14 7.25
CA CYS E 111 24.07 -31.54 7.54
C CYS E 111 24.99 -32.27 8.46
N ILE E 112 24.44 -33.31 9.06
CA ILE E 112 25.16 -34.14 10.01
C ILE E 112 25.07 -35.64 9.68
N ASP E 113 23.88 -36.13 9.41
CA ASP E 113 23.65 -37.58 9.13
C ASP E 113 23.59 -37.89 7.62
N VAL E 114 24.30 -38.92 7.19
CA VAL E 114 24.30 -39.31 5.77
C VAL E 114 22.86 -39.64 5.29
N GLY E 115 22.04 -40.15 6.20
CA GLY E 115 20.63 -40.42 5.91
C GLY E 115 19.72 -39.18 5.86
N ARG E 116 20.27 -38.02 6.17
CA ARG E 116 19.54 -36.76 6.18
C ARG E 116 20.51 -35.74 5.61
N ASN E 117 20.88 -35.98 4.35
CA ASN E 117 21.90 -35.18 3.67
C ASN E 117 21.36 -34.25 2.61
N ILE E 118 20.11 -33.83 2.85
CA ILE E 118 19.31 -32.78 2.17
C ILE E 118 19.17 -32.70 0.65
N VAL E 119 20.11 -33.27 -0.09
CA VAL E 119 20.13 -33.07 -1.52
C VAL E 119 20.78 -34.24 -2.24
N HIS E 120 20.35 -34.43 -3.49
CA HIS E 120 20.90 -35.42 -4.40
C HIS E 120 21.38 -34.72 -5.64
N GLY E 121 22.50 -35.21 -6.17
CA GLY E 121 23.01 -34.77 -7.49
C GLY E 121 23.41 -35.99 -8.31
N SER E 122 23.15 -35.95 -9.61
CA SER E 122 23.54 -37.06 -10.48
C SER E 122 25.04 -37.34 -10.34
N ASP E 123 25.42 -38.62 -10.34
CA ASP E 123 26.84 -38.98 -10.20
C ASP E 123 27.63 -39.03 -11.49
N SER E 124 26.95 -38.98 -12.64
CA SER E 124 27.63 -39.02 -13.94
C SER E 124 26.72 -38.42 -15.02
N VAL E 125 27.30 -38.13 -16.18
CA VAL E 125 26.50 -37.64 -17.29
C VAL E 125 25.47 -38.70 -17.69
N GLU E 126 25.89 -39.96 -17.69
CA GLU E 126 24.99 -41.06 -17.99
C GLU E 126 23.81 -41.16 -17.02
N SER E 127 24.07 -41.11 -15.71
N SER E 127 24.10 -41.09 -15.72
CA SER E 127 22.95 -41.21 -14.77
CA SER E 127 23.05 -41.15 -14.70
C SER E 127 22.10 -39.92 -14.80
C SER E 127 22.14 -39.93 -14.81
N ALA E 128 22.75 -38.78 -15.04
CA ALA E 128 22.01 -37.50 -15.17
C ALA E 128 21.01 -37.59 -16.31
N ASN E 129 21.42 -38.10 -17.48
CA ASN E 129 20.48 -38.21 -18.58
C ASN E 129 19.31 -39.14 -18.23
N LYS E 130 19.58 -40.21 -17.49
N LYS E 130 19.61 -40.20 -17.49
CA LYS E 130 18.52 -41.11 -17.06
CA LYS E 130 18.59 -41.14 -17.02
C LYS E 130 17.60 -40.41 -16.05
C LYS E 130 17.62 -40.47 -16.03
N GLU E 131 18.18 -39.74 -15.06
CA GLU E 131 17.40 -39.08 -14.04
C GLU E 131 16.53 -37.95 -14.58
N ILE E 132 17.06 -37.15 -15.49
CA ILE E 132 16.31 -36.05 -16.07
C ILE E 132 15.05 -36.57 -16.80
N SER E 133 15.19 -37.63 -17.60
N SER E 133 15.20 -37.62 -17.61
CA SER E 133 14.04 -38.19 -18.36
CA SER E 133 14.07 -38.21 -18.35
C SER E 133 13.07 -38.99 -17.48
C SER E 133 13.07 -38.88 -17.43
N LEU E 134 13.54 -39.43 -16.31
CA LEU E 134 12.70 -40.11 -15.35
C LEU E 134 11.78 -39.12 -14.62
N TRP E 135 12.36 -37.99 -14.18
CA TRP E 135 11.63 -37.00 -13.40
C TRP E 135 10.91 -35.89 -14.18
N PHE E 136 11.32 -35.64 -15.42
CA PHE E 136 10.76 -34.56 -16.21
C PHE E 136 10.43 -35.02 -17.62
N THR E 137 9.37 -34.47 -18.20
CA THR E 137 9.05 -34.67 -19.62
C THR E 137 9.83 -33.61 -20.40
N PRO E 138 10.03 -33.82 -21.71
CA PRO E 138 10.74 -32.78 -22.46
C PRO E 138 10.03 -31.44 -22.47
N GLU E 139 8.69 -31.47 -22.38
CA GLU E 139 7.91 -30.24 -22.37
C GLU E 139 8.13 -29.42 -21.08
N GLU E 140 8.64 -30.04 -20.03
CA GLU E 140 8.96 -29.31 -18.78
C GLU E 140 10.35 -28.68 -18.77
N ILE E 141 11.15 -28.95 -19.81
CA ILE E 141 12.49 -28.39 -19.88
C ILE E 141 12.40 -27.10 -20.69
N CYS E 142 12.86 -26.01 -20.10
CA CYS E 142 12.73 -24.69 -20.66
C CYS E 142 14.04 -24.25 -21.35
N GLU E 143 13.92 -23.95 -22.63
CA GLU E 143 15.03 -23.48 -23.44
C GLU E 143 15.11 -21.96 -23.28
N TRP E 144 16.26 -21.45 -22.85
CA TRP E 144 16.48 -20.01 -22.80
C TRP E 144 17.95 -19.67 -22.82
N THR E 145 18.26 -18.40 -23.06
CA THR E 145 19.65 -17.95 -23.13
C THR E 145 19.87 -16.86 -22.09
N SER E 146 20.84 -17.07 -21.22
CA SER E 146 21.11 -16.07 -20.16
C SER E 146 21.75 -14.82 -20.72
N ALA E 147 21.30 -13.67 -20.21
CA ALA E 147 21.90 -12.38 -20.56
C ALA E 147 23.37 -12.33 -20.22
N GLN E 148 23.78 -13.11 -19.21
CA GLN E 148 25.19 -13.12 -18.79
C GLN E 148 26.04 -14.17 -19.47
N HIS E 149 25.49 -14.86 -20.47
CA HIS E 149 26.24 -15.94 -21.11
C HIS E 149 27.67 -15.57 -21.55
N LYS E 150 27.81 -14.45 -22.24
CA LYS E 150 29.12 -14.01 -22.77
C LYS E 150 30.09 -13.56 -21.67
N TRP E 151 29.58 -13.41 -20.44
CA TRP E 151 30.42 -13.03 -19.31
C TRP E 151 30.70 -14.24 -18.41
N VAL E 152 29.91 -15.31 -18.54
CA VAL E 152 30.14 -16.56 -17.81
C VAL E 152 31.03 -17.50 -18.64
N TYR E 153 30.89 -17.43 -19.97
CA TYR E 153 31.63 -18.31 -20.88
C TYR E 153 32.43 -17.53 -21.91
N GLU E 154 33.60 -18.07 -22.21
CA GLU E 154 34.44 -17.51 -23.27
C GLU E 154 33.97 -18.13 -24.59
N GLN E 155 33.60 -17.32 -25.56
CA GLN E 155 33.10 -17.87 -26.84
C GLN E 155 34.14 -17.63 -27.94
N ALA F 3 22.98 -42.56 22.22
CA ALA F 3 24.03 -41.79 22.94
C ALA F 3 24.91 -40.97 21.97
N LYS F 4 25.06 -41.45 20.75
CA LYS F 4 25.90 -40.76 19.75
C LYS F 4 25.48 -39.30 19.52
N GLN F 5 24.18 -39.07 19.34
CA GLN F 5 23.62 -37.71 19.15
C GLN F 5 23.77 -36.84 20.39
N GLN F 6 24.14 -37.43 21.51
CA GLN F 6 24.30 -36.66 22.72
C GLN F 6 25.73 -36.12 22.89
N GLU F 7 26.66 -36.39 21.96
CA GLU F 7 28.02 -35.84 22.12
C GLU F 7 27.98 -34.34 22.26
N ARG F 8 28.83 -33.80 23.15
CA ARG F 8 28.91 -32.36 23.37
C ARG F 8 30.33 -31.83 23.22
N THR F 9 30.43 -30.58 22.76
CA THR F 9 31.72 -29.90 22.74
C THR F 9 31.62 -28.52 23.34
N TYR F 10 32.77 -28.00 23.77
CA TYR F 10 32.87 -26.66 24.32
C TYR F 10 33.46 -25.75 23.25
N ILE F 11 32.75 -24.69 22.91
CA ILE F 11 33.20 -23.67 21.92
C ILE F 11 33.26 -22.32 22.65
N MET F 12 34.36 -21.60 22.49
CA MET F 12 34.53 -20.32 23.15
C MET F 12 34.95 -19.26 22.13
N VAL F 13 34.22 -18.16 22.07
CA VAL F 13 34.66 -17.01 21.26
C VAL F 13 35.63 -16.24 22.11
N LYS F 14 36.87 -16.16 21.62
CA LYS F 14 37.96 -15.49 22.32
C LYS F 14 37.80 -13.97 22.26
N PRO F 15 38.60 -13.23 23.04
CA PRO F 15 38.35 -11.77 23.12
C PRO F 15 38.38 -11.08 21.78
N ASP F 16 39.23 -11.55 20.88
CA ASP F 16 39.28 -10.97 19.53
C ASP F 16 38.00 -11.21 18.74
N GLY F 17 37.37 -12.35 18.94
CA GLY F 17 36.08 -12.66 18.28
C GLY F 17 34.98 -11.72 18.71
N VAL F 18 34.94 -11.43 20.02
CA VAL F 18 33.97 -10.50 20.54
C VAL F 18 34.24 -9.09 20.04
N GLN F 19 35.50 -8.63 20.13
CA GLN F 19 35.87 -7.29 19.70
C GLN F 19 35.58 -7.02 18.24
N ARG F 20 35.76 -8.06 17.44
CA ARG F 20 35.57 -7.93 16.00
C ARG F 20 34.12 -8.17 15.53
N GLY F 21 33.19 -8.36 16.48
CA GLY F 21 31.78 -8.52 16.13
C GLY F 21 31.44 -9.82 15.41
N LEU F 22 32.11 -10.91 15.81
CA LEU F 22 31.95 -12.20 15.17
C LEU F 22 31.17 -13.23 16.00
N VAL F 23 30.58 -12.80 17.11
CA VAL F 23 29.80 -13.71 17.95
C VAL F 23 28.65 -14.35 17.14
N SER F 24 27.88 -13.54 16.43
CA SER F 24 26.77 -14.12 15.67
C SER F 24 27.23 -15.08 14.61
N GLU F 25 28.36 -14.79 13.97
CA GLU F 25 28.86 -15.65 12.90
C GLU F 25 29.32 -17.01 13.44
N VAL F 26 29.97 -17.04 14.59
CA VAL F 26 30.40 -18.31 15.16
C VAL F 26 29.17 -19.15 15.51
N ILE F 27 28.15 -18.51 16.08
CA ILE F 27 26.94 -19.24 16.48
C ILE F 27 26.25 -19.75 15.23
N ARG F 28 26.22 -18.93 14.18
CA ARG F 28 25.56 -19.34 12.93
C ARG F 28 26.13 -20.63 12.36
N ARG F 29 27.45 -20.79 12.34
CA ARG F 29 28.02 -22.00 11.74
C ARG F 29 27.50 -23.28 12.40
N PHE F 30 27.36 -23.26 13.72
CA PHE F 30 26.83 -24.41 14.45
C PHE F 30 25.31 -24.56 14.34
N GLU F 31 24.61 -23.44 14.51
CA GLU F 31 23.17 -23.45 14.49
C GLU F 31 22.62 -23.88 13.12
N GLN F 32 23.19 -23.36 12.04
CA GLN F 32 22.64 -23.68 10.73
C GLN F 32 22.91 -25.15 10.34
N ARG F 33 23.92 -25.74 10.96
CA ARG F 33 24.36 -27.15 10.70
C ARG F 33 23.42 -28.18 11.33
N GLY F 34 22.62 -27.77 12.31
CA GLY F 34 21.73 -28.68 13.01
C GLY F 34 22.24 -29.07 14.40
N TYR F 35 23.36 -28.51 14.79
CA TYR F 35 23.86 -28.71 16.14
C TYR F 35 23.01 -27.92 17.12
N LYS F 36 22.82 -28.50 18.31
CA LYS F 36 21.95 -27.93 19.33
C LYS F 36 22.70 -27.17 20.41
N LEU F 37 22.32 -25.91 20.60
CA LEU F 37 22.92 -25.04 21.63
C LEU F 37 22.30 -25.41 22.98
N VAL F 38 23.12 -25.88 23.92
CA VAL F 38 22.59 -26.31 25.22
C VAL F 38 23.13 -25.49 26.37
N ALA F 39 24.08 -24.62 26.09
CA ALA F 39 24.56 -23.70 27.15
C ALA F 39 25.25 -22.51 26.50
N LEU F 40 25.16 -21.36 27.13
CA LEU F 40 25.69 -20.14 26.56
C LEU F 40 25.85 -19.10 27.64
N LYS F 41 27.00 -18.43 27.67
CA LYS F 41 27.17 -17.27 28.54
C LYS F 41 28.36 -16.40 28.13
N MET F 42 28.22 -15.11 28.35
CA MET F 42 29.34 -14.18 28.20
C MET F 42 30.00 -14.07 29.57
N LYS F 43 31.31 -14.09 29.60
CA LYS F 43 32.00 -14.05 30.87
C LYS F 43 33.26 -13.26 30.78
N SER F 44 33.67 -12.72 31.92
CA SER F 44 34.98 -12.10 32.09
C SER F 44 35.72 -13.00 33.10
N PRO F 45 36.25 -14.13 32.63
CA PRO F 45 36.87 -15.08 33.60
C PRO F 45 38.15 -14.52 34.21
N ASP F 46 38.45 -14.91 35.44
CA ASP F 46 39.71 -14.46 35.98
C ASP F 46 40.79 -15.41 35.55
N ALA F 47 42.02 -14.99 35.73
CA ALA F 47 43.17 -15.76 35.34
C ALA F 47 43.16 -17.19 35.83
N THR F 48 42.72 -17.42 37.08
N THR F 48 42.70 -17.40 37.07
CA THR F 48 42.70 -18.78 37.63
CA THR F 48 42.68 -18.72 37.67
C THR F 48 41.88 -19.74 36.80
C THR F 48 41.85 -19.73 36.88
N LEU F 49 40.70 -19.30 36.36
CA LEU F 49 39.86 -20.17 35.55
C LEU F 49 40.54 -20.46 34.21
N LEU F 50 41.11 -19.42 33.60
CA LEU F 50 41.79 -19.57 32.30
C LEU F 50 43.01 -20.48 32.40
N GLU F 51 43.74 -20.38 33.51
CA GLU F 51 44.92 -21.23 33.75
C GLU F 51 44.55 -22.71 33.83
N GLU F 52 43.36 -23.03 34.33
CA GLU F 52 42.95 -24.42 34.38
C GLU F 52 42.47 -24.87 33.00
N HIS F 53 41.80 -23.97 32.29
CA HIS F 53 41.37 -24.28 30.92
C HIS F 53 42.59 -24.69 30.10
N TYR F 54 43.66 -23.91 30.23
CA TYR F 54 44.92 -24.14 29.50
C TYR F 54 45.98 -24.86 30.33
N ALA F 55 45.54 -25.72 31.24
CA ALA F 55 46.45 -26.43 32.14
C ALA F 55 47.58 -27.16 31.42
N ASP F 56 47.29 -27.71 30.25
CA ASP F 56 48.28 -28.48 29.49
C ASP F 56 49.43 -27.59 29.00
N LEU F 57 49.18 -26.29 28.90
CA LEU F 57 50.20 -25.35 28.43
C LEU F 57 50.97 -24.66 29.56
N LYS F 58 50.66 -24.98 30.82
CA LYS F 58 51.40 -24.35 31.93
C LYS F 58 52.92 -24.52 31.80
N GLY F 59 53.66 -23.52 32.25
CA GLY F 59 55.12 -23.55 32.24
C GLY F 59 55.77 -23.11 30.95
N LYS F 60 55.03 -23.19 29.83
CA LYS F 60 55.60 -22.78 28.53
C LYS F 60 55.87 -21.28 28.56
N PRO F 61 56.96 -20.82 27.89
CA PRO F 61 57.34 -19.41 27.92
C PRO F 61 56.23 -18.43 27.53
N PHE F 62 55.37 -18.86 26.63
CA PHE F 62 54.25 -18.01 26.12
C PHE F 62 53.01 -18.06 27.02
N PHE F 63 53.05 -18.89 28.06
CA PHE F 63 51.86 -19.07 28.92
C PHE F 63 51.38 -17.79 29.60
N PRO F 64 52.30 -17.03 30.26
CA PRO F 64 51.84 -15.80 30.93
C PRO F 64 51.16 -14.84 29.98
N GLY F 65 51.76 -14.67 28.79
CA GLY F 65 51.20 -13.79 27.76
C GLY F 65 49.84 -14.25 27.29
N LEU F 66 49.68 -15.56 27.14
CA LEU F 66 48.40 -16.13 26.73
C LEU F 66 47.30 -15.78 27.75
N ILE F 67 47.58 -16.04 29.03
CA ILE F 67 46.62 -15.73 30.08
C ILE F 67 46.28 -14.24 30.10
N SER F 68 47.29 -13.39 29.98
N SER F 68 47.29 -13.38 29.96
CA SER F 68 47.05 -11.93 29.94
CA SER F 68 47.06 -11.93 29.94
C SER F 68 46.13 -11.56 28.76
C SER F 68 46.18 -11.51 28.76
N TYR F 69 46.44 -12.10 27.59
CA TYR F 69 45.65 -11.83 26.42
C TYR F 69 44.19 -12.29 26.65
N MET F 70 44.04 -13.48 27.23
CA MET F 70 42.70 -14.06 27.41
C MET F 70 41.84 -13.37 28.46
N THR F 71 42.45 -12.54 29.29
CA THR F 71 41.73 -11.72 30.25
C THR F 71 41.56 -10.29 29.73
N SER F 72 41.94 -10.00 28.48
CA SER F 72 41.91 -8.62 27.99
C SER F 72 40.57 -8.15 27.45
N GLY F 73 39.60 -9.05 27.38
CA GLY F 73 38.28 -8.70 26.93
C GLY F 73 37.39 -9.90 27.29
N PRO F 74 36.07 -9.74 27.22
CA PRO F 74 35.15 -10.84 27.55
C PRO F 74 35.18 -11.93 26.52
N VAL F 75 34.74 -13.11 26.93
CA VAL F 75 34.60 -14.24 26.03
C VAL F 75 33.15 -14.68 26.01
N VAL F 76 32.81 -15.49 25.01
CA VAL F 76 31.49 -16.11 24.95
C VAL F 76 31.69 -17.63 24.99
N CYS F 77 31.09 -18.27 25.99
CA CYS F 77 31.24 -19.70 26.24
C CYS F 77 29.99 -20.41 25.75
N MET F 78 30.16 -21.54 25.07
CA MET F 78 29.04 -22.28 24.54
C MET F 78 29.25 -23.77 24.64
N VAL F 79 28.15 -24.49 24.71
CA VAL F 79 28.14 -25.95 24.60
C VAL F 79 27.18 -26.31 23.48
N TRP F 80 27.68 -27.12 22.56
CA TRP F 80 26.90 -27.61 21.42
C TRP F 80 26.78 -29.13 21.49
N GLU F 81 25.63 -29.64 21.10
CA GLU F 81 25.35 -31.06 21.16
C GLU F 81 24.91 -31.63 19.80
N GLY F 82 25.47 -32.79 19.46
CA GLY F 82 25.09 -33.51 18.24
C GLY F 82 26.14 -34.49 17.83
N THR F 83 25.79 -35.33 16.88
CA THR F 83 26.71 -36.37 16.43
C THR F 83 28.03 -35.79 15.95
N ASP F 84 29.11 -36.33 16.53
CA ASP F 84 30.48 -35.97 16.13
C ASP F 84 30.80 -34.48 16.25
N VAL F 85 30.08 -33.77 17.11
CA VAL F 85 30.24 -32.32 17.23
C VAL F 85 31.65 -31.86 17.63
N VAL F 86 32.38 -32.65 18.41
CA VAL F 86 33.75 -32.26 18.72
C VAL F 86 34.58 -32.09 17.45
N LYS F 87 34.64 -33.14 16.61
CA LYS F 87 35.44 -33.12 15.41
C LYS F 87 34.89 -32.19 14.36
N GLN F 88 33.58 -32.22 14.17
CA GLN F 88 32.95 -31.33 13.19
C GLN F 88 33.14 -29.87 13.57
N GLY F 89 33.04 -29.59 14.87
CA GLY F 89 33.25 -28.26 15.44
C GLY F 89 34.63 -27.75 15.05
N ARG F 90 35.64 -28.60 15.24
N ARG F 90 35.70 -28.49 15.35
CA ARG F 90 37.01 -28.28 14.85
CA ARG F 90 37.04 -27.97 15.00
C ARG F 90 37.16 -28.04 13.34
C ARG F 90 37.19 -27.70 13.51
N ARG F 91 36.49 -28.84 12.50
N ARG F 91 36.68 -28.64 12.70
CA ARG F 91 36.57 -28.67 11.05
CA ARG F 91 36.76 -28.50 11.25
C ARG F 91 35.96 -27.33 10.61
C ARG F 91 36.10 -27.18 10.81
N MET F 92 34.89 -26.93 11.30
CA MET F 92 34.21 -25.69 11.03
C MET F 92 35.04 -24.48 11.47
N LEU F 93 35.81 -24.61 12.55
CA LEU F 93 36.67 -23.50 12.98
C LEU F 93 37.83 -23.30 12.03
N GLY F 94 38.33 -24.41 11.48
CA GLY F 94 39.47 -24.40 10.58
C GLY F 94 40.68 -24.98 11.28
N GLU F 95 41.86 -24.85 10.67
CA GLU F 95 43.08 -25.30 11.32
C GLU F 95 43.41 -24.30 12.44
N THR F 96 44.27 -24.70 13.37
CA THR F 96 44.68 -23.79 14.44
C THR F 96 45.23 -22.47 13.87
N ARG F 97 46.06 -22.59 12.84
CA ARG F 97 46.67 -21.46 12.17
C ARG F 97 45.76 -20.98 11.03
N PRO F 98 45.30 -19.71 11.11
CA PRO F 98 44.48 -19.15 10.05
C PRO F 98 45.12 -19.18 8.69
N LEU F 99 46.44 -19.01 8.63
CA LEU F 99 47.12 -19.04 7.34
C LEU F 99 47.09 -20.45 6.68
N GLU F 100 46.73 -21.47 7.45
CA GLU F 100 46.60 -22.83 6.93
C GLU F 100 45.12 -23.26 6.82
N SER F 101 44.19 -22.37 7.17
CA SER F 101 42.76 -22.68 7.16
C SER F 101 42.14 -22.32 5.82
N ASN F 102 41.18 -23.14 5.38
CA ASN F 102 40.60 -22.95 4.08
C ASN F 102 39.43 -21.98 4.07
N PRO F 103 39.21 -21.32 2.94
CA PRO F 103 38.03 -20.51 2.80
C PRO F 103 36.81 -21.36 3.09
N GLY F 104 35.84 -20.78 3.79
CA GLY F 104 34.65 -21.51 4.22
C GLY F 104 34.69 -21.87 5.69
N THR F 105 35.89 -21.87 6.28
CA THR F 105 36.01 -22.10 7.71
C THR F 105 36.02 -20.73 8.42
N LEU F 106 35.74 -20.73 9.72
CA LEU F 106 35.75 -19.48 10.49
C LEU F 106 37.10 -18.78 10.43
N ARG F 107 38.16 -19.50 10.71
CA ARG F 107 39.48 -18.88 10.68
C ARG F 107 39.94 -18.52 9.29
N GLY F 108 39.61 -19.36 8.31
CA GLY F 108 39.98 -19.11 6.96
C GLY F 108 39.24 -17.92 6.38
N ASP F 109 38.01 -17.67 6.85
CA ASP F 109 37.28 -16.55 6.35
C ASP F 109 37.65 -15.24 7.07
N PHE F 110 38.01 -15.32 8.35
CA PHE F 110 38.10 -14.11 9.17
C PHE F 110 39.41 -13.76 9.81
N CYS F 111 40.40 -14.65 9.77
CA CYS F 111 41.60 -14.45 10.60
C CYS F 111 42.91 -14.55 9.86
N ILE F 112 43.93 -13.98 10.49
CA ILE F 112 45.28 -13.94 9.93
C ILE F 112 46.35 -14.53 10.86
N ASP F 113 46.33 -14.16 12.14
CA ASP F 113 47.39 -14.56 13.08
C ASP F 113 46.90 -15.66 13.99
N VAL F 114 47.77 -16.62 14.26
CA VAL F 114 47.40 -17.76 15.13
C VAL F 114 46.99 -17.33 16.54
N GLY F 115 47.61 -16.26 17.03
CA GLY F 115 47.28 -15.74 18.34
C GLY F 115 45.99 -14.91 18.37
N ARG F 116 45.38 -14.70 17.20
CA ARG F 116 44.13 -13.93 17.06
C ARG F 116 43.24 -14.77 16.13
N ASN F 117 42.91 -15.97 16.61
CA ASN F 117 42.17 -16.94 15.79
C ASN F 117 40.74 -17.17 16.28
N ILE F 118 40.21 -16.10 16.89
CA ILE F 118 38.84 -15.85 17.33
C ILE F 118 38.04 -16.86 18.16
N VAL F 119 38.42 -18.13 18.14
N VAL F 119 38.38 -18.14 18.07
CA VAL F 119 37.56 -19.16 18.71
CA VAL F 119 37.60 -19.19 18.70
C VAL F 119 38.38 -20.38 19.12
C VAL F 119 38.46 -20.32 19.21
N HIS F 120 37.90 -21.07 20.16
CA HIS F 120 38.50 -22.28 20.70
C HIS F 120 37.43 -23.37 20.58
N GLY F 121 37.84 -24.59 20.25
CA GLY F 121 36.96 -25.74 20.29
C GLY F 121 37.70 -26.90 20.94
N SER F 122 36.98 -27.73 21.70
CA SER F 122 37.60 -28.86 22.39
C SER F 122 38.29 -29.79 21.40
N ASP F 123 39.43 -30.36 21.82
CA ASP F 123 40.19 -31.22 20.92
C ASP F 123 39.81 -32.69 20.94
N SER F 124 38.95 -33.08 21.87
CA SER F 124 38.54 -34.47 22.03
C SER F 124 37.30 -34.47 22.89
N VAL F 125 36.59 -35.60 22.89
CA VAL F 125 35.43 -35.74 23.77
C VAL F 125 35.86 -35.63 25.24
N GLU F 126 37.00 -36.22 25.59
CA GLU F 126 37.48 -36.15 26.98
C GLU F 126 37.79 -34.70 27.37
N SER F 127 38.43 -33.97 26.46
N SER F 127 38.43 -33.96 26.47
CA SER F 127 38.75 -32.58 26.73
CA SER F 127 38.75 -32.56 26.81
C SER F 127 37.46 -31.78 26.83
C SER F 127 37.47 -31.72 26.81
N ALA F 128 36.49 -32.07 25.97
CA ALA F 128 35.18 -31.37 25.99
C ALA F 128 34.50 -31.56 27.34
N ASN F 129 34.51 -32.77 27.84
CA ASN F 129 33.85 -33.03 29.11
C ASN F 129 34.50 -32.23 30.23
N LYS F 130 35.82 -32.15 30.19
CA LYS F 130 36.55 -31.34 31.19
C LYS F 130 36.22 -29.85 31.08
N GLU F 131 36.26 -29.35 29.86
CA GLU F 131 36.00 -27.95 29.61
C GLU F 131 34.58 -27.55 29.93
N ILE F 132 33.61 -28.37 29.57
CA ILE F 132 32.22 -28.06 29.84
C ILE F 132 32.02 -27.91 31.36
N SER F 133 32.59 -28.83 32.15
N SER F 133 32.59 -28.84 32.12
CA SER F 133 32.42 -28.79 33.61
CA SER F 133 32.46 -28.83 33.58
C SER F 133 33.20 -27.63 34.23
C SER F 133 33.22 -27.67 34.22
N LEU F 134 34.27 -27.20 33.58
CA LEU F 134 35.05 -26.07 34.07
C LEU F 134 34.28 -24.74 33.92
N TRP F 135 33.67 -24.54 32.75
CA TRP F 135 33.04 -23.29 32.43
C TRP F 135 31.57 -23.18 32.77
N PHE F 136 30.90 -24.31 32.98
CA PHE F 136 29.47 -24.38 33.28
C PHE F 136 29.14 -25.34 34.42
N THR F 137 28.16 -24.97 35.23
CA THR F 137 27.62 -25.88 36.23
C THR F 137 26.58 -26.76 35.54
N PRO F 138 26.28 -27.93 36.12
CA PRO F 138 25.24 -28.74 35.46
C PRO F 138 23.93 -27.99 35.30
N GLU F 139 23.64 -27.09 36.22
CA GLU F 139 22.40 -26.36 36.21
C GLU F 139 22.30 -25.36 35.04
N GLU F 140 23.43 -25.02 34.43
N GLU F 140 23.45 -25.06 34.43
CA GLU F 140 23.42 -24.07 33.34
CA GLU F 140 23.53 -24.15 33.31
C GLU F 140 23.18 -24.72 31.98
C GLU F 140 23.39 -24.86 31.96
N ILE F 141 23.28 -26.06 31.93
N ILE F 141 23.24 -26.18 32.00
CA ILE F 141 23.08 -26.82 30.69
CA ILE F 141 22.98 -26.94 30.79
C ILE F 141 21.58 -27.13 30.52
C ILE F 141 21.47 -26.95 30.62
N CYS F 142 21.00 -26.61 29.42
CA CYS F 142 19.58 -26.60 29.16
C CYS F 142 19.16 -27.77 28.25
N GLU F 143 18.39 -28.71 28.82
CA GLU F 143 17.94 -29.91 28.11
C GLU F 143 16.74 -29.53 27.24
N TRP F 144 16.79 -29.80 25.93
CA TRP F 144 15.64 -29.57 25.07
C TRP F 144 15.68 -30.45 23.84
N THR F 145 14.53 -30.56 23.19
CA THR F 145 14.39 -31.40 22.01
C THR F 145 14.01 -30.53 20.83
N SER F 146 14.86 -30.53 19.83
CA SER F 146 14.61 -29.76 18.62
C SER F 146 13.45 -30.33 17.81
N ALA F 147 12.59 -29.43 17.34
CA ALA F 147 11.51 -29.79 16.44
C ALA F 147 12.03 -30.37 15.13
N GLN F 148 13.26 -30.06 14.74
CA GLN F 148 13.80 -30.60 13.49
C GLN F 148 14.60 -31.89 13.70
N HIS F 149 14.58 -32.45 14.91
CA HIS F 149 15.39 -33.62 15.20
C HIS F 149 15.22 -34.73 14.16
N LYS F 150 13.98 -35.07 13.82
CA LYS F 150 13.73 -36.19 12.89
C LYS F 150 14.13 -35.90 11.44
N TRP F 151 14.47 -34.64 11.15
CA TRP F 151 14.87 -34.23 9.83
C TRP F 151 16.38 -34.01 9.76
N VAL F 152 17.03 -33.80 10.91
CA VAL F 152 18.48 -33.70 11.01
C VAL F 152 19.12 -35.07 11.19
N TYR F 153 18.42 -35.96 11.90
CA TYR F 153 18.91 -37.31 12.19
C TYR F 153 18.03 -38.43 11.69
N GLU F 154 18.66 -39.53 11.29
CA GLU F 154 17.93 -40.71 10.79
C GLU F 154 17.50 -41.50 12.02
N GLN F 155 16.28 -42.03 12.02
CA GLN F 155 15.79 -42.82 13.16
C GLN F 155 16.15 -44.29 13.01
N ALA G 3 58.26 -4.93 5.76
CA ALA G 3 57.81 -5.69 6.98
C ALA G 3 56.68 -6.68 6.65
N LYS G 4 56.53 -7.70 7.48
CA LYS G 4 55.61 -8.81 7.26
C LYS G 4 54.16 -8.34 7.12
N GLN G 5 53.70 -7.52 8.06
CA GLN G 5 52.31 -7.04 8.06
C GLN G 5 52.07 -6.03 6.96
N GLN G 6 53.15 -5.51 6.39
CA GLN G 6 53.03 -4.50 5.36
C GLN G 6 52.99 -5.06 3.95
N GLU G 7 53.03 -6.40 3.83
CA GLU G 7 52.92 -7.03 2.51
C GLU G 7 51.67 -6.55 1.79
N ARG G 8 51.77 -6.36 0.48
CA ARG G 8 50.63 -5.91 -0.31
C ARG G 8 50.44 -6.79 -1.53
N THR G 9 49.20 -6.87 -2.00
CA THR G 9 48.90 -7.59 -3.23
C THR G 9 47.98 -6.76 -4.09
N TYR G 10 48.02 -7.03 -5.39
CA TYR G 10 47.15 -6.38 -6.35
C TYR G 10 46.02 -7.35 -6.69
N ILE G 11 44.78 -6.90 -6.50
CA ILE G 11 43.60 -7.69 -6.79
C ILE G 11 42.83 -6.88 -7.81
N MET G 12 42.38 -7.53 -8.87
CA MET G 12 41.65 -6.82 -9.90
C MET G 12 40.39 -7.58 -10.30
N VAL G 13 39.22 -6.92 -10.17
CA VAL G 13 37.98 -7.49 -10.68
C VAL G 13 38.02 -7.26 -12.21
N LYS G 14 37.95 -8.35 -12.96
CA LYS G 14 38.00 -8.34 -14.41
C LYS G 14 36.63 -7.93 -15.00
N PRO G 15 36.55 -7.69 -16.32
CA PRO G 15 35.29 -7.16 -16.86
C PRO G 15 34.07 -8.01 -16.57
N ASP G 16 34.25 -9.32 -16.57
CA ASP G 16 33.17 -10.24 -16.24
C ASP G 16 32.71 -10.11 -14.82
N GLY G 17 33.63 -9.89 -13.90
CA GLY G 17 33.28 -9.71 -12.48
C GLY G 17 32.43 -8.47 -12.27
N VAL G 18 32.77 -7.38 -12.97
CA VAL G 18 31.99 -6.14 -12.93
C VAL G 18 30.62 -6.34 -13.58
N GLN G 19 30.59 -6.89 -14.80
CA GLN G 19 29.32 -7.16 -15.48
C GLN G 19 28.37 -8.03 -14.68
N ARG G 20 28.91 -9.02 -13.99
CA ARG G 20 28.07 -9.94 -13.20
C ARG G 20 27.74 -9.47 -11.79
N GLY G 21 28.15 -8.23 -11.46
CA GLY G 21 27.75 -7.62 -10.16
C GLY G 21 28.44 -8.24 -8.96
N LEU G 22 29.69 -8.64 -9.15
CA LEU G 22 30.47 -9.30 -8.10
C LEU G 22 31.56 -8.43 -7.42
N VAL G 23 31.52 -7.13 -7.66
CA VAL G 23 32.53 -6.23 -7.06
C VAL G 23 32.41 -6.31 -5.54
N SER G 24 31.19 -6.19 -5.01
CA SER G 24 31.05 -6.18 -3.57
C SER G 24 31.53 -7.49 -2.95
N GLU G 25 31.26 -8.61 -3.62
CA GLU G 25 31.65 -9.90 -3.08
C GLU G 25 33.14 -10.08 -3.04
N VAL G 26 33.84 -9.65 -4.09
CA VAL G 26 35.29 -9.71 -4.07
C VAL G 26 35.84 -8.89 -2.89
N ILE G 27 35.36 -7.66 -2.73
CA ILE G 27 35.81 -6.83 -1.64
C ILE G 27 35.54 -7.49 -0.29
N ARG G 28 34.34 -8.05 -0.13
N ARG G 28 34.34 -8.05 -0.13
CA ARG G 28 33.97 -8.67 1.13
CA ARG G 28 33.96 -8.66 1.14
C ARG G 28 34.98 -9.72 1.60
C ARG G 28 34.94 -9.74 1.62
N ARG G 29 35.41 -10.58 0.71
CA ARG G 29 36.32 -11.68 1.10
C ARG G 29 37.56 -11.12 1.80
N PHE G 30 38.12 -10.05 1.25
CA PHE G 30 39.33 -9.44 1.85
C PHE G 30 39.00 -8.60 3.09
N GLU G 31 37.95 -7.80 3.01
CA GLU G 31 37.60 -6.86 4.05
C GLU G 31 37.21 -7.61 5.33
N GLN G 32 36.44 -8.69 5.23
CA GLN G 32 36.03 -9.44 6.40
C GLN G 32 37.13 -10.24 7.06
N ARG G 33 38.22 -10.44 6.31
CA ARG G 33 39.36 -11.23 6.76
C ARG G 33 40.33 -10.37 7.61
N GLY G 34 40.15 -9.06 7.63
CA GLY G 34 41.06 -8.19 8.36
C GLY G 34 42.14 -7.59 7.50
N TYR G 35 42.13 -7.91 6.20
CA TYR G 35 43.09 -7.25 5.28
C TYR G 35 42.67 -5.80 5.07
N LYS G 36 43.65 -4.93 4.85
CA LYS G 36 43.40 -3.51 4.75
C LYS G 36 43.38 -3.04 3.30
N LEU G 37 42.29 -2.41 2.87
CA LEU G 37 42.21 -1.83 1.54
C LEU G 37 42.99 -0.51 1.55
N VAL G 38 44.03 -0.38 0.71
CA VAL G 38 44.82 0.82 0.71
C VAL G 38 44.80 1.59 -0.61
N ALA G 39 44.20 0.97 -1.64
CA ALA G 39 44.02 1.65 -2.92
C ALA G 39 42.88 1.01 -3.65
N LEU G 40 42.17 1.80 -4.43
CA LEU G 40 40.98 1.30 -5.10
C LEU G 40 40.60 2.23 -6.19
N LYS G 41 40.27 1.70 -7.37
CA LYS G 41 39.73 2.54 -8.43
C LYS G 41 39.05 1.72 -9.54
N MET G 42 38.02 2.28 -10.17
CA MET G 42 37.45 1.68 -11.37
C MET G 42 38.17 2.35 -12.55
N LYS G 43 38.55 1.58 -13.55
CA LYS G 43 39.28 2.09 -14.70
C LYS G 43 38.93 1.35 -15.97
N SER G 44 39.06 2.04 -17.09
CA SER G 44 38.91 1.47 -18.43
C SER G 44 40.31 1.62 -19.05
N PRO G 45 41.22 0.71 -18.72
CA PRO G 45 42.60 0.84 -19.18
C PRO G 45 42.76 0.73 -20.68
N ASP G 46 43.78 1.40 -21.19
CA ASP G 46 44.18 1.33 -22.61
C ASP G 46 44.79 -0.02 -22.86
N ALA G 47 44.71 -0.48 -24.11
CA ALA G 47 45.31 -1.74 -24.52
C ALA G 47 46.76 -1.84 -24.11
N THR G 48 47.49 -0.73 -24.18
CA THR G 48 48.93 -0.71 -23.88
C THR G 48 49.27 -0.98 -22.43
N LEU G 49 48.42 -0.52 -21.51
CA LEU G 49 48.63 -0.80 -20.10
C LEU G 49 48.43 -2.29 -19.88
N LEU G 50 47.35 -2.84 -20.45
CA LEU G 50 47.07 -4.26 -20.36
C LEU G 50 48.14 -5.10 -21.05
N GLU G 51 48.62 -4.65 -22.21
CA GLU G 51 49.69 -5.33 -22.92
C GLU G 51 50.96 -5.41 -22.05
N GLU G 52 51.21 -4.38 -21.23
CA GLU G 52 52.35 -4.39 -20.30
C GLU G 52 52.07 -5.28 -19.09
N HIS G 53 50.83 -5.24 -18.60
CA HIS G 53 50.42 -6.11 -17.49
C HIS G 53 50.61 -7.57 -17.87
N TYR G 54 50.26 -7.91 -19.11
CA TYR G 54 50.43 -9.28 -19.60
C TYR G 54 51.65 -9.34 -20.53
N ALA G 55 52.66 -8.52 -20.24
CA ALA G 55 53.88 -8.45 -21.09
C ALA G 55 54.42 -9.81 -21.51
N ASP G 56 54.51 -10.74 -20.57
CA ASP G 56 55.08 -12.05 -20.85
C ASP G 56 54.16 -13.02 -21.58
N LEU G 57 52.94 -12.60 -21.92
CA LEU G 57 52.06 -13.45 -22.71
C LEU G 57 52.09 -13.03 -24.19
N LYS G 58 52.85 -11.98 -24.54
CA LYS G 58 52.98 -11.60 -25.95
C LYS G 58 53.56 -12.78 -26.70
N GLY G 59 53.14 -12.94 -27.95
CA GLY G 59 53.61 -14.05 -28.78
C GLY G 59 52.63 -15.21 -28.80
N LYS G 60 51.85 -15.34 -27.73
CA LYS G 60 50.85 -16.40 -27.65
C LYS G 60 49.73 -16.12 -28.65
N PRO G 61 49.17 -17.17 -29.24
CA PRO G 61 48.07 -16.96 -30.20
C PRO G 61 46.83 -16.31 -29.56
N PHE G 62 46.58 -16.62 -28.30
CA PHE G 62 45.41 -16.05 -27.59
C PHE G 62 45.64 -14.61 -27.12
N PHE G 63 46.84 -14.06 -27.32
CA PHE G 63 47.17 -12.72 -26.76
C PHE G 63 46.27 -11.56 -27.27
N PRO G 64 46.18 -11.36 -28.59
CA PRO G 64 45.30 -10.28 -29.07
C PRO G 64 43.89 -10.41 -28.52
N GLY G 65 43.40 -11.65 -28.46
CA GLY G 65 42.07 -11.94 -27.97
C GLY G 65 41.92 -11.59 -26.49
N LEU G 66 42.95 -11.88 -25.71
CA LEU G 66 42.96 -11.57 -24.28
C LEU G 66 42.90 -10.06 -24.04
N ILE G 67 43.67 -9.31 -24.82
CA ILE G 67 43.73 -7.86 -24.68
C ILE G 67 42.40 -7.23 -25.06
N SER G 68 41.79 -7.73 -26.14
N SER G 68 41.79 -7.74 -26.13
CA SER G 68 40.50 -7.23 -26.56
CA SER G 68 40.51 -7.25 -26.57
C SER G 68 39.46 -7.55 -25.50
C SER G 68 39.46 -7.55 -25.51
N TYR G 69 39.51 -8.76 -24.94
CA TYR G 69 38.57 -9.12 -23.91
C TYR G 69 38.76 -8.21 -22.65
N MET G 70 40.00 -7.94 -22.29
CA MET G 70 40.24 -7.15 -21.08
C MET G 70 39.95 -5.66 -21.27
N THR G 71 39.69 -5.25 -22.52
CA THR G 71 39.30 -3.88 -22.77
C THR G 71 37.80 -3.81 -23.06
N SER G 72 37.07 -4.91 -22.86
CA SER G 72 35.65 -4.97 -23.24
C SER G 72 34.67 -4.40 -22.21
N GLY G 73 35.16 -4.09 -21.02
CA GLY G 73 34.38 -3.45 -19.95
C GLY G 73 35.36 -2.95 -18.92
N PRO G 74 34.90 -2.08 -17.99
CA PRO G 74 35.77 -1.55 -16.95
C PRO G 74 36.22 -2.63 -15.98
N VAL G 75 37.33 -2.37 -15.31
CA VAL G 75 37.85 -3.25 -14.25
C VAL G 75 37.90 -2.47 -12.96
N VAL G 76 37.99 -3.20 -11.84
CA VAL G 76 38.16 -2.56 -10.53
C VAL G 76 39.53 -3.01 -9.97
N CYS G 77 40.40 -2.03 -9.75
CA CYS G 77 41.78 -2.27 -9.30
C CYS G 77 41.84 -2.02 -7.81
N MET G 78 42.54 -2.89 -7.09
CA MET G 78 42.69 -2.78 -5.64
C MET G 78 44.06 -3.17 -5.16
N VAL G 79 44.46 -2.58 -4.04
CA VAL G 79 45.65 -3.01 -3.32
C VAL G 79 45.25 -3.36 -1.88
N TRP G 80 45.59 -4.55 -1.45
CA TRP G 80 45.27 -5.02 -0.08
C TRP G 80 46.56 -5.26 0.69
N GLU G 81 46.52 -4.95 1.99
CA GLU G 81 47.69 -5.05 2.83
C GLU G 81 47.47 -5.91 4.07
N GLY G 82 48.44 -6.78 4.34
CA GLY G 82 48.43 -7.60 5.54
C GLY G 82 49.36 -8.78 5.42
N THR G 83 49.60 -9.44 6.55
CA THR G 83 50.48 -10.57 6.59
C THR G 83 50.06 -11.69 5.63
N ASP G 84 51.00 -12.12 4.79
CA ASP G 84 50.80 -13.22 3.83
C ASP G 84 49.63 -12.94 2.85
N VAL G 85 49.31 -11.67 2.62
CA VAL G 85 48.17 -11.29 1.73
C VAL G 85 48.27 -11.80 0.29
N VAL G 86 49.48 -11.89 -0.27
CA VAL G 86 49.62 -12.42 -1.63
C VAL G 86 49.12 -13.87 -1.69
N LYS G 87 49.65 -14.71 -0.81
CA LYS G 87 49.31 -16.14 -0.82
C LYS G 87 47.89 -16.39 -0.34
N GLN G 88 47.47 -15.72 0.74
CA GLN G 88 46.09 -15.89 1.23
C GLN G 88 45.09 -15.35 0.23
N GLY G 89 45.47 -14.29 -0.47
CA GLY G 89 44.62 -13.68 -1.52
C GLY G 89 44.33 -14.69 -2.61
N ARG G 90 45.38 -15.35 -3.09
CA ARG G 90 45.23 -16.38 -4.10
C ARG G 90 44.32 -17.51 -3.60
N ARG G 91 44.50 -17.92 -2.34
N ARG G 91 44.50 -17.94 -2.34
CA ARG G 91 43.70 -19.00 -1.77
CA ARG G 91 43.69 -19.03 -1.80
C ARG G 91 42.23 -18.64 -1.70
C ARG G 91 42.22 -18.65 -1.69
N MET G 92 41.95 -17.40 -1.31
CA MET G 92 40.59 -16.91 -1.24
C MET G 92 39.94 -16.82 -2.65
N LEU G 93 40.75 -16.51 -3.65
CA LEU G 93 40.26 -16.46 -5.03
C LEU G 93 39.96 -17.87 -5.52
N GLY G 94 40.77 -18.84 -5.11
CA GLY G 94 40.62 -20.23 -5.54
C GLY G 94 41.63 -20.51 -6.64
N GLU G 95 41.58 -21.69 -7.24
CA GLU G 95 42.51 -21.97 -8.33
C GLU G 95 42.19 -21.08 -9.53
N THR G 96 43.19 -20.85 -10.35
CA THR G 96 43.00 -20.08 -11.58
C THR G 96 41.85 -20.65 -12.38
N ARG G 97 41.80 -21.98 -12.45
CA ARG G 97 40.74 -22.70 -13.15
C ARG G 97 39.54 -22.92 -12.22
N PRO G 98 38.41 -22.25 -12.51
CA PRO G 98 37.24 -22.44 -11.69
C PRO G 98 36.80 -23.88 -11.51
N LEU G 99 37.00 -24.73 -12.52
CA LEU G 99 36.59 -26.13 -12.38
C LEU G 99 37.44 -26.95 -11.40
N GLU G 100 38.56 -26.36 -10.97
CA GLU G 100 39.43 -26.98 -9.99
C GLU G 100 39.32 -26.26 -8.65
N SER G 101 38.50 -25.22 -8.58
CA SER G 101 38.39 -24.38 -7.36
C SER G 101 37.36 -24.97 -6.41
N ASN G 102 37.60 -24.87 -5.10
CA ASN G 102 36.67 -25.43 -4.12
C ASN G 102 35.53 -24.51 -3.69
N PRO G 103 34.40 -25.11 -3.27
CA PRO G 103 33.33 -24.32 -2.73
C PRO G 103 33.88 -23.50 -1.58
N GLY G 104 33.48 -22.24 -1.47
CA GLY G 104 33.99 -21.34 -0.43
C GLY G 104 35.00 -20.33 -0.98
N THR G 105 35.60 -20.64 -2.13
CA THR G 105 36.51 -19.70 -2.79
C THR G 105 35.69 -18.83 -3.76
N LEU G 106 36.24 -17.70 -4.20
CA LEU G 106 35.48 -16.85 -5.13
C LEU G 106 35.16 -17.57 -6.44
N ARG G 107 36.18 -18.20 -7.01
CA ARG G 107 36.00 -18.87 -8.29
C ARG G 107 35.17 -20.12 -8.16
N GLY G 108 35.31 -20.82 -7.03
CA GLY G 108 34.53 -22.01 -6.82
C GLY G 108 33.06 -21.73 -6.55
N ASP G 109 32.76 -20.56 -5.99
CA ASP G 109 31.40 -20.18 -5.72
C ASP G 109 30.72 -19.53 -6.93
N PHE G 110 31.49 -18.85 -7.77
CA PHE G 110 30.90 -17.97 -8.81
C PHE G 110 31.28 -18.15 -10.26
N CYS G 111 32.25 -19.02 -10.56
CA CYS G 111 32.79 -19.14 -11.93
C CYS G 111 32.81 -20.54 -12.47
N ILE G 112 32.85 -20.62 -13.80
CA ILE G 112 32.88 -21.87 -14.55
C ILE G 112 34.05 -21.95 -15.54
N ASP G 113 34.22 -20.90 -16.34
CA ASP G 113 35.24 -20.88 -17.40
C ASP G 113 36.52 -20.16 -16.96
N VAL G 114 37.69 -20.75 -17.26
CA VAL G 114 38.97 -20.11 -16.89
C VAL G 114 39.15 -18.72 -17.52
N GLY G 115 38.61 -18.52 -18.72
CA GLY G 115 38.69 -17.23 -19.40
C GLY G 115 37.68 -16.20 -18.89
N ARG G 116 36.82 -16.64 -17.97
CA ARG G 116 35.82 -15.75 -17.34
C ARG G 116 35.90 -16.07 -15.88
N ASN G 117 37.05 -15.80 -15.27
CA ASN G 117 37.26 -16.18 -13.88
C ASN G 117 37.28 -15.02 -12.90
N ILE G 118 36.53 -13.97 -13.28
CA ILE G 118 36.16 -12.75 -12.53
C ILE G 118 37.17 -11.88 -11.85
N VAL G 119 38.32 -12.43 -11.50
CA VAL G 119 39.29 -11.70 -10.70
C VAL G 119 40.71 -12.18 -10.94
N HIS G 120 41.66 -11.29 -10.72
CA HIS G 120 43.08 -11.60 -10.77
C HIS G 120 43.68 -11.25 -9.41
N GLY G 121 44.62 -12.07 -8.95
CA GLY G 121 45.41 -11.77 -7.73
C GLY G 121 46.87 -12.01 -8.05
N SER G 122 47.76 -11.15 -7.55
CA SER G 122 49.19 -11.31 -7.80
C SER G 122 49.64 -12.71 -7.39
N ASP G 123 50.54 -13.30 -8.16
CA ASP G 123 50.99 -14.66 -7.85
C ASP G 123 52.18 -14.71 -6.89
N SER G 124 52.83 -13.57 -6.66
CA SER G 124 53.97 -13.51 -5.74
C SER G 124 54.20 -12.08 -5.27
N VAL G 125 55.05 -11.94 -4.27
CA VAL G 125 55.39 -10.63 -3.76
C VAL G 125 56.07 -9.81 -4.86
N GLU G 126 56.95 -10.46 -5.61
CA GLU G 126 57.63 -9.78 -6.72
C GLU G 126 56.64 -9.27 -7.77
N SER G 127 55.71 -10.13 -8.16
N SER G 127 55.70 -10.13 -8.15
CA SER G 127 54.69 -9.75 -9.15
CA SER G 127 54.69 -9.77 -9.15
C SER G 127 53.78 -8.68 -8.59
C SER G 127 53.77 -8.69 -8.60
N ALA G 128 53.46 -8.78 -7.31
CA ALA G 128 52.57 -7.79 -6.67
C ALA G 128 53.19 -6.40 -6.70
N ASN G 129 54.47 -6.29 -6.38
CA ASN G 129 55.10 -4.97 -6.38
C ASN G 129 55.13 -4.39 -7.78
N LYS G 130 55.37 -5.24 -8.77
CA LYS G 130 55.36 -4.82 -10.19
C LYS G 130 53.98 -4.32 -10.59
N GLU G 131 52.97 -5.09 -10.23
CA GLU G 131 51.57 -4.79 -10.58
C GLU G 131 51.05 -3.53 -9.89
N ILE G 132 51.35 -3.37 -8.61
CA ILE G 132 50.92 -2.17 -7.91
C ILE G 132 51.52 -0.93 -8.58
N SER G 133 52.81 -0.98 -8.90
CA SER G 133 53.48 0.13 -9.56
C SER G 133 52.93 0.46 -10.95
N LEU G 134 52.44 -0.56 -11.64
CA LEU G 134 51.91 -0.38 -12.98
C LEU G 134 50.52 0.21 -12.98
N TRP G 135 49.67 -0.28 -12.10
CA TRP G 135 48.28 0.16 -12.01
C TRP G 135 48.01 1.38 -11.14
N PHE G 136 48.89 1.69 -10.19
CA PHE G 136 48.70 2.85 -9.30
C PHE G 136 49.96 3.69 -9.14
N THR G 137 49.76 4.98 -8.89
CA THR G 137 50.87 5.87 -8.55
C THR G 137 51.02 5.81 -7.04
N PRO G 138 52.19 6.18 -6.51
CA PRO G 138 52.34 6.19 -5.05
C PRO G 138 51.33 7.09 -4.36
N GLU G 139 50.90 8.15 -5.04
CA GLU G 139 49.94 9.09 -4.46
C GLU G 139 48.54 8.49 -4.27
N GLU G 140 48.25 7.41 -4.98
CA GLU G 140 46.94 6.77 -4.89
C GLU G 140 46.86 5.76 -3.73
N ILE G 141 47.99 5.44 -3.13
CA ILE G 141 48.01 4.50 -2.00
C ILE G 141 47.68 5.32 -0.76
N CYS G 142 46.66 4.88 -0.05
N CYS G 142 46.77 4.82 0.08
CA CYS G 142 46.12 5.61 1.10
CA CYS G 142 46.41 5.52 1.32
C CYS G 142 46.35 4.83 2.36
C CYS G 142 47.03 4.79 2.53
N GLU G 143 47.45 5.15 3.02
N GLU G 143 47.61 5.54 3.45
CA GLU G 143 47.80 4.51 4.27
CA GLU G 143 48.20 4.88 4.61
C GLU G 143 46.84 4.84 5.41
C GLU G 143 47.25 5.03 5.79
N TRP G 144 46.76 3.92 6.35
CA TRP G 144 45.90 4.05 7.52
C TRP G 144 46.15 2.87 8.45
N THR G 145 45.70 3.02 9.69
CA THR G 145 45.84 2.00 10.70
C THR G 145 44.43 1.64 11.15
N SER G 146 44.14 0.36 11.10
CA SER G 146 42.83 -0.12 11.50
C SER G 146 42.63 -0.10 13.01
N ALA G 147 41.40 0.28 13.40
CA ALA G 147 40.98 0.29 14.79
C ALA G 147 41.10 -1.11 15.37
N GLN G 148 40.95 -2.11 14.50
CA GLN G 148 40.94 -3.51 14.93
C GLN G 148 42.34 -4.14 14.87
N HIS G 149 43.38 -3.35 14.62
CA HIS G 149 44.69 -3.91 14.47
C HIS G 149 45.13 -4.86 15.57
N LYS G 150 44.97 -4.45 16.82
CA LYS G 150 45.43 -5.24 17.95
C LYS G 150 44.59 -6.50 18.18
N TRP G 151 43.45 -6.58 17.48
CA TRP G 151 42.59 -7.77 17.60
C TRP G 151 42.76 -8.69 16.41
N VAL G 152 43.29 -8.17 15.29
CA VAL G 152 43.62 -9.00 14.11
C VAL G 152 45.03 -9.56 14.25
N TYR G 153 45.95 -8.77 14.80
CA TYR G 153 47.35 -9.16 14.92
C TYR G 153 47.86 -9.26 16.35
N GLU G 154 48.77 -10.19 16.59
CA GLU G 154 49.46 -10.25 17.89
C GLU G 154 50.62 -9.27 17.79
N GLN G 155 51.25 -8.98 18.91
CA GLN G 155 52.46 -8.16 18.87
C GLN G 155 53.45 -8.62 17.77
N GLY G 156 53.83 -7.72 16.88
CA GLY G 156 54.79 -8.04 15.81
C GLY G 156 56.21 -8.27 16.35
N GLU G 157 56.97 -9.14 15.69
CA GLU G 157 58.35 -9.46 16.09
C GLU G 157 59.37 -8.52 15.45
N ASN G 158 60.49 -8.31 16.17
CA ASN G 158 61.60 -7.44 15.73
C ASN G 158 61.22 -5.96 15.54
N LEU G 159 60.25 -5.48 16.33
CA LEU G 159 59.81 -4.08 16.21
C LEU G 159 60.87 -3.16 16.85
N TYR G 160 61.34 -2.22 16.03
CA TYR G 160 62.46 -1.32 16.39
C TYR G 160 62.16 -0.30 17.49
N ALA H 3 -16.47 46.82 -10.97
CA ALA H 3 -16.80 46.86 -9.52
C ALA H 3 -17.76 45.73 -9.11
N LYS H 4 -18.77 45.48 -9.95
CA LYS H 4 -19.80 44.44 -9.69
C LYS H 4 -19.24 43.09 -9.26
N GLN H 5 -18.56 42.43 -10.19
CA GLN H 5 -17.99 41.09 -9.98
C GLN H 5 -16.93 41.02 -8.88
N GLN H 6 -16.50 42.17 -8.37
CA GLN H 6 -15.52 42.14 -7.31
C GLN H 6 -16.14 42.17 -5.91
N GLU H 7 -17.48 42.18 -5.80
CA GLU H 7 -18.12 42.15 -4.47
C GLU H 7 -17.73 40.92 -3.69
N ARG H 8 -17.55 41.08 -2.38
CA ARG H 8 -17.18 39.98 -1.51
C ARG H 8 -18.11 39.89 -0.30
N THR H 9 -18.25 38.69 0.22
CA THR H 9 -19.00 38.44 1.42
C THR H 9 -18.22 37.54 2.37
N TYR H 10 -18.50 37.67 3.66
CA TYR H 10 -17.92 36.80 4.67
C TYR H 10 -18.92 35.69 5.04
N ILE H 11 -18.48 34.45 4.95
CA ILE H 11 -19.30 33.28 5.29
C ILE H 11 -18.57 32.49 6.37
N MET H 12 -19.27 32.12 7.43
CA MET H 12 -18.64 31.43 8.53
C MET H 12 -19.45 30.23 8.93
N VAL H 13 -18.81 29.07 8.94
CA VAL H 13 -19.46 27.85 9.43
C VAL H 13 -19.31 27.91 10.95
N LYS H 14 -20.45 27.87 11.63
CA LYS H 14 -20.50 27.97 13.08
C LYS H 14 -20.13 26.63 13.71
N PRO H 15 -19.92 26.61 15.03
CA PRO H 15 -19.43 25.36 15.61
C PRO H 15 -20.33 24.13 15.36
N ASP H 16 -21.64 24.35 15.30
CA ASP H 16 -22.56 23.24 15.00
C ASP H 16 -22.39 22.71 13.59
N GLY H 17 -22.08 23.59 12.65
CA GLY H 17 -21.86 23.16 11.29
C GLY H 17 -20.62 22.28 11.18
N VAL H 18 -19.59 22.65 11.91
CA VAL H 18 -18.37 21.86 11.92
C VAL H 18 -18.61 20.49 12.59
N GLN H 19 -19.28 20.50 13.73
CA GLN H 19 -19.57 19.28 14.50
C GLN H 19 -20.42 18.32 13.72
N ARG H 20 -21.36 18.85 12.92
CA ARG H 20 -22.27 18.00 12.15
C ARG H 20 -21.76 17.60 10.76
N GLY H 21 -20.50 17.93 10.47
CA GLY H 21 -19.84 17.50 9.25
C GLY H 21 -20.37 18.16 8.02
N LEU H 22 -20.67 19.45 8.14
CA LEU H 22 -21.30 20.20 7.05
C LEU H 22 -20.38 21.21 6.35
N VAL H 23 -19.09 21.16 6.64
CA VAL H 23 -18.13 22.13 6.06
C VAL H 23 -18.10 21.96 4.55
N SER H 24 -18.00 20.73 4.08
CA SER H 24 -17.94 20.54 2.63
C SER H 24 -19.23 21.02 1.94
N GLU H 25 -20.39 20.79 2.56
CA GLU H 25 -21.66 21.19 1.95
C GLU H 25 -21.79 22.72 1.82
N VAL H 26 -21.41 23.46 2.87
CA VAL H 26 -21.43 24.91 2.81
C VAL H 26 -20.54 25.41 1.68
N ILE H 27 -19.33 24.84 1.55
CA ILE H 27 -18.43 25.26 0.49
C ILE H 27 -19.01 24.95 -0.85
N ARG H 28 -19.61 23.76 -0.98
N ARG H 28 -19.60 23.76 -0.97
CA ARG H 28 -20.18 23.33 -2.25
CA ARG H 28 -20.17 23.34 -2.25
C ARG H 28 -21.20 24.30 -2.82
C ARG H 28 -21.19 24.30 -2.81
N ARG H 29 -22.08 24.83 -1.96
CA ARG H 29 -23.14 25.73 -2.44
C ARG H 29 -22.55 26.92 -3.18
N PHE H 30 -21.50 27.50 -2.62
CA PHE H 30 -20.84 28.61 -3.26
C PHE H 30 -19.97 28.22 -4.43
N GLU H 31 -19.16 27.19 -4.24
CA GLU H 31 -18.23 26.75 -5.27
C GLU H 31 -18.93 26.33 -6.58
N GLN H 32 -20.02 25.57 -6.43
CA GLN H 32 -20.75 25.09 -7.63
C GLN H 32 -21.53 26.22 -8.35
N ARG H 33 -21.81 27.29 -7.63
CA ARG H 33 -22.58 28.42 -8.16
C ARG H 33 -21.70 29.29 -9.07
N GLY H 34 -20.39 29.19 -8.95
CA GLY H 34 -19.49 30.02 -9.72
C GLY H 34 -18.81 31.12 -8.90
N TYR H 35 -19.14 31.22 -7.62
CA TYR H 35 -18.46 32.20 -6.75
C TYR H 35 -17.04 31.73 -6.50
N LYS H 36 -16.15 32.68 -6.27
CA LYS H 36 -14.74 32.43 -6.16
C LYS H 36 -14.26 32.50 -4.73
N LEU H 37 -13.66 31.42 -4.23
CA LEU H 37 -13.17 31.40 -2.87
C LEU H 37 -11.85 32.14 -2.85
N VAL H 38 -11.77 33.21 -2.05
CA VAL H 38 -10.54 33.98 -1.96
C VAL H 38 -9.86 33.97 -0.60
N ALA H 39 -10.50 33.40 0.41
CA ALA H 39 -9.85 33.26 1.69
C ALA H 39 -10.59 32.17 2.43
N LEU H 40 -9.86 31.42 3.25
CA LEU H 40 -10.43 30.30 3.98
C LEU H 40 -9.56 29.95 5.15
N LYS H 41 -10.15 29.71 6.31
CA LYS H 41 -9.36 29.21 7.44
C LYS H 41 -10.24 28.62 8.53
N MET H 42 -9.71 27.64 9.22
CA MET H 42 -10.34 27.12 10.43
C MET H 42 -9.68 27.86 11.57
N LYS H 43 -10.49 28.28 12.53
CA LYS H 43 -9.99 29.10 13.64
C LYS H 43 -10.79 28.81 14.90
N SER H 44 -10.14 29.01 16.04
CA SER H 44 -10.78 28.94 17.36
C SER H 44 -10.60 30.34 17.95
N PRO H 45 -11.46 31.29 17.53
CA PRO H 45 -11.32 32.66 17.97
C PRO H 45 -11.55 32.86 19.46
N ASP H 46 -10.86 33.86 19.99
CA ASP H 46 -11.03 34.27 21.37
C ASP H 46 -12.38 34.95 21.52
N ALA H 47 -12.86 34.96 22.76
CA ALA H 47 -14.10 35.65 23.08
C ALA H 47 -14.06 37.09 22.55
N THR H 48 -12.92 37.78 22.75
CA THR H 48 -12.82 39.18 22.35
C THR H 48 -13.08 39.42 20.84
N LEU H 49 -12.61 38.53 19.99
CA LEU H 49 -12.84 38.68 18.56
C LEU H 49 -14.31 38.43 18.24
N LEU H 50 -14.92 37.47 18.94
CA LEU H 50 -16.33 37.18 18.72
C LEU H 50 -17.21 38.31 19.24
N GLU H 51 -16.83 38.91 20.36
N GLU H 51 -16.84 38.91 20.37
CA GLU H 51 -17.59 40.01 20.93
CA GLU H 51 -17.63 40.00 20.94
C GLU H 51 -17.65 41.21 19.99
C GLU H 51 -17.63 41.24 20.04
N GLU H 52 -16.57 41.42 19.25
CA GLU H 52 -16.53 42.52 18.28
C GLU H 52 -17.37 42.12 17.05
N HIS H 53 -17.29 40.88 16.63
CA HIS H 53 -18.10 40.40 15.51
C HIS H 53 -19.59 40.59 15.83
N TYR H 54 -19.99 40.27 17.06
CA TYR H 54 -21.37 40.42 17.51
C TYR H 54 -21.63 41.72 18.32
N ALA H 55 -20.87 42.78 18.06
CA ALA H 55 -21.01 44.04 18.80
C ALA H 55 -22.47 44.53 18.93
N ASP H 56 -23.21 44.54 17.83
N ASP H 56 -23.20 44.53 17.81
CA ASP H 56 -24.59 45.07 17.89
CA ASP H 56 -24.60 44.98 17.80
C ASP H 56 -25.54 44.23 18.76
C ASP H 56 -25.48 44.29 18.85
N LEU H 57 -25.04 43.12 19.30
CA LEU H 57 -25.81 42.30 20.24
C LEU H 57 -25.41 42.43 21.71
N LYS H 58 -24.49 43.35 22.05
N LYS H 58 -24.37 43.23 21.99
CA LYS H 58 -24.16 43.57 23.47
CA LYS H 58 -23.81 43.40 23.35
C LYS H 58 -25.42 43.96 24.26
C LYS H 58 -24.81 43.54 24.51
N GLY H 59 -25.40 43.71 25.57
N GLY H 59 -25.89 44.28 24.28
CA GLY H 59 -26.53 44.06 26.42
CA GLY H 59 -26.86 44.55 25.34
C GLY H 59 -27.67 43.07 26.33
C GLY H 59 -27.97 43.54 25.52
N LYS H 60 -27.82 42.46 25.16
N LYS H 60 -27.92 42.44 24.79
CA LYS H 60 -28.87 41.45 24.97
CA LYS H 60 -28.96 41.40 24.84
C LYS H 60 -28.70 40.42 26.08
C LYS H 60 -28.73 40.43 26.01
N PRO H 61 -29.82 39.94 26.64
CA PRO H 61 -29.70 38.95 27.74
C PRO H 61 -29.03 37.62 27.34
N PHE H 62 -29.17 37.23 26.07
CA PHE H 62 -28.60 35.97 25.59
C PHE H 62 -27.13 36.12 25.14
N PHE H 63 -26.60 37.36 25.18
CA PHE H 63 -25.27 37.65 24.64
C PHE H 63 -24.14 36.83 25.25
N PRO H 64 -24.03 36.81 26.60
CA PRO H 64 -22.94 35.98 27.10
C PRO H 64 -23.02 34.50 26.69
N GLY H 65 -24.23 33.95 26.61
CA GLY H 65 -24.43 32.58 26.19
C GLY H 65 -24.00 32.34 24.74
N LEU H 66 -24.25 33.33 23.91
CA LEU H 66 -23.89 33.28 22.50
C LEU H 66 -22.38 33.22 22.34
N ILE H 67 -21.68 34.08 23.05
CA ILE H 67 -20.24 34.08 22.94
C ILE H 67 -19.65 32.76 23.44
N SER H 68 -20.15 32.26 24.57
CA SER H 68 -19.69 30.98 25.10
C SER H 68 -19.93 29.89 24.07
N TYR H 69 -21.11 29.89 23.47
CA TYR H 69 -21.43 28.87 22.47
C TYR H 69 -20.48 28.97 21.26
N MET H 70 -20.28 30.18 20.80
CA MET H 70 -19.45 30.40 19.64
C MET H 70 -17.97 30.10 19.89
N THR H 71 -17.57 29.88 21.15
CA THR H 71 -16.19 29.43 21.46
C THR H 71 -16.19 27.95 21.82
N SER H 72 -17.32 27.25 21.69
CA SER H 72 -17.41 25.86 22.17
C SER H 72 -16.83 24.84 21.19
N GLY H 73 -16.45 25.30 20.01
CA GLY H 73 -15.80 24.49 19.00
C GLY H 73 -15.30 25.42 17.91
N PRO H 74 -14.44 24.90 17.01
CA PRO H 74 -13.92 25.78 15.96
C PRO H 74 -14.93 26.19 14.90
N VAL H 75 -14.60 27.25 14.18
CA VAL H 75 -15.36 27.74 13.06
C VAL H 75 -14.50 27.70 11.83
N VAL H 76 -15.15 27.80 10.67
CA VAL H 76 -14.48 27.89 9.40
C VAL H 76 -14.90 29.22 8.77
N CYS H 77 -13.90 30.06 8.51
CA CYS H 77 -14.10 31.43 8.03
C CYS H 77 -13.78 31.45 6.54
N MET H 78 -14.61 32.13 5.75
CA MET H 78 -14.38 32.21 4.30
C MET H 78 -14.71 33.57 3.74
N VAL H 79 -14.09 33.89 2.61
CA VAL H 79 -14.45 35.06 1.82
C VAL H 79 -14.73 34.56 0.42
N TRP H 80 -15.92 34.89 -0.09
CA TRP H 80 -16.36 34.53 -1.44
C TRP H 80 -16.53 35.80 -2.26
N GLU H 81 -16.19 35.72 -3.54
CA GLU H 81 -16.18 36.87 -4.44
C GLU H 81 -17.02 36.64 -5.69
N GLY H 82 -17.81 37.66 -6.06
CA GLY H 82 -18.59 37.60 -7.29
C GLY H 82 -19.79 38.54 -7.29
N THR H 83 -20.42 38.67 -8.44
CA THR H 83 -21.53 39.60 -8.57
C THR H 83 -22.68 39.24 -7.62
N ASP H 84 -23.09 40.26 -6.83
CA ASP H 84 -24.22 40.15 -5.88
C ASP H 84 -24.02 39.04 -4.82
N VAL H 85 -22.77 38.72 -4.48
CA VAL H 85 -22.53 37.58 -3.59
C VAL H 85 -23.08 37.76 -2.18
N VAL H 86 -23.21 39.00 -1.72
CA VAL H 86 -23.75 39.21 -0.37
C VAL H 86 -25.20 38.73 -0.34
N LYS H 87 -26.01 39.23 -1.26
CA LYS H 87 -27.42 38.89 -1.29
C LYS H 87 -27.64 37.43 -1.68
N GLN H 88 -26.97 36.98 -2.75
CA GLN H 88 -27.11 35.57 -3.19
C GLN H 88 -26.63 34.61 -2.09
N GLY H 89 -25.58 35.00 -1.36
CA GLY H 89 -25.09 34.20 -0.24
C GLY H 89 -26.17 33.99 0.80
N ARG H 90 -26.79 35.07 1.23
CA ARG H 90 -27.90 34.99 2.16
C ARG H 90 -29.04 34.14 1.60
N ARG H 91 -29.35 34.30 0.31
N ARG H 91 -29.34 34.28 0.32
CA ARG H 91 -30.41 33.51 -0.30
CA ARG H 91 -30.43 33.49 -0.23
C ARG H 91 -30.09 32.02 -0.22
C ARG H 91 -30.10 32.00 -0.24
N MET H 92 -28.84 31.67 -0.49
CA MET H 92 -28.41 30.25 -0.48
C MET H 92 -28.39 29.69 0.94
N LEU H 93 -28.09 30.54 1.92
CA LEU H 93 -28.12 30.08 3.31
C LEU H 93 -29.54 29.81 3.77
N GLY H 94 -30.47 30.63 3.30
CA GLY H 94 -31.87 30.54 3.71
C GLY H 94 -32.18 31.61 4.74
N GLU H 95 -33.42 31.66 5.19
CA GLU H 95 -33.80 32.62 6.21
C GLU H 95 -32.98 32.34 7.48
N THR H 96 -32.83 33.34 8.33
CA THR H 96 -32.07 33.18 9.57
C THR H 96 -32.66 32.05 10.41
N ARG H 97 -33.98 32.04 10.47
CA ARG H 97 -34.68 31.01 11.23
C ARG H 97 -34.90 29.80 10.32
N PRO H 98 -34.32 28.64 10.70
CA PRO H 98 -34.49 27.46 9.81
C PRO H 98 -35.93 27.04 9.62
N LEU H 99 -36.81 27.31 10.58
CA LEU H 99 -38.21 26.90 10.42
C LEU H 99 -38.92 27.74 9.33
N GLU H 100 -38.30 28.84 8.92
CA GLU H 100 -38.84 29.71 7.90
C GLU H 100 -38.11 29.56 6.57
N SER H 101 -37.05 28.73 6.56
CA SER H 101 -36.21 28.51 5.39
C SER H 101 -36.78 27.45 4.49
N ASN H 102 -36.58 27.62 3.20
CA ASN H 102 -37.14 26.70 2.23
C ASN H 102 -36.22 25.54 1.90
N PRO H 103 -36.80 24.39 1.56
CA PRO H 103 -35.97 23.30 1.07
C PRO H 103 -35.14 23.79 -0.09
N GLY H 104 -33.87 23.36 -0.13
CA GLY H 104 -32.95 23.79 -1.18
C GLY H 104 -31.93 24.78 -0.69
N THR H 105 -32.22 25.37 0.46
CA THR H 105 -31.30 26.28 1.10
C THR H 105 -30.55 25.50 2.17
N LEU H 106 -29.43 26.04 2.63
CA LEU H 106 -28.68 25.31 3.65
C LEU H 106 -29.47 25.09 4.93
N ARG H 107 -30.07 26.13 5.47
CA ARG H 107 -30.76 25.97 6.74
C ARG H 107 -32.02 25.18 6.55
N GLY H 108 -32.60 25.31 5.36
CA GLY H 108 -33.83 24.58 5.06
C GLY H 108 -33.58 23.09 4.89
N ASP H 109 -32.38 22.73 4.47
CA ASP H 109 -32.05 21.33 4.24
C ASP H 109 -31.50 20.66 5.51
N PHE H 110 -30.83 21.43 6.38
CA PHE H 110 -30.06 20.85 7.46
C PHE H 110 -30.35 21.30 8.89
N CYS H 111 -31.20 22.29 9.08
CA CYS H 111 -31.36 22.91 10.41
C CYS H 111 -32.77 22.99 10.92
N ILE H 112 -32.87 23.19 12.23
CA ILE H 112 -34.14 23.23 12.94
C ILE H 112 -34.24 24.44 13.86
N ASP H 113 -33.24 24.64 14.72
CA ASP H 113 -33.26 25.74 15.71
C ASP H 113 -32.44 26.95 15.26
N VAL H 114 -32.97 28.15 15.47
CA VAL H 114 -32.22 29.36 15.04
C VAL H 114 -30.84 29.48 15.71
N GLY H 115 -30.73 28.99 16.96
CA GLY H 115 -29.45 29.00 17.69
C GLY H 115 -28.45 27.94 17.21
N ARG H 116 -28.91 27.04 16.33
CA ARG H 116 -28.07 25.97 15.75
C ARG H 116 -28.32 25.99 14.23
N ASN H 117 -28.01 27.13 13.62
CA ASN H 117 -28.32 27.36 12.20
C ASN H 117 -27.09 27.35 11.26
N ILE H 118 -26.08 26.61 11.75
CA ILE H 118 -24.81 26.19 11.09
C ILE H 118 -23.92 27.19 10.41
N VAL H 119 -24.44 28.33 10.01
CA VAL H 119 -23.63 29.21 9.19
C VAL H 119 -24.06 30.67 9.36
N HIS H 120 -23.13 31.57 9.10
CA HIS H 120 -23.39 33.00 9.09
C HIS H 120 -23.00 33.56 7.73
N GLY H 121 -23.74 34.56 7.26
CA GLY H 121 -23.35 35.29 6.04
C GLY H 121 -23.59 36.79 6.25
N SER H 122 -22.73 37.64 5.69
CA SER H 122 -22.86 39.09 5.88
C SER H 122 -24.22 39.54 5.38
N ASP H 123 -24.83 40.46 6.12
CA ASP H 123 -26.18 40.93 5.76
C ASP H 123 -26.16 42.09 4.75
N SER H 124 -25.00 42.69 4.53
CA SER H 124 -24.89 43.77 3.58
C SER H 124 -23.44 43.96 3.17
N VAL H 125 -23.25 44.72 2.10
CA VAL H 125 -21.90 45.00 1.59
C VAL H 125 -21.07 45.70 2.67
N GLU H 126 -21.69 46.66 3.35
CA GLU H 126 -20.98 47.40 4.39
C GLU H 126 -20.55 46.43 5.53
N SER H 127 -21.46 45.58 5.98
CA SER H 127 -21.14 44.64 7.04
C SER H 127 -20.12 43.59 6.56
N ALA H 128 -20.22 43.21 5.28
CA ALA H 128 -19.24 42.25 4.72
C ALA H 128 -17.82 42.83 4.77
N ASN H 129 -17.66 44.06 4.29
CA ASN H 129 -16.32 44.69 4.31
C ASN H 129 -15.73 44.78 5.72
N LYS H 130 -16.57 45.06 6.70
CA LYS H 130 -16.16 45.08 8.11
C LYS H 130 -15.76 43.69 8.57
N GLU H 131 -16.62 42.70 8.30
CA GLU H 131 -16.37 41.33 8.76
C GLU H 131 -15.12 40.75 8.14
N ILE H 132 -14.92 40.99 6.85
CA ILE H 132 -13.73 40.49 6.17
C ILE H 132 -12.45 41.02 6.83
N SER H 133 -12.41 42.33 7.08
N SER H 133 -12.41 42.32 7.08
CA SER H 133 -11.22 42.95 7.69
CA SER H 133 -11.21 42.93 7.69
C SER H 133 -11.04 42.53 9.15
C SER H 133 -11.04 42.52 9.15
N LEU H 134 -12.13 42.18 9.81
CA LEU H 134 -12.07 41.73 11.21
C LEU H 134 -11.46 40.35 11.30
N TRP H 135 -11.86 39.45 10.40
CA TRP H 135 -11.43 38.07 10.48
C TRP H 135 -10.20 37.69 9.66
N PHE H 136 -9.86 38.50 8.64
CA PHE H 136 -8.73 38.22 7.77
C PHE H 136 -7.84 39.41 7.57
N THR H 137 -6.55 39.15 7.39
CA THR H 137 -5.61 40.20 7.03
C THR H 137 -5.52 40.23 5.53
N PRO H 138 -5.02 41.34 4.95
CA PRO H 138 -4.95 41.36 3.50
C PRO H 138 -4.09 40.25 2.93
N GLU H 139 -3.07 39.82 3.68
CA GLU H 139 -2.16 38.77 3.22
C GLU H 139 -2.85 37.40 3.12
N GLU H 140 -3.98 37.26 3.80
CA GLU H 140 -4.72 36.01 3.75
C GLU H 140 -5.68 35.94 2.58
N ILE H 141 -5.89 37.06 1.89
CA ILE H 141 -6.81 37.08 0.75
C ILE H 141 -6.00 36.75 -0.50
N CYS H 142 -6.45 35.74 -1.23
CA CYS H 142 -5.69 35.24 -2.35
C CYS H 142 -6.32 35.73 -3.65
N GLU H 143 -5.52 36.42 -4.46
N GLU H 143 -5.53 36.43 -4.45
CA GLU H 143 -6.00 36.98 -5.71
CA GLU H 143 -5.98 36.96 -5.72
C GLU H 143 -5.73 35.95 -6.82
C GLU H 143 -5.74 35.92 -6.80
N TRP H 144 -6.77 35.60 -7.57
CA TRP H 144 -6.64 34.65 -8.68
C TRP H 144 -7.76 34.84 -9.67
N THR H 145 -7.56 34.29 -10.87
CA THR H 145 -8.53 34.37 -11.94
C THR H 145 -8.97 32.97 -12.32
N SER H 146 -10.26 32.73 -12.19
CA SER H 146 -10.86 31.45 -12.51
C SER H 146 -10.81 31.17 -13.99
N ALA H 147 -10.47 29.93 -14.32
CA ALA H 147 -10.47 29.47 -15.70
C ALA H 147 -11.87 29.57 -16.33
N GLN H 148 -12.91 29.53 -15.49
CA GLN H 148 -14.28 29.58 -16.00
C GLN H 148 -14.87 30.99 -15.98
N HIS H 149 -14.07 32.01 -15.68
CA HIS H 149 -14.61 33.37 -15.60
C HIS H 149 -15.44 33.81 -16.79
N LYS H 150 -14.96 33.54 -17.99
CA LYS H 150 -15.68 34.00 -19.21
C LYS H 150 -16.91 33.17 -19.51
N TRP H 151 -17.11 32.07 -18.77
CA TRP H 151 -18.29 31.24 -18.94
C TRP H 151 -19.27 31.45 -17.81
N VAL H 152 -18.81 32.06 -16.72
CA VAL H 152 -19.69 32.42 -15.61
C VAL H 152 -20.23 33.84 -15.79
N TYR H 153 -19.41 34.72 -16.38
CA TYR H 153 -19.76 36.13 -16.55
C TYR H 153 -19.74 36.57 -18.00
N GLU H 154 -20.63 37.51 -18.34
CA GLU H 154 -20.71 38.01 -19.71
C GLU H 154 -19.68 39.12 -19.97
N LYS I 4 -42.09 20.72 22.98
CA LYS I 4 -41.87 21.06 21.52
C LYS I 4 -40.95 20.06 20.78
N GLN I 5 -39.75 19.82 21.34
CA GLN I 5 -38.74 18.90 20.75
C GLN I 5 -39.19 17.44 20.69
N GLN I 6 -40.31 17.09 21.33
CA GLN I 6 -40.75 15.72 21.27
C GLN I 6 -41.87 15.53 20.25
N GLU I 7 -42.19 16.56 19.47
CA GLU I 7 -43.23 16.45 18.45
C GLU I 7 -42.89 15.34 17.46
N ARG I 8 -43.92 14.61 17.01
CA ARG I 8 -43.73 13.52 16.06
C ARG I 8 -44.67 13.61 14.90
N THR I 9 -44.23 13.08 13.76
CA THR I 9 -45.07 13.04 12.57
C THR I 9 -44.97 11.69 11.91
N TYR I 10 -46.00 11.32 11.17
CA TYR I 10 -46.04 10.08 10.43
C TYR I 10 -45.74 10.35 8.96
N ILE I 11 -44.71 9.68 8.44
CA ILE I 11 -44.35 9.80 7.03
C ILE I 11 -44.44 8.40 6.42
N MET I 12 -45.01 8.32 5.22
CA MET I 12 -45.18 7.05 4.55
C MET I 12 -44.81 7.16 3.07
N VAL I 13 -43.90 6.31 2.62
CA VAL I 13 -43.56 6.20 1.22
C VAL I 13 -44.63 5.30 0.62
N LYS I 14 -45.32 5.84 -0.38
CA LYS I 14 -46.43 5.17 -1.05
C LYS I 14 -45.91 4.14 -2.05
N PRO I 15 -46.80 3.29 -2.57
CA PRO I 15 -46.29 2.23 -3.45
C PRO I 15 -45.43 2.71 -4.62
N ASP I 16 -45.77 3.87 -5.18
CA ASP I 16 -45.01 4.43 -6.28
C ASP I 16 -43.61 4.88 -5.85
N GLY I 17 -43.47 5.35 -4.61
CA GLY I 17 -42.12 5.76 -4.14
C GLY I 17 -41.22 4.57 -3.97
N VAL I 18 -41.81 3.44 -3.55
CA VAL I 18 -41.04 2.20 -3.42
C VAL I 18 -40.64 1.67 -4.81
N GLN I 19 -41.60 1.57 -5.70
CA GLN I 19 -41.37 1.10 -7.06
C GLN I 19 -40.32 1.91 -7.78
N ARG I 20 -40.30 3.21 -7.52
CA ARG I 20 -39.38 4.13 -8.23
C ARG I 20 -38.02 4.30 -7.55
N GLY I 21 -37.81 3.52 -6.50
CA GLY I 21 -36.53 3.51 -5.82
C GLY I 21 -36.21 4.77 -5.04
N LEU I 22 -37.23 5.38 -4.44
CA LEU I 22 -37.05 6.65 -3.73
C LEU I 22 -37.10 6.56 -2.21
N VAL I 23 -37.04 5.34 -1.67
CA VAL I 23 -37.07 5.19 -0.21
C VAL I 23 -35.88 5.90 0.44
N SER I 24 -34.67 5.68 -0.07
CA SER I 24 -33.50 6.32 0.52
C SER I 24 -33.58 7.83 0.45
N GLU I 25 -34.09 8.35 -0.65
CA GLU I 25 -34.18 9.81 -0.78
C GLU I 25 -35.15 10.44 0.21
N VAL I 26 -36.29 9.79 0.48
CA VAL I 26 -37.25 10.31 1.47
C VAL I 26 -36.62 10.34 2.85
N ILE I 27 -35.97 9.23 3.23
CA ILE I 27 -35.32 9.13 4.52
C ILE I 27 -34.26 10.20 4.64
N ARG I 28 -33.50 10.40 3.56
CA ARG I 28 -32.41 11.37 3.58
C ARG I 28 -32.87 12.78 3.94
N ARG I 29 -34.00 13.20 3.37
CA ARG I 29 -34.44 14.58 3.65
C ARG I 29 -34.64 14.83 5.13
N PHE I 30 -35.20 13.86 5.84
CA PHE I 30 -35.43 13.99 7.29
C PHE I 30 -34.18 13.74 8.08
N GLU I 31 -33.41 12.74 7.67
CA GLU I 31 -32.23 12.33 8.40
C GLU I 31 -31.16 13.42 8.39
N GLN I 32 -30.96 14.04 7.23
CA GLN I 32 -29.90 15.07 7.11
C GLN I 32 -30.31 16.40 7.78
N ARG I 33 -31.61 16.57 7.99
CA ARG I 33 -32.21 17.76 8.60
C ARG I 33 -32.03 17.79 10.11
N GLY I 34 -31.72 16.64 10.72
CA GLY I 34 -31.55 16.58 12.16
C GLY I 34 -32.75 15.98 12.86
N TYR I 35 -33.76 15.57 12.09
CA TYR I 35 -34.92 14.89 12.67
C TYR I 35 -34.55 13.45 13.04
N LYS I 36 -35.17 12.96 14.12
CA LYS I 36 -34.82 11.64 14.66
C LYS I 36 -35.81 10.56 14.24
N LEU I 37 -35.29 9.50 13.61
CA LEU I 37 -36.12 8.37 13.18
C LEU I 37 -36.38 7.51 14.40
N VAL I 38 -37.66 7.38 14.75
CA VAL I 38 -38.04 6.59 15.95
C VAL I 38 -38.88 5.34 15.68
N ALA I 39 -39.36 5.18 14.46
CA ALA I 39 -40.07 3.95 14.09
C ALA I 39 -39.97 3.85 12.60
N LEU I 40 -39.87 2.63 12.09
CA LEU I 40 -39.69 2.39 10.67
C LEU I 40 -40.08 0.96 10.31
N LYS I 41 -40.82 0.79 9.22
CA LYS I 41 -41.11 -0.55 8.75
C LYS I 41 -41.68 -0.58 7.35
N MET I 42 -41.40 -1.64 6.62
CA MET I 42 -42.03 -1.87 5.33
C MET I 42 -43.22 -2.76 5.65
N LYS I 43 -44.34 -2.50 4.99
N LYS I 43 -44.34 -2.49 5.00
CA LYS I 43 -45.55 -3.25 5.25
CA LYS I 43 -45.59 -3.19 5.27
C LYS I 43 -46.44 -3.29 4.02
C LYS I 43 -46.46 -3.27 4.03
N SER I 44 -47.32 -4.28 3.99
CA SER I 44 -48.29 -4.44 2.93
C SER I 44 -49.62 -4.44 3.70
N PRO I 45 -50.11 -3.25 4.07
CA PRO I 45 -51.34 -3.17 4.87
C PRO I 45 -52.54 -3.77 4.17
N ASP I 46 -53.47 -4.31 4.95
CA ASP I 46 -54.67 -4.82 4.30
C ASP I 46 -55.63 -3.65 4.11
N ALA I 47 -56.65 -3.87 3.29
CA ALA I 47 -57.70 -2.89 3.01
C ALA I 47 -58.26 -2.24 4.27
N THR I 48 -58.59 -3.06 5.27
CA THR I 48 -59.20 -2.56 6.51
C THR I 48 -58.40 -1.45 7.22
N LEU I 49 -57.08 -1.56 7.24
CA LEU I 49 -56.23 -0.53 7.84
C LEU I 49 -56.25 0.72 6.96
N LEU I 50 -56.14 0.51 5.65
CA LEU I 50 -56.17 1.62 4.72
C LEU I 50 -57.52 2.34 4.78
N GLU I 51 -58.61 1.57 4.82
CA GLU I 51 -59.93 2.18 4.91
C GLU I 51 -60.10 2.99 6.20
N GLU I 52 -59.44 2.60 7.28
N GLU I 52 -59.42 2.56 7.27
CA GLU I 52 -59.52 3.38 8.51
CA GLU I 52 -59.45 3.28 8.54
C GLU I 52 -58.61 4.61 8.38
C GLU I 52 -58.58 4.54 8.45
N HIS I 53 -57.44 4.43 7.77
CA HIS I 53 -56.53 5.57 7.54
C HIS I 53 -57.22 6.63 6.69
N TYR I 54 -57.92 6.20 5.65
CA TYR I 54 -58.68 7.11 4.79
C TYR I 54 -60.20 7.12 5.13
N ALA I 55 -60.55 6.96 6.40
CA ALA I 55 -61.97 6.93 6.81
C ALA I 55 -62.79 8.16 6.38
N ASP I 56 -62.18 9.34 6.50
CA ASP I 56 -62.85 10.58 6.11
C ASP I 56 -63.29 10.58 4.66
N LEU I 57 -62.64 9.77 3.83
CA LEU I 57 -62.94 9.73 2.40
C LEU I 57 -63.92 8.66 1.96
N LYS I 58 -64.48 7.92 2.91
CA LYS I 58 -65.48 6.92 2.51
C LYS I 58 -66.66 7.64 1.87
N GLY I 59 -67.19 7.06 0.82
CA GLY I 59 -68.34 7.64 0.13
C GLY I 59 -67.97 8.40 -1.12
N LYS I 60 -66.72 8.87 -1.22
CA LYS I 60 -66.28 9.56 -2.43
C LYS I 60 -66.16 8.51 -3.53
N PRO I 61 -66.40 8.89 -4.80
CA PRO I 61 -66.36 7.93 -5.92
C PRO I 61 -65.03 7.23 -6.11
N PHE I 62 -63.93 7.93 -5.86
CA PHE I 62 -62.58 7.39 -6.05
C PHE I 62 -62.08 6.51 -4.88
N PHE I 63 -62.88 6.36 -3.82
CA PHE I 63 -62.41 5.63 -2.63
C PHE I 63 -61.99 4.18 -2.91
N PRO I 64 -62.82 3.42 -3.66
CA PRO I 64 -62.39 2.04 -3.96
C PRO I 64 -61.08 1.97 -4.77
N GLY I 65 -60.93 2.88 -5.72
CA GLY I 65 -59.74 2.93 -6.57
C GLY I 65 -58.51 3.29 -5.76
N LEU I 66 -58.66 4.26 -4.85
CA LEU I 66 -57.56 4.66 -3.96
C LEU I 66 -57.12 3.46 -3.10
N ILE I 67 -58.07 2.76 -2.50
CA ILE I 67 -57.71 1.60 -1.68
C ILE I 67 -57.00 0.54 -2.51
N SER I 68 -57.46 0.34 -3.74
CA SER I 68 -56.85 -0.68 -4.61
C SER I 68 -55.41 -0.28 -4.88
N TYR I 69 -55.22 0.97 -5.24
CA TYR I 69 -53.91 1.49 -5.54
C TYR I 69 -52.97 1.37 -4.34
N MET I 70 -53.46 1.76 -3.17
CA MET I 70 -52.62 1.74 -1.96
C MET I 70 -52.31 0.33 -1.45
N THR I 71 -52.95 -0.69 -2.04
CA THR I 71 -52.63 -2.09 -1.72
C THR I 71 -51.89 -2.76 -2.88
N SER I 72 -51.49 -1.98 -3.89
CA SER I 72 -50.86 -2.52 -5.10
C SER I 72 -49.36 -2.76 -4.97
N GLY I 73 -48.77 -2.33 -3.86
CA GLY I 73 -47.38 -2.57 -3.58
C GLY I 73 -47.13 -2.19 -2.14
N PRO I 74 -46.00 -2.64 -1.58
CA PRO I 74 -45.68 -2.31 -0.20
C PRO I 74 -45.41 -0.82 0.02
N VAL I 75 -45.57 -0.39 1.27
CA VAL I 75 -45.28 0.98 1.68
C VAL I 75 -44.21 0.95 2.75
N VAL I 76 -43.57 2.10 2.98
CA VAL I 76 -42.60 2.23 4.07
C VAL I 76 -43.17 3.23 5.05
N CYS I 77 -43.40 2.78 6.30
CA CYS I 77 -43.99 3.61 7.36
C CYS I 77 -42.88 4.13 8.26
N MET I 78 -42.97 5.41 8.64
CA MET I 78 -41.95 6.04 9.48
C MET I 78 -42.55 7.00 10.49
N VAL I 79 -41.84 7.18 11.60
CA VAL I 79 -42.19 8.22 12.59
C VAL I 79 -40.90 9.01 12.81
N TRP I 80 -41.01 10.33 12.66
CA TRP I 80 -39.88 11.23 12.84
C TRP I 80 -40.19 12.16 13.99
N GLU I 81 -39.18 12.48 14.78
CA GLU I 81 -39.37 13.28 15.99
C GLU I 81 -38.48 14.49 15.97
N GLY I 82 -39.04 15.63 16.35
CA GLY I 82 -38.27 16.85 16.53
C GLY I 82 -39.13 18.07 16.47
N THR I 83 -38.55 19.23 16.77
CA THR I 83 -39.29 20.47 16.82
C THR I 83 -39.94 20.81 15.48
N ASP I 84 -41.26 21.05 15.55
CA ASP I 84 -42.06 21.46 14.40
C ASP I 84 -42.00 20.47 13.22
N VAL I 85 -41.73 19.21 13.52
CA VAL I 85 -41.56 18.20 12.47
C VAL I 85 -42.77 17.97 11.58
N VAL I 86 -43.97 18.17 12.11
CA VAL I 86 -45.15 18.01 11.26
C VAL I 86 -45.13 19.00 10.11
N LYS I 87 -45.01 20.27 10.46
CA LYS I 87 -45.02 21.34 9.49
C LYS I 87 -43.79 21.31 8.61
N GLN I 88 -42.61 21.10 9.21
CA GLN I 88 -41.38 21.05 8.40
C GLN I 88 -41.40 19.82 7.50
N GLY I 89 -41.97 18.73 7.98
CA GLY I 89 -42.10 17.55 7.15
C GLY I 89 -42.92 17.84 5.92
N ARG I 90 -44.06 18.52 6.10
CA ARG I 90 -44.90 18.86 4.98
C ARG I 90 -44.16 19.77 3.99
N ARG I 91 -43.39 20.70 4.52
N ARG I 91 -43.41 20.72 4.50
CA ARG I 91 -42.66 21.61 3.64
CA ARG I 91 -42.65 21.60 3.61
C ARG I 91 -41.57 20.89 2.84
C ARG I 91 -41.63 20.82 2.79
N MET I 92 -40.90 19.92 3.46
CA MET I 92 -39.87 19.14 2.76
C MET I 92 -40.48 18.24 1.68
N LEU I 93 -41.69 17.74 1.92
CA LEU I 93 -42.37 16.90 0.94
C LEU I 93 -42.84 17.74 -0.23
N GLY I 94 -43.23 18.99 0.06
CA GLY I 94 -43.72 19.90 -0.97
C GLY I 94 -45.24 19.90 -0.97
N GLU I 95 -45.85 20.63 -1.89
CA GLU I 95 -47.29 20.70 -1.95
C GLU I 95 -47.81 19.32 -2.31
N THR I 96 -48.99 18.99 -1.82
CA THR I 96 -49.61 17.71 -2.12
C THR I 96 -49.65 17.47 -3.64
N ARG I 97 -49.95 18.52 -4.40
CA ARG I 97 -50.00 18.47 -5.87
C ARG I 97 -48.59 18.76 -6.41
N PRO I 98 -47.95 17.76 -7.07
CA PRO I 98 -46.59 17.97 -7.57
C PRO I 98 -46.40 19.15 -8.53
N LEU I 99 -47.40 19.47 -9.35
CA LEU I 99 -47.25 20.59 -10.31
C LEU I 99 -47.27 21.93 -9.59
N GLU I 100 -47.59 21.94 -8.30
CA GLU I 100 -47.51 23.17 -7.49
C GLU I 100 -46.31 23.14 -6.56
N SER I 101 -45.54 22.07 -6.59
CA SER I 101 -44.42 21.89 -5.66
C SER I 101 -43.16 22.50 -6.21
N ASN I 102 -42.34 23.06 -5.33
CA ASN I 102 -41.13 23.71 -5.77
C ASN I 102 -39.93 22.78 -5.86
N PRO I 103 -38.98 23.11 -6.77
CA PRO I 103 -37.73 22.38 -6.85
C PRO I 103 -37.03 22.45 -5.51
N GLY I 104 -36.45 21.35 -5.08
CA GLY I 104 -35.85 21.26 -3.75
C GLY I 104 -36.71 20.48 -2.79
N THR I 105 -38.01 20.36 -3.09
CA THR I 105 -38.90 19.54 -2.28
C THR I 105 -38.95 18.13 -2.91
N LEU I 106 -39.41 17.14 -2.16
CA LEU I 106 -39.47 15.79 -2.71
C LEU I 106 -40.39 15.67 -3.92
N ARG I 107 -41.59 16.20 -3.80
CA ARG I 107 -42.52 16.10 -4.90
C ARG I 107 -42.08 16.99 -6.06
N GLY I 108 -41.54 18.15 -5.74
CA GLY I 108 -41.04 19.06 -6.78
C GLY I 108 -39.86 18.50 -7.54
N ASP I 109 -39.06 17.66 -6.89
CA ASP I 109 -37.91 17.04 -7.53
C ASP I 109 -38.25 15.74 -8.28
N PHE I 110 -39.23 14.98 -7.80
CA PHE I 110 -39.43 13.61 -8.29
C PHE I 110 -40.80 13.24 -8.85
N CYS I 111 -41.80 14.11 -8.70
CA CYS I 111 -43.20 13.75 -9.07
C CYS I 111 -43.90 14.66 -10.05
N ILE I 112 -44.95 14.11 -10.69
CA ILE I 112 -45.72 14.85 -11.68
C ILE I 112 -47.23 14.81 -11.40
N ASP I 113 -47.76 13.64 -11.05
CA ASP I 113 -49.22 13.48 -10.83
C ASP I 113 -49.56 13.41 -9.35
N VAL I 114 -50.62 14.12 -8.94
CA VAL I 114 -51.04 14.11 -7.52
C VAL I 114 -51.40 12.68 -7.04
N GLY I 115 -51.88 11.85 -7.96
CA GLY I 115 -52.21 10.46 -7.63
C GLY I 115 -51.01 9.55 -7.54
N ARG I 116 -49.84 10.05 -7.91
CA ARG I 116 -48.57 9.33 -7.79
C ARG I 116 -47.58 10.31 -7.21
N ASN I 117 -47.83 10.72 -5.97
CA ASN I 117 -47.01 11.72 -5.34
C ASN I 117 -46.10 11.17 -4.26
N ILE I 118 -45.75 9.89 -4.42
CA ILE I 118 -44.73 9.12 -3.66
C ILE I 118 -44.71 9.07 -2.13
N VAL I 119 -45.27 10.06 -1.48
CA VAL I 119 -45.14 10.13 -0.03
C VAL I 119 -46.35 10.81 0.59
N HIS I 120 -46.57 10.52 1.87
CA HIS I 120 -47.61 11.15 2.67
C HIS I 120 -46.94 11.63 3.93
N GLY I 121 -47.35 12.81 4.39
CA GLY I 121 -46.90 13.36 5.67
C GLY I 121 -48.14 13.84 6.41
N SER I 122 -48.19 13.62 7.73
CA SER I 122 -49.31 14.09 8.56
C SER I 122 -49.53 15.59 8.37
N ASP I 123 -50.78 16.02 8.26
CA ASP I 123 -51.05 17.45 8.06
C ASP I 123 -51.14 18.29 9.35
N SER I 124 -51.21 17.65 10.52
CA SER I 124 -51.31 18.37 11.80
C SER I 124 -50.86 17.48 12.92
N VAL I 125 -50.65 18.06 14.09
CA VAL I 125 -50.26 17.25 15.25
C VAL I 125 -51.37 16.27 15.61
N GLU I 126 -52.62 16.71 15.50
CA GLU I 126 -53.77 15.85 15.82
C GLU I 126 -53.79 14.64 14.88
N SER I 127 -53.63 14.90 13.59
N SER I 127 -53.65 14.91 13.58
CA SER I 127 -53.63 13.83 12.61
CA SER I 127 -53.61 13.85 12.59
C SER I 127 -52.41 12.92 12.78
C SER I 127 -52.41 12.92 12.79
N ALA I 128 -51.26 13.50 13.12
CA ALA I 128 -50.05 12.69 13.34
C ALA I 128 -50.23 11.70 14.49
N ASN I 129 -50.78 12.16 15.60
CA ASN I 129 -51.03 11.27 16.75
C ASN I 129 -51.97 10.13 16.38
N LYS I 130 -53.01 10.46 15.62
CA LYS I 130 -53.97 9.45 15.15
C LYS I 130 -53.30 8.45 14.20
N GLU I 131 -52.50 8.97 13.26
CA GLU I 131 -51.81 8.14 12.26
C GLU I 131 -50.74 7.23 12.87
N ILE I 132 -49.98 7.77 13.81
CA ILE I 132 -48.94 6.99 14.48
C ILE I 132 -49.53 5.84 15.28
N SER I 133 -50.68 6.11 15.91
CA SER I 133 -51.38 5.10 16.71
C SER I 133 -51.99 4.03 15.82
N LEU I 134 -52.39 4.42 14.62
CA LEU I 134 -53.00 3.49 13.70
C LEU I 134 -52.00 2.56 13.06
N TRP I 135 -50.89 3.13 12.59
CA TRP I 135 -49.89 2.37 11.87
C TRP I 135 -48.84 1.68 12.73
N PHE I 136 -48.60 2.16 13.94
CA PHE I 136 -47.59 1.57 14.83
C PHE I 136 -48.15 1.28 16.21
N THR I 137 -47.58 0.27 16.87
CA THR I 137 -47.89 -0.02 18.25
C THR I 137 -46.86 0.77 19.06
N PRO I 138 -47.17 1.09 20.32
CA PRO I 138 -46.17 1.81 21.12
C PRO I 138 -44.85 1.01 21.27
N GLU I 139 -44.94 -0.32 21.21
CA GLU I 139 -43.73 -1.18 21.28
C GLU I 139 -42.80 -1.09 20.07
N GLU I 140 -43.31 -0.60 18.94
CA GLU I 140 -42.50 -0.46 17.73
C GLU I 140 -41.78 0.88 17.71
N ILE I 141 -42.05 1.74 18.69
CA ILE I 141 -41.38 3.04 18.73
C ILE I 141 -40.11 2.88 19.55
N CYS I 142 -38.99 3.37 19.01
CA CYS I 142 -37.71 3.20 19.66
C CYS I 142 -37.23 4.52 20.28
N GLU I 143 -36.99 4.48 21.58
CA GLU I 143 -36.53 5.61 22.37
C GLU I 143 -35.00 5.66 22.28
N TRP I 144 -34.46 6.79 21.86
CA TRP I 144 -33.00 6.95 21.83
C TRP I 144 -32.62 8.43 21.78
N THR I 145 -31.38 8.71 22.14
CA THR I 145 -30.85 10.05 22.15
C THR I 145 -29.72 10.14 21.15
N SER I 146 -29.85 11.10 20.24
CA SER I 146 -28.85 11.36 19.20
C SER I 146 -27.62 12.04 19.76
N ALA I 147 -26.45 11.52 19.37
CA ALA I 147 -25.17 12.14 19.74
C ALA I 147 -25.09 13.62 19.30
N GLN I 148 -25.81 13.97 18.25
CA GLN I 148 -25.76 15.36 17.74
C GLN I 148 -26.82 16.27 18.34
N HIS I 149 -27.58 15.77 19.31
CA HIS I 149 -28.63 16.59 19.88
C HIS I 149 -28.20 18.00 20.30
N LYS I 150 -27.07 18.12 21.00
CA LYS I 150 -26.68 19.45 21.50
C LYS I 150 -26.25 20.40 20.38
N TRP I 151 -26.06 19.84 19.19
CA TRP I 151 -25.61 20.65 18.06
C TRP I 151 -26.75 20.94 17.08
N VAL I 152 -27.81 20.17 17.16
CA VAL I 152 -29.01 20.40 16.35
C VAL I 152 -29.97 21.32 17.09
N TYR I 153 -30.01 21.18 18.43
CA TYR I 153 -30.92 21.96 19.25
C TYR I 153 -30.23 22.89 20.24
N GLU I 154 -30.82 24.07 20.42
N GLU I 154 -30.78 24.09 20.41
CA GLU I 154 -30.33 25.07 21.35
CA GLU I 154 -30.22 25.04 21.38
C GLU I 154 -30.77 24.66 22.76
C GLU I 154 -30.77 24.71 22.75
N GLN I 155 -30.00 25.04 23.78
CA GLN I 155 -30.38 24.72 25.16
C GLN I 155 -31.08 25.88 25.84
N LYS J 4 -50.61 9.80 -18.79
CA LYS J 4 -51.14 10.73 -19.86
C LYS J 4 -50.13 11.79 -20.34
N GLN J 5 -50.66 12.67 -21.20
CA GLN J 5 -49.99 13.84 -21.80
C GLN J 5 -48.60 13.66 -22.47
N GLN J 6 -48.65 13.79 -23.79
CA GLN J 6 -47.50 13.75 -24.64
C GLN J 6 -47.01 15.17 -24.84
N GLU J 7 -47.31 16.10 -23.92
CA GLU J 7 -46.75 17.46 -24.05
C GLU J 7 -45.22 17.37 -24.07
N ARG J 8 -44.59 18.20 -24.91
CA ARG J 8 -43.14 18.22 -25.06
C ARG J 8 -42.58 19.63 -24.96
N THR J 9 -41.34 19.71 -24.48
CA THR J 9 -40.64 20.99 -24.42
C THR J 9 -39.23 20.83 -24.94
N TYR J 10 -38.67 21.93 -25.43
CA TYR J 10 -37.30 21.96 -25.89
C TYR J 10 -36.39 22.51 -24.78
N ILE J 11 -35.40 21.73 -24.38
CA ILE J 11 -34.42 22.16 -23.37
C ILE J 11 -33.04 22.16 -24.03
N MET J 12 -32.26 23.21 -23.83
CA MET J 12 -30.95 23.29 -24.45
C MET J 12 -29.90 23.75 -23.43
N VAL J 13 -28.82 22.98 -23.31
CA VAL J 13 -27.70 23.40 -22.51
C VAL J 13 -26.88 24.35 -23.40
N LYS J 14 -26.73 25.61 -22.96
CA LYS J 14 -26.03 26.65 -23.69
C LYS J 14 -24.52 26.42 -23.61
N PRO J 15 -23.73 27.16 -24.42
CA PRO J 15 -22.31 26.87 -24.44
C PRO J 15 -21.63 26.94 -23.08
N ASP J 16 -22.08 27.85 -22.22
CA ASP J 16 -21.51 27.96 -20.87
C ASP J 16 -21.82 26.72 -20.01
N GLY J 17 -23.02 26.15 -20.18
CA GLY J 17 -23.42 24.92 -19.46
C GLY J 17 -22.55 23.74 -19.84
N VAL J 18 -22.23 23.63 -21.13
CA VAL J 18 -21.33 22.60 -21.60
C VAL J 18 -19.90 22.84 -21.06
N GLN J 19 -19.41 24.07 -21.20
CA GLN J 19 -18.06 24.39 -20.77
C GLN J 19 -17.84 24.15 -19.27
N ARG J 20 -18.88 24.42 -18.50
CA ARG J 20 -18.82 24.26 -17.04
C ARG J 20 -19.16 22.85 -16.52
N GLY J 21 -19.40 21.91 -17.45
CA GLY J 21 -19.57 20.52 -17.07
C GLY J 21 -20.89 20.23 -16.42
N LEU J 22 -21.91 20.94 -16.88
CA LEU J 22 -23.24 20.83 -16.28
C LEU J 22 -24.26 20.04 -17.09
N VAL J 23 -23.79 19.36 -18.13
CA VAL J 23 -24.74 18.60 -18.97
C VAL J 23 -25.45 17.55 -18.14
N SER J 24 -24.69 16.77 -17.36
N SER J 24 -24.67 16.78 -17.39
CA SER J 24 -25.28 15.69 -16.55
CA SER J 24 -25.22 15.73 -16.56
C SER J 24 -26.29 16.18 -15.53
C SER J 24 -26.33 16.25 -15.64
N GLU J 25 -26.03 17.33 -14.92
CA GLU J 25 -26.94 17.89 -13.94
C GLU J 25 -28.25 18.37 -14.54
N VAL J 26 -28.18 18.96 -15.72
CA VAL J 26 -29.39 19.41 -16.36
C VAL J 26 -30.26 18.22 -16.71
N ILE J 27 -29.65 17.20 -17.29
CA ILE J 27 -30.42 15.99 -17.66
C ILE J 27 -31.00 15.35 -16.38
N ARG J 28 -30.22 15.28 -15.32
N ARG J 28 -30.21 15.28 -15.32
CA ARG J 28 -30.71 14.67 -14.08
CA ARG J 28 -30.64 14.69 -14.05
C ARG J 28 -32.02 15.30 -13.57
C ARG J 28 -31.93 15.30 -13.47
N ARG J 29 -32.10 16.61 -13.59
CA ARG J 29 -33.30 17.28 -13.07
C ARG J 29 -34.57 16.76 -13.75
N PHE J 30 -34.52 16.59 -15.06
CA PHE J 30 -35.67 16.09 -15.80
C PHE J 30 -35.85 14.59 -15.65
N GLU J 31 -34.75 13.85 -15.76
CA GLU J 31 -34.78 12.40 -15.74
C GLU J 31 -35.29 11.91 -14.39
N GLN J 32 -34.83 12.55 -13.32
CA GLN J 32 -35.25 12.08 -11.99
C GLN J 32 -36.73 12.42 -11.66
N ARG J 33 -37.27 13.42 -12.31
CA ARG J 33 -38.65 13.91 -12.10
C ARG J 33 -39.68 12.97 -12.75
N GLY J 34 -39.22 12.10 -13.65
CA GLY J 34 -40.14 11.18 -14.34
C GLY J 34 -40.46 11.62 -15.77
N TYR J 35 -39.85 12.71 -16.21
CA TYR J 35 -40.02 13.16 -17.58
C TYR J 35 -39.24 12.26 -18.52
N LYS J 36 -39.74 12.10 -19.73
CA LYS J 36 -39.18 11.14 -20.68
C LYS J 36 -38.34 11.85 -21.73
N LEU J 37 -37.07 11.46 -21.83
CA LEU J 37 -36.19 12.05 -22.84
C LEU J 37 -36.52 11.40 -24.18
N VAL J 38 -36.96 12.20 -25.16
CA VAL J 38 -37.32 11.64 -26.47
C VAL J 38 -36.43 12.10 -27.64
N ALA J 39 -35.54 13.06 -27.40
CA ALA J 39 -34.56 13.48 -28.40
C ALA J 39 -33.38 14.15 -27.70
N LEU J 40 -32.19 13.95 -28.24
CA LEU J 40 -30.96 14.45 -27.62
C LEU J 40 -29.84 14.47 -28.65
N LYS J 41 -29.09 15.58 -28.69
CA LYS J 41 -27.90 15.66 -29.53
C LYS J 41 -27.03 16.83 -29.10
N MET J 42 -25.73 16.69 -29.28
CA MET J 42 -24.81 17.80 -29.14
C MET J 42 -24.69 18.37 -30.55
N LYS J 43 -24.69 19.69 -30.64
CA LYS J 43 -24.62 20.37 -31.90
C LYS J 43 -23.82 21.68 -31.82
N SER J 44 -23.26 22.06 -32.97
CA SER J 44 -22.61 23.34 -33.17
C SER J 44 -23.43 24.07 -34.22
N PRO J 45 -24.54 24.69 -33.79
CA PRO J 45 -25.38 25.35 -34.78
C PRO J 45 -24.73 26.54 -35.45
N ASP J 46 -25.14 26.81 -36.68
CA ASP J 46 -24.65 27.97 -37.42
C ASP J 46 -25.57 29.16 -37.17
N ALA J 47 -25.07 30.35 -37.48
CA ALA J 47 -25.83 31.58 -37.35
C ALA J 47 -27.23 31.43 -37.90
N THR J 48 -27.34 30.92 -39.13
CA THR J 48 -28.62 30.73 -39.80
C THR J 48 -29.65 30.10 -38.86
N LEU J 49 -29.27 29.03 -38.18
CA LEU J 49 -30.17 28.34 -37.28
C LEU J 49 -30.44 29.19 -36.03
N LEU J 50 -29.39 29.76 -35.45
CA LEU J 50 -29.52 30.57 -34.23
C LEU J 50 -30.33 31.86 -34.42
N GLU J 51 -30.09 32.55 -35.52
CA GLU J 51 -30.83 33.78 -35.84
C GLU J 51 -32.32 33.49 -35.94
N GLU J 52 -32.67 32.30 -36.42
CA GLU J 52 -34.07 31.89 -36.48
C GLU J 52 -34.58 31.64 -35.07
N HIS J 53 -33.78 30.93 -34.26
CA HIS J 53 -34.18 30.64 -32.89
C HIS J 53 -34.46 31.92 -32.12
N TYR J 54 -33.61 32.94 -32.29
CA TYR J 54 -33.79 34.22 -31.60
C TYR J 54 -34.41 35.27 -32.51
N ALA J 55 -35.29 34.83 -33.42
CA ALA J 55 -35.91 35.74 -34.39
C ALA J 55 -36.51 37.00 -33.75
N ASP J 56 -37.23 36.82 -32.65
CA ASP J 56 -37.87 37.93 -31.93
C ASP J 56 -36.89 39.02 -31.51
N LEU J 57 -35.64 38.63 -31.34
CA LEU J 57 -34.61 39.55 -30.85
C LEU J 57 -33.85 40.28 -31.95
N LYS J 58 -34.16 40.01 -33.22
N LYS J 58 -34.18 40.02 -33.21
CA LYS J 58 -33.55 40.77 -34.30
CA LYS J 58 -33.54 40.74 -34.31
C LYS J 58 -33.68 42.24 -34.00
C LYS J 58 -33.71 42.24 -34.08
N GLY J 59 -32.67 43.01 -34.38
CA GLY J 59 -32.72 44.47 -34.21
C GLY J 59 -32.24 45.02 -32.87
N LYS J 60 -32.22 44.18 -31.83
CA LYS J 60 -31.72 44.64 -30.53
C LYS J 60 -30.25 44.93 -30.72
N PRO J 61 -29.72 45.95 -30.04
CA PRO J 61 -28.30 46.24 -30.21
C PRO J 61 -27.42 45.03 -29.85
N PHE J 62 -27.87 44.25 -28.87
CA PHE J 62 -27.09 43.10 -28.39
C PHE J 62 -27.15 41.83 -29.25
N PHE J 63 -27.91 41.86 -30.35
CA PHE J 63 -28.11 40.66 -31.19
C PHE J 63 -26.82 40.05 -31.77
N PRO J 64 -26.03 40.84 -32.53
CA PRO J 64 -24.82 40.22 -33.11
C PRO J 64 -23.96 39.55 -32.04
N GLY J 65 -23.82 40.21 -30.89
CA GLY J 65 -23.05 39.67 -29.78
C GLY J 65 -23.63 38.37 -29.23
N LEU J 66 -24.96 38.30 -29.17
CA LEU J 66 -25.64 37.08 -28.72
C LEU J 66 -25.38 35.92 -29.67
N ILE J 67 -25.49 36.17 -30.98
CA ILE J 67 -25.25 35.10 -31.94
C ILE J 67 -23.81 34.61 -31.88
N SER J 68 -22.87 35.53 -31.79
CA SER J 68 -21.46 35.14 -31.71
C SER J 68 -21.21 34.32 -30.45
N TYR J 69 -21.84 34.73 -29.35
CA TYR J 69 -21.72 33.99 -28.11
C TYR J 69 -22.32 32.58 -28.24
N MET J 70 -23.50 32.48 -28.82
CA MET J 70 -24.17 31.18 -28.97
C MET J 70 -23.50 30.29 -30.01
N THR J 71 -22.52 30.83 -30.73
CA THR J 71 -21.71 30.03 -31.66
C THR J 71 -20.31 29.78 -31.12
N SER J 72 -20.03 30.20 -29.87
CA SER J 72 -18.69 30.12 -29.31
C SER J 72 -18.30 28.75 -28.69
N GLY J 73 -19.26 27.84 -28.61
CA GLY J 73 -19.00 26.49 -28.17
C GLY J 73 -20.25 25.68 -28.49
N PRO J 74 -20.16 24.35 -28.45
CA PRO J 74 -21.33 23.49 -28.72
C PRO J 74 -22.44 23.58 -27.69
N VAL J 75 -23.62 23.12 -28.09
CA VAL J 75 -24.77 23.12 -27.20
C VAL J 75 -25.30 21.70 -27.16
N VAL J 76 -26.10 21.41 -26.16
CA VAL J 76 -26.76 20.12 -26.07
C VAL J 76 -28.27 20.38 -26.16
N CYS J 77 -28.88 19.81 -27.18
CA CYS J 77 -30.31 19.96 -27.49
C CYS J 77 -31.08 18.76 -26.96
N MET J 78 -32.26 18.99 -26.41
CA MET J 78 -33.10 17.95 -25.82
C MET J 78 -34.59 18.20 -26.03
N VAL J 79 -35.34 17.12 -26.10
CA VAL J 79 -36.80 17.19 -26.09
C VAL J 79 -37.24 16.26 -24.96
N TRP J 80 -38.04 16.80 -24.04
CA TRP J 80 -38.58 16.05 -22.91
C TRP J 80 -40.09 15.99 -23.00
N GLU J 81 -40.66 14.85 -22.61
CA GLU J 81 -42.09 14.63 -22.73
C GLU J 81 -42.74 14.25 -21.40
N GLY J 82 -43.90 14.84 -21.13
CA GLY J 82 -44.72 14.54 -19.94
C GLY J 82 -45.71 15.64 -19.60
N THR J 83 -46.60 15.35 -18.67
CA THR J 83 -47.63 16.30 -18.26
C THR J 83 -47.05 17.62 -17.75
N ASP J 84 -47.54 18.72 -18.33
CA ASP J 84 -47.12 20.08 -17.95
C ASP J 84 -45.60 20.29 -18.05
N VAL J 85 -44.93 19.54 -18.93
CA VAL J 85 -43.46 19.65 -19.00
C VAL J 85 -42.92 21.03 -19.38
N VAL J 86 -43.67 21.82 -20.14
CA VAL J 86 -43.18 23.15 -20.51
C VAL J 86 -43.05 24.05 -19.27
N LYS J 87 -44.13 24.16 -18.50
CA LYS J 87 -44.15 24.99 -17.31
C LYS J 87 -43.28 24.41 -16.20
N GLN J 88 -43.32 23.11 -16.01
CA GLN J 88 -42.49 22.50 -14.96
C GLN J 88 -41.02 22.60 -15.31
N GLY J 89 -40.71 22.44 -16.61
CA GLY J 89 -39.34 22.56 -17.06
C GLY J 89 -38.80 23.93 -16.73
N ARG J 90 -39.57 24.99 -17.05
CA ARG J 90 -39.14 26.35 -16.73
C ARG J 90 -38.95 26.53 -15.22
N ARG J 91 -39.85 25.97 -14.43
N ARG J 91 -39.86 25.95 -14.45
CA ARG J 91 -39.75 26.11 -12.98
CA ARG J 91 -39.82 26.05 -13.00
C ARG J 91 -38.50 25.41 -12.47
C ARG J 91 -38.53 25.41 -12.47
N MET J 92 -38.16 24.26 -13.05
CA MET J 92 -36.95 23.54 -12.63
C MET J 92 -35.67 24.28 -13.02
N LEU J 93 -35.72 25.00 -14.14
CA LEU J 93 -34.58 25.79 -14.59
C LEU J 93 -34.43 27.00 -13.68
N GLY J 94 -35.56 27.54 -13.23
CA GLY J 94 -35.59 28.72 -12.40
C GLY J 94 -35.90 29.93 -13.26
N GLU J 95 -35.88 31.11 -12.65
CA GLU J 95 -36.14 32.34 -13.38
C GLU J 95 -35.01 32.55 -14.39
N THR J 96 -35.33 33.25 -15.47
CA THR J 96 -34.36 33.53 -16.49
C THR J 96 -33.15 34.23 -15.90
N ARG J 97 -33.41 35.14 -14.96
N ARG J 97 -33.41 35.14 -14.97
CA ARG J 97 -32.37 35.92 -14.28
CA ARG J 97 -32.36 35.84 -14.26
C ARG J 97 -31.84 35.13 -13.06
C ARG J 97 -31.87 35.01 -13.10
N PRO J 98 -30.61 34.59 -13.14
CA PRO J 98 -30.09 33.80 -12.03
C PRO J 98 -30.16 34.46 -10.66
N LEU J 99 -30.06 35.78 -10.62
CA LEU J 99 -30.09 36.49 -9.33
C LEU J 99 -31.50 36.51 -8.75
N GLU J 100 -32.49 36.12 -9.55
N GLU J 100 -32.48 36.11 -9.57
CA GLU J 100 -33.87 36.01 -9.10
CA GLU J 100 -33.87 36.04 -9.16
C GLU J 100 -34.29 34.56 -8.85
C GLU J 100 -34.35 34.58 -9.04
N SER J 101 -33.44 33.62 -9.27
CA SER J 101 -33.76 32.19 -9.17
C SER J 101 -33.54 31.66 -7.76
N ASN J 102 -34.40 30.77 -7.32
CA ASN J 102 -34.32 30.20 -5.98
C ASN J 102 -33.36 29.04 -5.88
N PRO J 103 -32.72 28.89 -4.71
CA PRO J 103 -31.94 27.69 -4.49
C PRO J 103 -32.83 26.48 -4.73
N GLY J 104 -32.27 25.45 -5.34
CA GLY J 104 -32.99 24.26 -5.72
C GLY J 104 -33.24 24.18 -7.21
N THR J 105 -33.23 25.34 -7.87
CA THR J 105 -33.40 25.40 -9.31
C THR J 105 -32.03 25.33 -9.95
N LEU J 106 -31.98 24.97 -11.22
CA LEU J 106 -30.70 24.90 -11.91
C LEU J 106 -29.95 26.23 -11.92
N ARG J 107 -30.61 27.31 -12.31
CA ARG J 107 -29.92 28.59 -12.36
C ARG J 107 -29.62 29.09 -10.96
N GLY J 108 -30.54 28.81 -10.02
CA GLY J 108 -30.36 29.23 -8.63
C GLY J 108 -29.19 28.53 -7.94
N ASP J 109 -28.92 27.30 -8.35
CA ASP J 109 -27.80 26.54 -7.79
C ASP J 109 -26.48 26.80 -8.50
N PHE J 110 -26.52 27.10 -9.80
CA PHE J 110 -25.31 27.06 -10.60
C PHE J 110 -24.90 28.29 -11.39
N CYS J 111 -25.72 29.36 -11.40
CA CYS J 111 -25.49 30.57 -12.25
C CYS J 111 -25.58 31.88 -11.52
N ILE J 112 -24.96 32.90 -12.14
CA ILE J 112 -24.90 34.24 -11.60
C ILE J 112 -25.38 35.32 -12.58
N ASP J 113 -24.94 35.24 -13.84
CA ASP J 113 -25.26 36.20 -14.90
C ASP J 113 -26.35 35.73 -15.83
N VAL J 114 -27.28 36.62 -16.14
CA VAL J 114 -28.38 36.27 -17.04
C VAL J 114 -27.81 35.92 -18.43
N GLY J 115 -26.71 36.58 -18.80
CA GLY J 115 -26.04 36.30 -20.05
C GLY J 115 -25.25 35.02 -20.08
N ARG J 116 -25.08 34.40 -18.92
CA ARG J 116 -24.40 33.11 -18.78
C ARG J 116 -25.30 32.25 -17.87
N ASN J 117 -26.53 32.03 -18.34
CA ASN J 117 -27.53 31.31 -17.53
C ASN J 117 -27.76 29.84 -17.91
N ILE J 118 -26.70 29.25 -18.47
CA ILE J 118 -26.50 27.80 -18.75
C ILE J 118 -27.50 26.99 -19.54
N VAL J 119 -28.76 27.39 -19.56
CA VAL J 119 -29.78 26.56 -20.13
C VAL J 119 -30.95 27.38 -20.65
N HIS J 120 -31.64 26.85 -21.65
CA HIS J 120 -32.88 27.44 -22.17
C HIS J 120 -33.98 26.40 -22.09
N GLY J 121 -35.19 26.85 -21.79
CA GLY J 121 -36.39 25.99 -21.82
C GLY J 121 -37.51 26.76 -22.52
N SER J 122 -38.30 26.09 -23.35
CA SER J 122 -39.40 26.74 -24.05
C SER J 122 -40.31 27.50 -23.09
N ASP J 123 -40.80 28.66 -23.51
CA ASP J 123 -41.66 29.46 -22.62
C ASP J 123 -43.14 29.13 -22.73
N SER J 124 -43.51 28.37 -23.74
CA SER J 124 -44.91 28.00 -23.97
C SER J 124 -44.97 26.80 -24.87
N VAL J 125 -46.14 26.16 -24.93
CA VAL J 125 -46.36 25.02 -25.81
C VAL J 125 -46.13 25.43 -27.25
N GLU J 126 -46.62 26.62 -27.61
CA GLU J 126 -46.43 27.16 -28.97
C GLU J 126 -44.94 27.33 -29.32
N SER J 127 -44.16 27.90 -28.41
CA SER J 127 -42.73 28.07 -28.63
C SER J 127 -42.06 26.71 -28.72
N ALA J 128 -42.45 25.79 -27.84
CA ALA J 128 -41.88 24.44 -27.82
C ALA J 128 -42.03 23.75 -29.17
N ASN J 129 -43.25 23.73 -29.70
CA ASN J 129 -43.47 23.08 -30.98
C ASN J 129 -42.62 23.73 -32.07
N LYS J 130 -42.49 25.05 -32.06
CA LYS J 130 -41.62 25.74 -33.01
C LYS J 130 -40.14 25.37 -32.81
N GLU J 131 -39.68 25.41 -31.56
CA GLU J 131 -38.28 25.10 -31.23
C GLU J 131 -37.92 23.66 -31.56
N ILE J 132 -38.81 22.73 -31.19
CA ILE J 132 -38.58 21.32 -31.48
C ILE J 132 -38.43 21.05 -32.98
N SER J 133 -39.28 21.65 -33.81
CA SER J 133 -39.16 21.39 -35.27
C SER J 133 -37.98 22.14 -35.92
N LEU J 134 -37.45 23.16 -35.25
CA LEU J 134 -36.28 23.89 -35.74
C LEU J 134 -34.97 23.15 -35.44
N TRP J 135 -34.84 22.65 -34.22
CA TRP J 135 -33.61 21.99 -33.77
C TRP J 135 -33.57 20.50 -34.07
N PHE J 136 -34.74 19.91 -34.28
CA PHE J 136 -34.80 18.48 -34.55
C PHE J 136 -35.72 18.21 -35.71
N THR J 137 -35.40 17.16 -36.46
CA THR J 137 -36.26 16.64 -37.50
C THR J 137 -37.13 15.58 -36.81
N PRO J 138 -38.28 15.21 -37.41
CA PRO J 138 -39.14 14.19 -36.80
C PRO J 138 -38.45 12.83 -36.63
N GLU J 139 -37.53 12.52 -37.53
CA GLU J 139 -36.77 11.26 -37.49
C GLU J 139 -35.82 11.17 -36.28
N GLU J 140 -35.51 12.30 -35.66
CA GLU J 140 -34.62 12.30 -34.50
C GLU J 140 -35.36 12.17 -33.18
N ILE J 141 -36.69 12.11 -33.25
CA ILE J 141 -37.51 11.95 -32.05
C ILE J 141 -37.76 10.46 -31.89
N CYS J 142 -37.49 9.95 -30.70
CA CYS J 142 -37.59 8.53 -30.43
C CYS J 142 -38.85 8.22 -29.64
N GLU J 143 -39.61 7.26 -30.15
CA GLU J 143 -40.86 6.86 -29.51
C GLU J 143 -40.62 5.68 -28.59
N TRP J 144 -40.94 5.84 -27.30
CA TRP J 144 -40.80 4.73 -26.35
C TRP J 144 -41.72 4.88 -25.17
N THR J 145 -41.92 3.77 -24.47
CA THR J 145 -42.75 3.73 -23.26
C THR J 145 -41.92 3.32 -22.06
N SER J 146 -41.91 4.15 -21.03
CA SER J 146 -41.13 3.89 -19.83
C SER J 146 -41.75 2.81 -18.99
N ALA J 147 -40.89 1.94 -18.44
CA ALA J 147 -41.31 0.88 -17.52
C ALA J 147 -42.00 1.45 -16.28
N GLN J 148 -41.67 2.69 -15.91
CA GLN J 148 -42.22 3.31 -14.72
C GLN J 148 -43.51 4.14 -14.94
N HIS J 149 -44.05 4.11 -16.16
CA HIS J 149 -45.20 4.95 -16.49
C HIS J 149 -46.36 4.84 -15.52
N LYS J 150 -46.75 3.60 -15.21
CA LYS J 150 -47.88 3.36 -14.31
C LYS J 150 -47.61 3.80 -12.88
N TRP J 151 -46.35 4.11 -12.57
CA TRP J 151 -46.00 4.57 -11.22
C TRP J 151 -45.76 6.07 -11.18
N VAL J 152 -45.51 6.66 -12.34
CA VAL J 152 -45.34 8.11 -12.45
C VAL J 152 -46.71 8.76 -12.71
N TYR J 153 -47.56 8.05 -13.46
CA TYR J 153 -48.87 8.56 -13.83
C TYR J 153 -50.01 7.67 -13.37
N GLU J 154 -51.12 8.30 -12.99
CA GLU J 154 -52.32 7.57 -12.68
C GLU J 154 -53.05 7.34 -13.99
N GLN J 155 -53.64 6.16 -14.18
CA GLN J 155 -54.42 5.90 -15.39
C GLN J 155 -55.86 6.36 -15.17
N ALA K 3 -1.46 13.18 -30.86
CA ALA K 3 -2.66 12.30 -30.91
C ALA K 3 -3.05 11.74 -29.53
N LYS K 4 -2.13 11.76 -28.58
CA LYS K 4 -2.37 11.22 -27.23
C LYS K 4 -3.68 11.77 -26.62
N GLN K 5 -3.71 13.08 -26.37
CA GLN K 5 -4.90 13.76 -25.85
C GLN K 5 -6.11 13.70 -26.79
N GLN K 6 -5.89 13.39 -28.07
CA GLN K 6 -7.00 13.34 -29.01
C GLN K 6 -7.67 11.97 -29.08
N GLU K 7 -7.26 11.01 -28.25
CA GLU K 7 -7.86 9.68 -28.27
C GLU K 7 -9.35 9.81 -28.00
N ARG K 8 -10.16 9.01 -28.71
CA ARG K 8 -11.62 9.01 -28.54
C ARG K 8 -12.13 7.61 -28.33
N THR K 9 -13.26 7.48 -27.63
CA THR K 9 -13.91 6.21 -27.39
C THR K 9 -15.41 6.39 -27.57
N TYR K 10 -16.07 5.31 -27.96
CA TYR K 10 -17.50 5.28 -28.15
C TYR K 10 -18.14 4.68 -26.88
N ILE K 11 -19.06 5.44 -26.28
CA ILE K 11 -19.79 5.01 -25.10
C ILE K 11 -21.28 5.06 -25.46
N MET K 12 -21.99 3.99 -25.13
CA MET K 12 -23.41 3.89 -25.45
C MET K 12 -24.21 3.45 -24.23
N VAL K 13 -25.24 4.21 -23.89
CA VAL K 13 -26.18 3.78 -22.85
C VAL K 13 -27.17 2.85 -23.56
N LYS K 14 -27.25 1.61 -23.07
CA LYS K 14 -28.10 0.58 -23.64
C LYS K 14 -29.53 0.80 -23.22
N PRO K 15 -30.48 0.09 -23.84
CA PRO K 15 -31.89 0.34 -23.52
C PRO K 15 -32.23 0.28 -22.03
N ASP K 16 -31.60 -0.64 -21.30
CA ASP K 16 -31.86 -0.74 -19.87
C ASP K 16 -31.34 0.47 -19.11
N GLY K 17 -30.23 1.05 -19.55
CA GLY K 17 -29.71 2.23 -18.89
C GLY K 17 -30.68 3.41 -19.03
N VAL K 18 -31.25 3.53 -20.22
CA VAL K 18 -32.20 4.59 -20.50
C VAL K 18 -33.48 4.35 -19.69
N GLN K 19 -33.98 3.13 -19.73
CA GLN K 19 -35.20 2.78 -19.00
C GLN K 19 -35.09 3.02 -17.49
N ARG K 20 -33.91 2.76 -16.96
CA ARG K 20 -33.69 2.89 -15.55
C ARG K 20 -33.27 4.28 -15.06
N GLY K 21 -33.23 5.25 -15.97
CA GLY K 21 -32.97 6.64 -15.61
C GLY K 21 -31.52 6.92 -15.29
N LEU K 22 -30.64 6.19 -15.97
CA LEU K 22 -29.21 6.28 -15.72
C LEU K 22 -28.38 7.05 -16.74
N VAL K 23 -29.04 7.78 -17.65
CA VAL K 23 -28.30 8.55 -18.65
C VAL K 23 -27.44 9.63 -17.98
N SER K 24 -28.00 10.36 -17.02
CA SER K 24 -27.22 11.44 -16.41
C SER K 24 -26.01 10.90 -15.66
N GLU K 25 -26.18 9.76 -14.99
CA GLU K 25 -25.10 9.20 -14.21
C GLU K 25 -23.95 8.73 -15.10
N VAL K 26 -24.26 8.14 -16.26
CA VAL K 26 -23.24 7.72 -17.16
C VAL K 26 -22.44 8.91 -17.66
N ILE K 27 -23.14 9.97 -18.05
CA ILE K 27 -22.49 11.18 -18.53
C ILE K 27 -21.64 11.76 -17.43
N ARG K 28 -22.17 11.78 -16.20
CA ARG K 28 -21.43 12.37 -15.09
C ARG K 28 -20.04 11.75 -14.87
N ARG K 29 -19.96 10.44 -14.98
CA ARG K 29 -18.70 9.77 -14.71
C ARG K 29 -17.61 10.30 -15.63
N PHE K 30 -17.92 10.47 -16.91
CA PHE K 30 -16.95 11.01 -17.86
C PHE K 30 -16.74 12.50 -17.72
N GLU K 31 -17.85 13.24 -17.60
CA GLU K 31 -17.80 14.69 -17.52
C GLU K 31 -17.00 15.20 -16.34
N GLN K 32 -17.21 14.58 -15.16
CA GLN K 32 -16.51 15.03 -13.95
C GLN K 32 -15.03 14.66 -13.98
N ARG K 33 -14.67 13.67 -14.78
CA ARG K 33 -13.30 13.18 -14.91
C ARG K 33 -12.41 14.10 -15.74
N GLY K 34 -13.02 14.96 -16.55
CA GLY K 34 -12.29 15.87 -17.41
C GLY K 34 -12.28 15.43 -18.87
N TYR K 35 -12.93 14.32 -19.18
CA TYR K 35 -13.07 13.91 -20.55
C TYR K 35 -14.03 14.85 -21.23
N LYS K 36 -13.79 15.04 -22.53
CA LYS K 36 -14.53 16.01 -23.32
C LYS K 36 -15.57 15.33 -24.20
N LEU K 37 -16.84 15.72 -24.02
CA LEU K 37 -17.92 15.19 -24.87
C LEU K 37 -17.86 15.89 -26.23
N VAL K 38 -17.66 15.11 -27.29
CA VAL K 38 -17.58 15.67 -28.65
C VAL K 38 -18.71 15.17 -29.56
N ALA K 39 -19.50 14.19 -29.11
CA ALA K 39 -20.63 13.78 -29.91
C ALA K 39 -21.66 13.14 -28.99
N LEU K 40 -22.93 13.41 -29.30
CA LEU K 40 -24.01 12.89 -28.46
C LEU K 40 -25.31 12.83 -29.23
N LYS K 41 -26.02 11.73 -29.08
CA LYS K 41 -27.36 11.61 -29.64
C LYS K 41 -28.14 10.45 -29.08
N MET K 42 -29.45 10.62 -28.97
CA MET K 42 -30.33 9.53 -28.64
C MET K 42 -30.84 9.00 -29.99
N LYS K 43 -30.83 7.68 -30.11
CA LYS K 43 -31.19 7.03 -31.37
C LYS K 43 -31.92 5.72 -31.11
N SER K 44 -32.73 5.32 -32.10
CA SER K 44 -33.38 4.02 -32.09
C SER K 44 -32.85 3.32 -33.34
N PRO K 45 -31.68 2.70 -33.22
CA PRO K 45 -31.04 2.07 -34.38
C PRO K 45 -31.80 0.88 -34.94
N ASP K 46 -31.77 0.73 -36.26
CA ASP K 46 -32.44 -0.43 -36.85
C ASP K 46 -31.52 -1.65 -36.71
N ALA K 47 -32.07 -2.83 -36.97
CA ALA K 47 -31.32 -4.07 -36.83
C ALA K 47 -30.09 -4.11 -37.71
N THR K 48 -30.14 -3.46 -38.87
CA THR K 48 -29.00 -3.44 -39.78
C THR K 48 -27.78 -2.82 -39.11
N LEU K 49 -27.96 -1.64 -38.52
CA LEU K 49 -26.86 -0.96 -37.84
C LEU K 49 -26.36 -1.78 -36.67
N LEU K 50 -27.27 -2.35 -35.89
CA LEU K 50 -26.88 -3.18 -34.76
C LEU K 50 -26.13 -4.44 -35.20
N GLU K 51 -26.54 -5.03 -36.32
CA GLU K 51 -25.87 -6.23 -36.83
C GLU K 51 -24.42 -5.93 -37.24
N GLU K 52 -24.15 -4.73 -37.72
CA GLU K 52 -22.78 -4.38 -38.07
C GLU K 52 -21.99 -4.11 -36.81
N HIS K 53 -22.63 -3.46 -35.84
CA HIS K 53 -22.00 -3.20 -34.54
C HIS K 53 -21.56 -4.51 -33.89
N TYR K 54 -22.42 -5.54 -33.95
CA TYR K 54 -22.11 -6.86 -33.37
C TYR K 54 -21.71 -7.91 -34.41
N ALA K 55 -21.13 -7.47 -35.54
CA ALA K 55 -20.74 -8.40 -36.60
C ALA K 55 -19.83 -9.54 -36.12
N ASP K 56 -18.99 -9.23 -35.13
CA ASP K 56 -18.09 -10.23 -34.54
C ASP K 56 -18.85 -11.37 -33.86
N LEU K 57 -20.07 -11.10 -33.41
CA LEU K 57 -20.87 -12.11 -32.72
C LEU K 57 -21.90 -12.79 -33.62
N LYS K 58 -21.94 -12.41 -34.90
CA LYS K 58 -22.85 -13.04 -35.85
C LYS K 58 -22.63 -14.56 -35.85
N GLY K 59 -23.72 -15.30 -36.01
CA GLY K 59 -23.63 -16.76 -36.03
C GLY K 59 -23.67 -17.38 -34.65
N LYS K 60 -23.61 -16.55 -33.60
CA LYS K 60 -23.72 -17.06 -32.25
C LYS K 60 -25.20 -17.33 -32.01
N PRO K 61 -25.50 -18.28 -31.11
CA PRO K 61 -26.91 -18.63 -30.82
C PRO K 61 -27.74 -17.47 -30.26
N PHE K 62 -27.11 -16.65 -29.42
CA PHE K 62 -27.80 -15.50 -28.81
C PHE K 62 -27.88 -14.27 -29.73
N PHE K 63 -27.18 -14.30 -30.86
CA PHE K 63 -27.14 -13.13 -31.75
C PHE K 63 -28.52 -12.56 -32.13
N PRO K 64 -29.44 -13.39 -32.68
CA PRO K 64 -30.73 -12.78 -33.00
C PRO K 64 -31.46 -12.20 -31.77
N GLY K 65 -31.26 -12.80 -30.60
CA GLY K 65 -31.90 -12.33 -29.37
C GLY K 65 -31.33 -11.00 -28.93
N LEU K 66 -30.02 -10.87 -29.09
CA LEU K 66 -29.32 -9.64 -28.74
C LEU K 66 -29.76 -8.45 -29.59
N ILE K 67 -29.90 -8.68 -30.90
CA ILE K 67 -30.36 -7.63 -31.79
C ILE K 67 -31.78 -7.20 -31.41
N SER K 68 -32.65 -8.17 -31.14
CA SER K 68 -34.03 -7.85 -30.77
C SER K 68 -34.05 -7.04 -29.47
N TYR K 69 -33.23 -7.45 -28.51
CA TYR K 69 -33.16 -6.71 -27.26
C TYR K 69 -32.65 -5.27 -27.49
N MET K 70 -31.62 -5.12 -28.30
CA MET K 70 -31.02 -3.81 -28.53
C MET K 70 -31.90 -2.88 -29.37
N THR K 71 -33.03 -3.40 -29.88
CA THR K 71 -34.00 -2.55 -30.59
C THR K 71 -35.24 -2.36 -29.73
N SER K 72 -35.21 -2.87 -28.50
CA SER K 72 -36.38 -2.81 -27.62
C SER K 72 -36.60 -1.44 -26.95
N GLY K 73 -35.60 -0.57 -27.04
CA GLY K 73 -35.73 0.78 -26.51
C GLY K 73 -34.61 1.64 -27.09
N PRO K 74 -34.73 2.97 -26.98
CA PRO K 74 -33.68 3.83 -27.49
C PRO K 74 -32.38 3.68 -26.75
N VAL K 75 -31.31 4.14 -27.39
CA VAL K 75 -30.01 4.18 -26.78
C VAL K 75 -29.49 5.60 -26.83
N VAL K 76 -28.45 5.87 -26.07
CA VAL K 76 -27.80 7.17 -26.09
C VAL K 76 -26.35 6.88 -26.50
N CYS K 77 -25.94 7.52 -27.57
CA CYS K 77 -24.64 7.33 -28.18
C CYS K 77 -23.75 8.51 -27.83
N MET K 78 -22.49 8.25 -27.52
CA MET K 78 -21.58 9.31 -27.14
C MET K 78 -20.18 9.08 -27.64
N VAL K 79 -19.45 10.17 -27.86
CA VAL K 79 -18.02 10.09 -28.16
C VAL K 79 -17.34 10.99 -27.14
N TRP K 80 -16.39 10.41 -26.42
CA TRP K 80 -15.63 11.13 -25.41
C TRP K 80 -14.17 11.18 -25.83
N GLU K 81 -13.52 12.31 -25.55
CA GLU K 81 -12.16 12.53 -25.98
C GLU K 81 -11.23 12.87 -24.84
N GLY K 82 -10.08 12.22 -24.82
CA GLY K 82 -9.05 12.53 -23.83
C GLY K 82 -7.99 11.47 -23.75
N THR K 83 -6.91 11.75 -23.02
CA THR K 83 -5.81 10.80 -22.91
C THR K 83 -6.27 9.52 -22.25
N ASP K 84 -5.99 8.40 -22.93
CA ASP K 84 -6.29 7.05 -22.46
C ASP K 84 -7.76 6.81 -22.23
N VAL K 85 -8.63 7.54 -22.94
CA VAL K 85 -10.07 7.48 -22.66
C VAL K 85 -10.68 6.11 -22.94
N VAL K 86 -10.13 5.36 -23.90
CA VAL K 86 -10.67 4.00 -24.12
C VAL K 86 -10.53 3.13 -22.85
N LYS K 87 -9.30 2.98 -22.40
CA LYS K 87 -8.98 2.18 -21.21
C LYS K 87 -9.62 2.71 -19.92
N GLN K 88 -9.52 4.02 -19.68
CA GLN K 88 -10.12 4.60 -18.47
C GLN K 88 -11.65 4.50 -18.55
N GLY K 89 -12.19 4.66 -19.75
CA GLY K 89 -13.64 4.52 -19.95
C GLY K 89 -14.11 3.13 -19.50
N ARG K 90 -13.39 2.10 -19.94
CA ARG K 90 -13.70 0.74 -19.55
C ARG K 90 -13.57 0.56 -18.04
N ARG K 91 -12.53 1.14 -17.45
N ARG K 91 -12.52 1.14 -17.45
CA ARG K 91 -12.35 1.02 -16.01
CA ARG K 91 -12.33 1.02 -15.99
C ARG K 91 -13.55 1.62 -15.27
C ARG K 91 -13.43 1.71 -15.18
N MET K 92 -13.98 2.79 -15.72
CA MET K 92 -15.07 3.50 -15.07
C MET K 92 -16.37 2.77 -15.23
N LEU K 93 -16.54 2.07 -16.36
CA LEU K 93 -17.77 1.28 -16.55
C LEU K 93 -17.76 0.08 -15.62
N GLY K 94 -16.55 -0.45 -15.36
CA GLY K 94 -16.35 -1.64 -14.56
C GLY K 94 -16.30 -2.87 -15.44
N GLU K 95 -16.10 -4.04 -14.83
CA GLU K 95 -16.03 -5.30 -15.59
C GLU K 95 -17.32 -5.51 -16.38
N THR K 96 -17.21 -6.17 -17.52
CA THR K 96 -18.37 -6.43 -18.36
C THR K 96 -19.47 -7.14 -17.55
N ARG K 97 -19.06 -8.09 -16.72
CA ARG K 97 -19.99 -8.83 -15.85
C ARG K 97 -20.17 -8.05 -14.54
N PRO K 98 -21.40 -7.54 -14.29
CA PRO K 98 -21.63 -6.73 -13.08
C PRO K 98 -21.29 -7.44 -11.77
N LEU K 99 -21.44 -8.76 -11.75
CA LEU K 99 -21.16 -9.50 -10.51
C LEU K 99 -19.65 -9.54 -10.22
N GLU K 100 -18.84 -9.16 -11.20
CA GLU K 100 -17.38 -9.10 -10.99
C GLU K 100 -16.91 -7.65 -10.90
N SER K 101 -17.85 -6.70 -10.97
CA SER K 101 -17.52 -5.27 -10.96
C SER K 101 -17.39 -4.73 -9.54
N ASN K 102 -16.52 -3.73 -9.35
CA ASN K 102 -16.34 -3.15 -8.03
C ASN K 102 -17.22 -1.93 -7.72
N PRO K 103 -17.57 -1.74 -6.43
CA PRO K 103 -18.27 -0.53 -6.05
C PRO K 103 -17.43 0.64 -6.51
N GLY K 104 -18.06 1.68 -7.00
CA GLY K 104 -17.36 2.82 -7.54
C GLY K 104 -17.49 2.89 -9.04
N THR K 105 -17.63 1.73 -9.69
CA THR K 105 -17.80 1.66 -11.13
C THR K 105 -19.29 1.72 -11.47
N LEU K 106 -19.62 2.00 -12.72
CA LEU K 106 -21.01 2.09 -13.11
C LEU K 106 -21.75 0.77 -12.92
N ARG K 107 -21.16 -0.31 -13.41
CA ARG K 107 -21.81 -1.61 -13.29
C ARG K 107 -21.83 -2.13 -11.85
N GLY K 108 -20.77 -1.81 -11.11
CA GLY K 108 -20.68 -2.23 -9.73
C GLY K 108 -21.66 -1.50 -8.83
N ASP K 109 -22.06 -0.30 -9.23
CA ASP K 109 -22.98 0.50 -8.43
C ASP K 109 -24.43 0.24 -8.84
N PHE K 110 -24.66 -0.07 -10.12
CA PHE K 110 -26.04 -0.09 -10.64
C PHE K 110 -26.56 -1.38 -11.31
N CYS K 111 -25.71 -2.37 -11.52
CA CYS K 111 -26.10 -3.56 -12.30
C CYS K 111 -25.91 -4.89 -11.59
N ILE K 112 -26.67 -5.86 -12.07
CA ILE K 112 -26.67 -7.22 -11.58
C ILE K 112 -26.40 -8.27 -12.68
N ASP K 113 -27.10 -8.18 -13.82
CA ASP K 113 -26.97 -9.18 -14.91
C ASP K 113 -26.12 -8.68 -16.07
N VAL K 114 -25.28 -9.55 -16.62
CA VAL K 114 -24.41 -9.18 -17.72
C VAL K 114 -25.21 -8.73 -18.96
N GLY K 115 -26.39 -9.30 -19.15
CA GLY K 115 -27.22 -8.93 -20.28
C GLY K 115 -28.03 -7.67 -20.06
N ARG K 116 -27.90 -7.09 -18.87
CA ARG K 116 -28.56 -5.83 -18.52
C ARG K 116 -27.50 -5.01 -17.79
N ASN K 117 -26.40 -4.73 -18.49
CA ASN K 117 -25.27 -4.03 -17.89
C ASN K 117 -25.12 -2.58 -18.31
N ILE K 118 -26.27 -1.98 -18.63
CA ILE K 118 -26.55 -0.56 -18.93
C ILE K 118 -25.72 0.25 -19.92
N VAL K 119 -24.48 -0.14 -20.17
CA VAL K 119 -23.63 0.70 -21.00
C VAL K 119 -22.61 -0.14 -21.73
N HIS K 120 -22.11 0.41 -22.84
CA HIS K 120 -21.07 -0.20 -23.64
C HIS K 120 -19.96 0.80 -23.78
N GLY K 121 -18.71 0.32 -23.78
CA GLY K 121 -17.55 1.15 -24.05
C GLY K 121 -16.62 0.39 -24.97
N SER K 122 -16.03 1.08 -25.95
CA SER K 122 -15.12 0.45 -26.92
C SER K 122 -14.01 -0.24 -26.15
N ASP K 123 -13.59 -1.41 -26.61
CA ASP K 123 -12.57 -2.17 -25.90
C ASP K 123 -11.13 -1.86 -26.30
N SER K 124 -10.95 -1.12 -27.38
CA SER K 124 -9.61 -0.80 -27.87
C SER K 124 -9.69 0.44 -28.73
N VAL K 125 -8.55 1.03 -29.05
CA VAL K 125 -8.53 2.20 -29.93
C VAL K 125 -9.06 1.78 -31.32
N GLU K 126 -8.67 0.60 -31.77
CA GLU K 126 -9.13 0.10 -33.08
C GLU K 126 -10.65 -0.01 -33.10
N SER K 127 -11.23 -0.66 -32.09
CA SER K 127 -12.68 -0.82 -31.99
C SER K 127 -13.38 0.52 -31.88
N ALA K 128 -12.78 1.45 -31.11
CA ALA K 128 -13.38 2.76 -30.94
C ALA K 128 -13.50 3.45 -32.29
N ASN K 129 -12.42 3.44 -33.05
CA ASN K 129 -12.42 4.11 -34.34
C ASN K 129 -13.50 3.55 -35.27
N LYS K 130 -13.64 2.23 -35.28
CA LYS K 130 -14.70 1.57 -36.06
C LYS K 130 -16.10 1.96 -35.56
N GLU K 131 -16.29 1.94 -34.24
CA GLU K 131 -17.61 2.21 -33.65
C GLU K 131 -18.04 3.66 -33.83
N ILE K 132 -17.08 4.57 -33.69
CA ILE K 132 -17.37 5.98 -33.84
C ILE K 132 -17.87 6.24 -35.26
N SER K 133 -17.11 5.77 -36.24
N SER K 133 -17.11 5.76 -36.24
CA SER K 133 -17.46 5.96 -37.65
CA SER K 133 -17.47 5.96 -37.65
C SER K 133 -18.77 5.27 -38.04
C SER K 133 -18.78 5.26 -38.03
N LEU K 134 -19.13 4.21 -37.31
CA LEU K 134 -20.37 3.48 -37.55
C LEU K 134 -21.61 4.22 -37.04
N TRP K 135 -21.53 4.69 -35.79
CA TRP K 135 -22.64 5.36 -35.12
C TRP K 135 -22.75 6.86 -35.41
N PHE K 136 -21.65 7.49 -35.80
CA PHE K 136 -21.66 8.92 -36.07
C PHE K 136 -21.01 9.22 -37.42
N THR K 137 -21.42 10.32 -38.03
CA THR K 137 -20.78 10.82 -39.21
C THR K 137 -19.86 11.96 -38.74
N PRO K 138 -18.82 12.25 -39.52
CA PRO K 138 -17.90 13.31 -39.08
C PRO K 138 -18.56 14.68 -38.79
N GLU K 139 -19.67 15.00 -39.48
CA GLU K 139 -20.35 16.30 -39.23
C GLU K 139 -21.08 16.33 -37.91
N GLU K 140 -21.22 15.18 -37.27
CA GLU K 140 -21.89 15.12 -35.97
C GLU K 140 -20.92 15.33 -34.83
N ILE K 141 -19.62 15.29 -35.14
CA ILE K 141 -18.59 15.46 -34.12
C ILE K 141 -18.27 16.93 -33.97
N CYS K 142 -18.32 17.43 -32.73
CA CYS K 142 -18.15 18.85 -32.48
C CYS K 142 -16.73 19.16 -31.99
N GLU K 143 -16.10 20.12 -32.66
CA GLU K 143 -14.75 20.52 -32.35
C GLU K 143 -14.82 21.65 -31.33
N TRP K 144 -14.23 21.45 -30.16
CA TRP K 144 -14.16 22.53 -29.19
C TRP K 144 -13.02 22.36 -28.21
N THR K 145 -12.74 23.42 -27.47
CA THR K 145 -11.64 23.44 -26.53
C THR K 145 -12.18 23.80 -25.17
N SER K 146 -11.96 22.91 -24.20
CA SER K 146 -12.43 23.14 -22.85
C SER K 146 -11.65 24.24 -22.15
N ALA K 147 -12.38 25.10 -21.45
CA ALA K 147 -11.79 26.16 -20.63
C ALA K 147 -10.91 25.58 -19.54
N GLN K 148 -11.15 24.32 -19.16
CA GLN K 148 -10.34 23.72 -18.09
C GLN K 148 -9.15 22.89 -18.64
N HIS K 149 -8.88 22.97 -19.94
CA HIS K 149 -7.83 22.12 -20.53
C HIS K 149 -6.49 22.20 -19.82
N LYS K 150 -6.05 23.41 -19.51
CA LYS K 150 -4.73 23.61 -18.92
C LYS K 150 -4.66 23.19 -17.47
N TRP K 151 -5.82 22.92 -16.88
CA TRP K 151 -5.90 22.43 -15.50
C TRP K 151 -6.15 20.92 -15.46
N VAL K 152 -6.65 20.34 -16.57
CA VAL K 152 -6.81 18.89 -16.67
C VAL K 152 -5.50 18.25 -17.17
N TYR K 153 -4.81 18.98 -18.06
CA TYR K 153 -3.61 18.48 -18.72
C TYR K 153 -2.37 19.32 -18.49
N GLU K 154 -1.24 18.64 -18.37
CA GLU K 154 0.03 19.31 -18.14
C GLU K 154 0.53 19.93 -19.43
N ALA L 3 -35.50 -19.40 -8.07
CA ALA L 3 -34.59 -19.65 -6.92
C ALA L 3 -33.39 -18.71 -6.89
N LYS L 4 -32.79 -18.47 -8.07
CA LYS L 4 -31.57 -17.64 -8.16
C LYS L 4 -31.84 -16.15 -7.94
N GLN L 5 -32.84 -15.59 -8.63
CA GLN L 5 -33.23 -14.16 -8.43
C GLN L 5 -33.99 -13.99 -7.12
N GLN L 6 -34.27 -15.11 -6.47
CA GLN L 6 -35.01 -15.11 -5.20
C GLN L 6 -34.08 -15.08 -4.00
N GLU L 7 -32.76 -15.14 -4.23
CA GLU L 7 -31.83 -15.16 -3.12
C GLU L 7 -32.03 -13.90 -2.28
N ARG L 8 -31.93 -14.07 -0.95
CA ARG L 8 -32.09 -12.98 0.01
C ARG L 8 -30.93 -12.89 0.97
N THR L 9 -30.64 -11.68 1.44
CA THR L 9 -29.62 -11.46 2.45
C THR L 9 -30.15 -10.54 3.54
N TYR L 10 -29.58 -10.67 4.73
CA TYR L 10 -29.94 -9.81 5.85
C TYR L 10 -28.89 -8.72 6.00
N ILE L 11 -29.35 -7.47 6.02
CA ILE L 11 -28.50 -6.33 6.20
C ILE L 11 -29.01 -5.56 7.41
N MET L 12 -28.11 -5.13 8.26
CA MET L 12 -28.49 -4.44 9.49
C MET L 12 -27.62 -3.23 9.70
N VAL L 13 -28.25 -2.05 9.82
CA VAL L 13 -27.51 -0.87 10.17
C VAL L 13 -27.31 -0.94 11.68
N LYS L 14 -26.04 -0.94 12.10
CA LYS L 14 -25.68 -1.04 13.51
C LYS L 14 -25.90 0.30 14.22
N PRO L 15 -25.82 0.29 15.56
CA PRO L 15 -26.14 1.52 16.27
C PRO L 15 -25.35 2.72 15.81
N ASP L 16 -24.08 2.53 15.46
CA ASP L 16 -23.25 3.65 15.03
C ASP L 16 -23.71 4.19 13.70
N GLY L 17 -24.26 3.32 12.85
CA GLY L 17 -24.79 3.74 11.53
C GLY L 17 -26.02 4.61 11.68
N VAL L 18 -26.85 4.28 12.66
CA VAL L 18 -28.02 5.09 12.94
C VAL L 18 -27.62 6.43 13.55
N GLN L 19 -26.73 6.40 14.52
CA GLN L 19 -26.28 7.62 15.22
C GLN L 19 -25.59 8.59 14.28
N ARG L 20 -24.89 8.04 13.30
CA ARG L 20 -24.13 8.88 12.37
C ARG L 20 -24.95 9.32 11.14
N GLY L 21 -26.23 8.97 11.11
CA GLY L 21 -27.11 9.44 10.06
C GLY L 21 -26.89 8.78 8.72
N LEU L 22 -26.49 7.51 8.74
CA LEU L 22 -26.14 6.76 7.53
C LEU L 22 -27.18 5.71 7.07
N VAL L 23 -28.39 5.79 7.61
CA VAL L 23 -29.42 4.84 7.24
C VAL L 23 -29.75 4.99 5.75
N SER L 24 -29.95 6.23 5.29
CA SER L 24 -30.32 6.44 3.90
C SER L 24 -29.23 5.98 2.96
N GLU L 25 -27.97 6.21 3.33
CA GLU L 25 -26.86 5.82 2.47
C GLU L 25 -26.76 4.30 2.30
N VAL L 26 -26.94 3.55 3.38
CA VAL L 26 -26.87 2.10 3.28
C VAL L 26 -28.00 1.60 2.36
N ILE L 27 -29.20 2.13 2.55
CA ILE L 27 -30.34 1.75 1.71
C ILE L 27 -30.08 2.12 0.26
N ARG L 28 -29.50 3.28 0.04
N ARG L 28 -29.49 3.29 0.03
CA ARG L 28 -29.19 3.74 -1.33
CA ARG L 28 -29.20 3.74 -1.33
C ARG L 28 -28.31 2.76 -2.11
C ARG L 28 -28.32 2.75 -2.11
N ARG L 29 -27.29 2.18 -1.47
CA ARG L 29 -26.37 1.27 -2.17
C ARG L 29 -27.11 0.08 -2.78
N PHE L 30 -28.03 -0.49 -2.02
CA PHE L 30 -28.82 -1.63 -2.48
C PHE L 30 -29.91 -1.20 -3.43
N GLU L 31 -30.61 -0.15 -3.07
CA GLU L 31 -31.75 0.32 -3.86
C GLU L 31 -31.33 0.71 -5.28
N GLN L 32 -30.22 1.43 -5.42
CA GLN L 32 -29.81 1.92 -6.73
C GLN L 32 -29.25 0.80 -7.61
N ARG L 33 -28.79 -0.27 -6.99
CA ARG L 33 -28.21 -1.43 -7.67
C ARG L 33 -29.28 -2.32 -8.35
N GLY L 34 -30.53 -2.16 -7.96
CA GLY L 34 -31.62 -2.97 -8.52
C GLY L 34 -32.03 -4.09 -7.58
N TYR L 35 -31.45 -4.12 -6.38
CA TYR L 35 -31.87 -5.11 -5.40
C TYR L 35 -33.21 -4.68 -4.81
N LYS L 36 -34.03 -5.68 -4.47
CA LYS L 36 -35.39 -5.44 -4.03
C LYS L 36 -35.52 -5.49 -2.51
N LEU L 37 -35.98 -4.39 -1.91
CA LEU L 37 -36.21 -4.37 -0.47
C LEU L 37 -37.52 -5.13 -0.14
N VAL L 38 -37.42 -6.18 0.69
CA VAL L 38 -38.62 -6.98 1.03
C VAL L 38 -38.98 -7.00 2.51
N ALA L 39 -38.12 -6.41 3.34
CA ALA L 39 -38.45 -6.30 4.75
C ALA L 39 -37.58 -5.22 5.31
N LEU L 40 -38.12 -4.52 6.28
CA LEU L 40 -37.45 -3.37 6.87
C LEU L 40 -38.08 -3.05 8.22
N LYS L 41 -37.25 -2.79 9.21
CA LYS L 41 -37.76 -2.28 10.48
C LYS L 41 -36.67 -1.69 11.33
N MET L 42 -37.03 -0.71 12.14
CA MET L 42 -36.13 -0.19 13.17
C MET L 42 -36.49 -0.95 14.45
N LYS L 43 -35.47 -1.38 15.20
CA LYS L 43 -35.68 -2.17 16.40
C LYS L 43 -34.65 -1.86 17.47
N SER L 44 -35.06 -2.06 18.71
CA SER L 44 -34.15 -2.01 19.85
C SER L 44 -34.17 -3.44 20.40
N PRO L 45 -33.37 -4.34 19.78
CA PRO L 45 -33.37 -5.74 20.19
C PRO L 45 -32.86 -5.94 21.60
N ASP L 46 -33.38 -6.95 22.27
CA ASP L 46 -32.89 -7.25 23.61
C ASP L 46 -31.62 -8.12 23.50
N ALA L 47 -30.84 -8.15 24.58
CA ALA L 47 -29.61 -8.94 24.64
C ALA L 47 -29.81 -10.36 24.12
N THR L 48 -30.89 -11.00 24.55
CA THR L 48 -31.21 -12.36 24.13
C THR L 48 -31.20 -12.58 22.63
N LEU L 49 -31.86 -11.70 21.88
CA LEU L 49 -31.90 -11.80 20.42
C LEU L 49 -30.49 -11.59 19.84
N LEU L 50 -29.77 -10.59 20.33
CA LEU L 50 -28.41 -10.33 19.83
C LEU L 50 -27.47 -11.48 20.17
N GLU L 51 -27.59 -12.03 21.38
CA GLU L 51 -26.73 -13.16 21.77
C GLU L 51 -26.94 -14.37 20.85
N GLU L 52 -28.16 -14.53 20.31
CA GLU L 52 -28.43 -15.62 19.37
C GLU L 52 -27.88 -15.26 17.98
N HIS L 53 -27.99 -13.99 17.61
CA HIS L 53 -27.43 -13.52 16.34
C HIS L 53 -25.93 -13.81 16.32
N TYR L 54 -25.25 -13.48 17.42
CA TYR L 54 -23.81 -13.71 17.56
C TYR L 54 -23.48 -15.00 18.32
N ALA L 55 -24.26 -16.06 18.09
CA ALA L 55 -24.09 -17.33 18.85
C ALA L 55 -22.67 -17.91 18.87
N ASP L 56 -22.07 -18.09 17.71
CA ASP L 56 -20.72 -18.70 17.64
C ASP L 56 -19.58 -17.82 18.15
N LEU L 57 -19.89 -16.58 18.56
CA LEU L 57 -18.89 -15.73 19.18
C LEU L 57 -19.01 -15.82 20.70
N LYS L 58 -20.00 -16.59 21.18
CA LYS L 58 -20.16 -16.80 22.61
C LYS L 58 -18.89 -17.47 23.11
N GLY L 59 -18.37 -17.01 24.24
CA GLY L 59 -17.15 -17.55 24.81
C GLY L 59 -15.91 -16.69 24.54
N LYS L 60 -15.98 -15.81 23.55
CA LYS L 60 -14.84 -14.93 23.27
C LYS L 60 -14.81 -13.87 24.37
N PRO L 61 -13.61 -13.37 24.71
CA PRO L 61 -13.53 -12.36 25.79
C PRO L 61 -14.30 -11.07 25.46
N PHE L 62 -14.42 -10.73 24.18
CA PHE L 62 -15.13 -9.52 23.73
C PHE L 62 -16.66 -9.68 23.61
N PHE L 63 -17.20 -10.85 23.92
CA PHE L 63 -18.63 -11.11 23.71
C PHE L 63 -19.54 -10.23 24.58
N PRO L 64 -19.30 -10.16 25.89
CA PRO L 64 -20.15 -9.28 26.72
C PRO L 64 -20.19 -7.83 26.21
N GLY L 65 -19.02 -7.27 25.91
CA GLY L 65 -18.91 -5.89 25.40
C GLY L 65 -19.60 -5.70 24.05
N LEU L 66 -19.50 -6.68 23.17
CA LEU L 66 -20.21 -6.63 21.87
C LEU L 66 -21.73 -6.52 22.07
N ILE L 67 -22.28 -7.40 22.93
CA ILE L 67 -23.73 -7.38 23.13
C ILE L 67 -24.15 -6.08 23.80
N SER L 68 -23.35 -5.59 24.74
CA SER L 68 -23.68 -4.31 25.40
C SER L 68 -23.68 -3.19 24.37
N TYR L 69 -22.64 -3.17 23.53
CA TYR L 69 -22.54 -2.14 22.49
C TYR L 69 -23.75 -2.19 21.54
N MET L 70 -24.12 -3.39 21.13
CA MET L 70 -25.20 -3.57 20.18
C MET L 70 -26.59 -3.28 20.75
N THR L 71 -26.67 -3.16 22.07
CA THR L 71 -27.89 -2.73 22.74
C THR L 71 -27.80 -1.25 23.11
N SER L 72 -26.75 -0.54 22.63
CA SER L 72 -26.57 0.87 23.02
C SER L 72 -27.37 1.87 22.20
N GLY L 73 -27.99 1.41 21.13
CA GLY L 73 -28.82 2.25 20.30
C GLY L 73 -29.61 1.38 19.35
N PRO L 74 -30.63 1.95 18.70
CA PRO L 74 -31.44 1.15 17.80
C PRO L 74 -30.70 0.70 16.56
N VAL L 75 -31.19 -0.37 15.94
CA VAL L 75 -30.63 -0.84 14.68
C VAL L 75 -31.74 -0.78 13.63
N VAL L 76 -31.33 -0.79 12.38
CA VAL L 76 -32.26 -0.88 11.27
C VAL L 76 -32.03 -2.22 10.59
N CYS L 77 -33.08 -3.04 10.56
CA CYS L 77 -33.04 -4.41 10.01
C CYS L 77 -33.64 -4.43 8.62
N MET L 78 -33.00 -5.15 7.71
CA MET L 78 -33.47 -5.20 6.33
C MET L 78 -33.28 -6.55 5.67
N VAL L 79 -34.13 -6.88 4.70
CA VAL L 79 -33.92 -8.07 3.86
C VAL L 79 -33.96 -7.60 2.41
N TRP L 80 -32.91 -7.91 1.65
CA TRP L 80 -32.82 -7.54 0.25
C TRP L 80 -32.83 -8.78 -0.62
N GLU L 81 -33.46 -8.69 -1.79
CA GLU L 81 -33.64 -9.84 -2.67
C GLU L 81 -33.13 -9.59 -4.09
N GLY L 82 -32.43 -10.57 -4.65
CA GLY L 82 -31.94 -10.50 -6.02
C GLY L 82 -30.78 -11.44 -6.24
N THR L 83 -30.41 -11.61 -7.51
CA THR L 83 -29.33 -12.52 -7.86
C THR L 83 -28.02 -12.20 -7.16
N ASP L 84 -27.46 -13.20 -6.47
CA ASP L 84 -26.14 -13.09 -5.83
C ASP L 84 -26.07 -11.98 -4.79
N VAL L 85 -27.22 -11.66 -4.18
CA VAL L 85 -27.28 -10.52 -3.26
C VAL L 85 -26.42 -10.70 -2.00
N VAL L 86 -26.23 -11.94 -1.54
CA VAL L 86 -25.42 -12.17 -0.37
C VAL L 86 -24.01 -11.69 -0.68
N LYS L 87 -23.42 -12.25 -1.74
CA LYS L 87 -22.04 -11.92 -2.10
C LYS L 87 -21.89 -10.45 -2.54
N GLN L 88 -22.80 -9.97 -3.39
CA GLN L 88 -22.74 -8.57 -3.84
C GLN L 88 -22.96 -7.59 -2.66
N GLY L 89 -23.83 -7.99 -1.72
CA GLY L 89 -24.07 -7.21 -0.51
C GLY L 89 -22.77 -7.00 0.24
N ARG L 90 -22.07 -8.10 0.48
CA ARG L 90 -20.81 -8.04 1.19
C ARG L 90 -19.80 -7.18 0.45
N ARG L 91 -19.74 -7.31 -0.89
CA ARG L 91 -18.80 -6.49 -1.69
C ARG L 91 -19.13 -5.01 -1.53
N MET L 92 -20.42 -4.69 -1.56
CA MET L 92 -20.84 -3.29 -1.44
C MET L 92 -20.56 -2.73 -0.03
N LEU L 93 -20.65 -3.55 1.00
CA LEU L 93 -20.32 -3.10 2.35
C LEU L 93 -18.83 -2.81 2.51
N GLY L 94 -18.00 -3.64 1.86
CA GLY L 94 -16.55 -3.53 1.97
C GLY L 94 -16.04 -4.62 2.91
N GLU L 95 -14.74 -4.68 3.10
CA GLU L 95 -14.16 -5.65 4.02
C GLU L 95 -14.72 -5.36 5.40
N THR L 96 -14.76 -6.36 6.24
CA THR L 96 -15.24 -6.19 7.61
C THR L 96 -14.46 -5.09 8.33
N ARG L 97 -13.16 -5.08 8.13
CA ARG L 97 -12.28 -4.06 8.69
C ARG L 97 -12.24 -2.82 7.80
N PRO L 98 -12.71 -1.66 8.32
CA PRO L 98 -12.68 -0.48 7.46
C PRO L 98 -11.31 -0.07 6.94
N LEU L 99 -10.25 -0.30 7.70
CA LEU L 99 -8.90 0.07 7.25
C LEU L 99 -8.43 -0.78 6.06
N GLU L 100 -9.16 -1.86 5.76
CA GLU L 100 -8.84 -2.73 4.64
C GLU L 100 -9.84 -2.55 3.50
N SER L 101 -10.84 -1.69 3.70
CA SER L 101 -11.91 -1.50 2.72
C SER L 101 -11.58 -0.41 1.69
N ASN L 102 -12.05 -0.59 0.47
CA ASN L 102 -11.73 0.38 -0.59
C ASN L 102 -12.70 1.53 -0.71
N PRO L 103 -12.20 2.68 -1.21
CA PRO L 103 -13.07 3.80 -1.47
C PRO L 103 -14.15 3.29 -2.40
N GLY L 104 -15.39 3.72 -2.16
CA GLY L 104 -16.48 3.25 -2.98
C GLY L 104 -17.34 2.27 -2.23
N THR L 105 -16.79 1.61 -1.21
CA THR L 105 -17.61 0.73 -0.39
C THR L 105 -18.14 1.52 0.80
N LEU L 106 -19.17 1.00 1.46
CA LEU L 106 -19.71 1.71 2.63
C LEU L 106 -18.67 1.92 3.72
N ARG L 107 -17.98 0.86 4.11
CA ARG L 107 -17.00 1.00 5.16
C ARG L 107 -15.80 1.80 4.73
N GLY L 108 -15.40 1.67 3.49
CA GLY L 108 -14.26 2.43 2.99
C GLY L 108 -14.57 3.91 2.86
N ASP L 109 -15.84 4.24 2.59
CA ASP L 109 -16.25 5.64 2.47
C ASP L 109 -16.51 6.30 3.85
N PHE L 110 -17.02 5.53 4.82
CA PHE L 110 -17.53 6.13 6.05
C PHE L 110 -16.98 5.67 7.38
N CYS L 111 -16.12 4.64 7.39
CA CYS L 111 -15.65 4.06 8.66
C CYS L 111 -14.17 3.95 8.84
N ILE L 112 -13.78 3.80 10.12
CA ILE L 112 -12.39 3.73 10.51
C ILE L 112 -12.09 2.52 11.40
N ASP L 113 -12.91 2.31 12.44
CA ASP L 113 -12.74 1.20 13.40
C ASP L 113 -13.62 -0.02 13.08
N VAL L 114 -13.04 -1.22 13.20
CA VAL L 114 -13.81 -2.42 12.92
C VAL L 114 -15.01 -2.57 13.86
N GLY L 115 -14.85 -2.05 15.07
CA GLY L 115 -15.88 -2.11 16.10
C GLY L 115 -16.99 -1.09 15.89
N ARG L 116 -16.77 -0.19 14.92
CA ARG L 116 -17.73 0.85 14.53
C ARG L 116 -17.81 0.86 13.01
N ASN L 117 -18.24 -0.28 12.45
CA ASN L 117 -18.24 -0.44 11.02
C ASN L 117 -19.61 -0.37 10.35
N ILE L 118 -20.51 0.35 11.04
CA ILE L 118 -21.91 0.74 10.67
C ILE L 118 -22.94 -0.27 10.19
N VAL L 119 -22.50 -1.40 9.67
CA VAL L 119 -23.45 -2.28 9.00
C VAL L 119 -22.99 -3.72 9.06
N HIS L 120 -23.97 -4.62 9.08
CA HIS L 120 -23.73 -6.05 9.02
C HIS L 120 -24.39 -6.58 7.77
N GLY L 121 -23.76 -7.54 7.11
CA GLY L 121 -24.35 -8.26 5.99
C GLY L 121 -24.08 -9.74 6.17
N SER L 122 -25.08 -10.60 5.90
CA SER L 122 -24.90 -12.04 6.00
C SER L 122 -23.67 -12.48 5.19
N ASP L 123 -22.88 -13.40 5.74
CA ASP L 123 -21.69 -13.88 5.02
C ASP L 123 -21.93 -15.06 4.05
N SER L 124 -23.11 -15.70 4.09
CA SER L 124 -23.42 -16.82 3.18
C SER L 124 -24.93 -16.98 3.04
N VAL L 125 -25.36 -17.76 2.04
CA VAL L 125 -26.78 -18.03 1.86
C VAL L 125 -27.32 -18.74 3.09
N GLU L 126 -26.51 -19.64 3.66
N GLU L 126 -26.53 -19.63 3.67
CA GLU L 126 -26.86 -20.35 4.90
CA GLU L 126 -26.93 -20.37 4.87
C GLU L 126 -27.14 -19.36 6.01
C GLU L 126 -27.09 -19.43 6.08
N SER L 127 -26.15 -18.50 6.25
CA SER L 127 -26.23 -17.48 7.30
C SER L 127 -27.42 -16.58 7.09
N ALA L 128 -27.61 -16.15 5.85
CA ALA L 128 -28.74 -15.26 5.52
C ALA L 128 -30.08 -15.86 5.93
N ASN L 129 -30.33 -17.08 5.51
CA ASN L 129 -31.60 -17.72 5.82
C ASN L 129 -31.80 -17.82 7.34
N LYS L 130 -30.73 -18.11 8.06
CA LYS L 130 -30.77 -18.15 9.53
C LYS L 130 -31.08 -16.78 10.13
N GLU L 131 -30.37 -15.75 9.67
CA GLU L 131 -30.54 -14.38 10.21
C GLU L 131 -31.91 -13.79 9.86
N ILE L 132 -32.41 -14.02 8.66
CA ILE L 132 -33.72 -13.50 8.27
C ILE L 132 -34.82 -14.08 9.15
N SER L 133 -34.69 -15.37 9.49
N SER L 133 -34.69 -15.36 9.49
CA SER L 133 -35.70 -16.04 10.32
CA SER L 133 -35.70 -16.03 10.31
C SER L 133 -35.60 -15.61 11.79
C SER L 133 -35.61 -15.56 11.77
N LEU L 134 -34.41 -15.20 12.20
CA LEU L 134 -34.21 -14.74 13.57
C LEU L 134 -34.79 -13.34 13.77
N TRP L 135 -34.56 -12.45 12.81
CA TRP L 135 -34.97 -11.05 12.97
C TRP L 135 -36.36 -10.70 12.41
N PHE L 136 -36.86 -11.50 11.48
CA PHE L 136 -38.19 -11.27 10.89
C PHE L 136 -39.05 -12.52 10.91
N THR L 137 -40.36 -12.31 11.07
CA THR L 137 -41.33 -13.39 10.93
C THR L 137 -41.67 -13.43 9.43
N PRO L 138 -42.24 -14.56 8.96
CA PRO L 138 -42.62 -14.64 7.54
C PRO L 138 -43.61 -13.56 7.13
N GLU L 139 -44.49 -13.16 8.06
CA GLU L 139 -45.50 -12.13 7.80
C GLU L 139 -44.93 -10.70 7.60
N GLU L 140 -43.68 -10.48 7.96
CA GLU L 140 -43.04 -9.17 7.82
C GLU L 140 -42.34 -9.06 6.48
N ILE L 141 -42.29 -10.15 5.73
CA ILE L 141 -41.66 -10.12 4.43
C ILE L 141 -42.73 -9.79 3.41
N CYS L 142 -42.48 -8.71 2.66
CA CYS L 142 -43.42 -8.17 1.71
C CYS L 142 -43.08 -8.60 0.30
N GLU L 143 -43.96 -9.41 -0.27
CA GLU L 143 -43.81 -9.95 -1.60
C GLU L 143 -44.17 -8.89 -2.65
N TRP L 144 -43.30 -8.63 -3.62
CA TRP L 144 -43.64 -7.70 -4.74
C TRP L 144 -42.77 -7.86 -5.98
N THR L 145 -43.22 -7.28 -7.08
CA THR L 145 -42.51 -7.36 -8.34
C THR L 145 -42.16 -5.97 -8.83
N SER L 146 -40.87 -5.72 -9.03
CA SER L 146 -40.40 -4.42 -9.49
C SER L 146 -40.80 -4.13 -10.92
N ALA L 147 -41.21 -2.88 -11.15
CA ALA L 147 -41.55 -2.42 -12.49
C ALA L 147 -40.36 -2.49 -13.42
N GLN L 148 -39.16 -2.48 -12.84
CA GLN L 148 -37.92 -2.52 -13.61
C GLN L 148 -37.33 -3.91 -13.78
N HIS L 149 -38.04 -4.95 -13.34
CA HIS L 149 -37.52 -6.31 -13.40
C HIS L 149 -36.96 -6.70 -14.76
N LYS L 150 -37.67 -6.39 -15.85
CA LYS L 150 -37.20 -6.82 -17.18
C LYS L 150 -36.00 -6.02 -17.69
N TRP L 151 -35.65 -4.95 -16.99
CA TRP L 151 -34.53 -4.11 -17.40
C TRP L 151 -33.33 -4.34 -16.47
N VAL L 152 -33.60 -4.89 -15.29
CA VAL L 152 -32.54 -5.28 -14.36
C VAL L 152 -32.07 -6.71 -14.67
N TYR L 153 -33.02 -7.57 -15.04
CA TYR L 153 -32.74 -9.00 -15.31
C TYR L 153 -32.98 -9.44 -16.76
N GLU L 154 -32.11 -10.30 -17.27
CA GLU L 154 -32.23 -10.79 -18.64
C GLU L 154 -33.13 -12.03 -18.72
C BCT M . 25.63 12.83 5.42
O1 BCT M . 25.31 13.19 6.55
O2 BCT M . 26.50 11.96 5.31
O3 BCT M . 25.07 13.34 4.30
C BCT N . 26.05 1.57 32.82
O1 BCT N . 26.63 1.20 33.86
O2 BCT N . 26.70 1.95 31.81
O3 BCT N . 24.73 1.54 32.79
C BCT O . -6.49 -25.70 1.28
O1 BCT O . -5.93 -25.46 2.38
O2 BCT O . -6.73 -26.87 0.91
O3 BCT O . -6.80 -24.70 0.47
C BCT P . 1.68 13.33 -5.07
O1 BCT P . 1.31 13.97 -6.07
O2 BCT P . 1.97 12.11 -5.17
O3 BCT P . 1.75 13.92 -3.87
C1 PEG Q . 3.44 17.51 -7.19
O1 PEG Q . 2.63 18.56 -7.78
C2 PEG Q . 4.80 17.37 -7.85
O2 PEG Q . 5.39 16.09 -7.55
C3 PEG Q . 6.43 15.75 -8.48
C4 PEG Q . 6.72 14.26 -8.40
O4 PEG Q . 8.04 13.99 -8.88
C BCT R . 14.70 -24.98 10.58
O1 BCT R . 15.65 -25.56 9.99
O2 BCT R . 14.71 -24.73 11.80
O3 BCT R . 13.63 -24.64 9.90
C BCT S . -51.05 12.58 1.00
O1 BCT S . -51.05 13.34 1.99
O2 BCT S . -51.06 11.33 1.14
O3 BCT S . -51.08 13.06 -0.24
#